data_9JO7
#
_entry.id   9JO7
#
_cell.length_a   1.00
_cell.length_b   1.00
_cell.length_c   1.00
_cell.angle_alpha   90.00
_cell.angle_beta   90.00
_cell.angle_gamma   90.00
#
_symmetry.space_group_name_H-M   'P 1'
#
loop_
_entity.id
_entity.type
_entity.pdbx_description
1 polymer 'C-reactive protein'
2 polymer 'CRP specific recognition heavy chain antibodie 4 (HCAb4)'
#
loop_
_entity_poly.entity_id
_entity_poly.type
_entity_poly.pdbx_seq_one_letter_code
_entity_poly.pdbx_strand_id
1 'polypeptide(L)'
;QTDMSRKAFVFPKESDTSYVSLKAPLTKPLKAFTVCLHFYTELSSTRGYSIFSYATKRQDNEILIFWSKDIGYSFTVGGS
EILFEVPEVTVAPVHICTSWESASGIVEFWVDGKPRVRKSLKKGYTVGAEASIILGQEQDSFGGNFEGSQSLVGDIGNVN
MWDFVLSPDEINTIYLGGPFSPNVLNWRALKYEVQGEVFTKPQLWP
;
A,B,D,F,H
2 'polypeptide(L)'
;MAEVQLVESGGGLVQAGESLRLSCAASTSIFDRLMGWYRQAPGKQRELAAFITPSGRTTYADSVKGRFTISRDNSVNTVY
LQMDSLKPEDTAIYFCYYRLNPDQNYWGQGTQVTVSS
;
J,C,E,G,I
#
# COMPACT_ATOMS: atom_id res chain seq x y z
N GLN A 1 -23.73 17.54 -43.39
CA GLN A 1 -23.00 16.77 -42.39
C GLN A 1 -21.61 17.30 -42.13
N THR A 2 -20.93 16.58 -41.18
CA THR A 2 -19.58 16.95 -40.79
C THR A 2 -18.82 15.74 -40.25
N ASP A 3 -17.49 15.79 -40.35
CA ASP A 3 -16.67 14.73 -39.80
C ASP A 3 -15.86 15.28 -38.65
N MET A 4 -16.02 14.69 -37.47
CA MET A 4 -15.33 15.13 -36.28
C MET A 4 -14.07 14.31 -35.99
N SER A 5 -13.62 13.48 -36.93
CA SER A 5 -12.48 12.61 -36.68
C SER A 5 -11.32 13.39 -36.08
N ARG A 6 -10.75 12.86 -35.00
CA ARG A 6 -9.64 13.50 -34.30
C ARG A 6 -10.03 14.88 -33.78
N LYS A 7 -11.29 15.07 -33.41
CA LYS A 7 -11.76 16.34 -32.85
C LYS A 7 -12.78 16.04 -31.76
N ALA A 8 -12.94 17.00 -30.85
CA ALA A 8 -13.78 16.78 -29.69
C ALA A 8 -14.32 18.12 -29.18
N PHE A 9 -15.40 18.03 -28.41
CA PHE A 9 -16.05 19.18 -27.81
C PHE A 9 -15.47 19.44 -26.44
N VAL A 10 -15.30 20.72 -26.12
CA VAL A 10 -14.68 21.17 -24.88
C VAL A 10 -15.61 22.16 -24.19
N PHE A 11 -15.93 21.88 -22.92
CA PHE A 11 -16.61 22.80 -22.03
C PHE A 11 -15.62 23.23 -20.96
N PRO A 12 -15.10 24.46 -20.99
CA PRO A 12 -14.02 24.83 -20.08
C PRO A 12 -14.50 25.36 -18.73
N LYS A 13 -15.72 25.89 -18.68
CA LYS A 13 -16.22 26.56 -17.49
C LYS A 13 -17.54 25.95 -17.05
N GLU A 14 -17.75 25.95 -15.74
CA GLU A 14 -19.00 25.46 -15.16
C GLU A 14 -20.08 26.52 -15.38
N SER A 15 -21.15 26.12 -16.05
CA SER A 15 -22.23 27.03 -16.32
C SER A 15 -23.52 26.27 -16.52
N ASP A 16 -24.63 26.99 -16.61
CA ASP A 16 -25.93 26.40 -16.87
C ASP A 16 -26.52 26.86 -18.20
N THR A 17 -25.65 27.28 -19.13
CA THR A 17 -26.09 27.74 -20.44
C THR A 17 -25.36 27.10 -21.60
N SER A 18 -24.16 26.55 -21.40
CA SER A 18 -23.42 25.93 -22.49
C SER A 18 -23.87 24.49 -22.67
N TYR A 19 -24.10 24.09 -23.92
CA TYR A 19 -24.53 22.71 -24.19
C TYR A 19 -24.53 22.46 -25.69
N VAL A 20 -24.43 21.19 -26.05
CA VAL A 20 -24.46 20.78 -27.45
C VAL A 20 -25.67 19.87 -27.65
N SER A 21 -26.47 20.17 -28.67
CA SER A 21 -27.67 19.41 -28.99
C SER A 21 -27.44 18.62 -30.26
N LEU A 22 -27.74 17.33 -30.22
CA LEU A 22 -27.58 16.44 -31.35
C LEU A 22 -28.93 16.12 -31.96
N LYS A 23 -28.91 15.70 -33.23
CA LYS A 23 -30.11 15.33 -33.97
C LYS A 23 -29.90 13.98 -34.63
N ALA A 24 -30.95 13.17 -34.66
CA ALA A 24 -30.89 11.85 -35.25
C ALA A 24 -32.04 11.66 -36.22
N PRO A 25 -31.86 10.83 -37.25
CA PRO A 25 -32.94 10.58 -38.20
C PRO A 25 -33.88 9.48 -37.75
N LEU A 26 -33.79 9.12 -36.46
CA LEU A 26 -34.58 8.00 -35.95
C LEU A 26 -36.06 8.26 -36.16
N THR A 27 -36.78 7.21 -36.58
CA THR A 27 -38.22 7.31 -36.83
C THR A 27 -38.97 6.22 -36.09
N LYS A 28 -38.33 5.07 -35.90
CA LYS A 28 -38.99 3.94 -35.25
C LYS A 28 -38.64 3.87 -33.78
N PRO A 29 -39.60 3.58 -32.89
CA PRO A 29 -39.26 3.41 -31.48
C PRO A 29 -38.27 2.26 -31.29
N LEU A 30 -37.37 2.45 -30.33
CA LEU A 30 -36.33 1.46 -30.13
C LEU A 30 -36.67 0.32 -29.23
N LYS A 31 -36.26 -0.88 -29.62
CA LYS A 31 -36.41 -2.06 -28.78
C LYS A 31 -35.10 -2.51 -28.16
N ALA A 32 -33.98 -1.98 -28.62
CA ALA A 32 -32.66 -2.30 -28.10
C ALA A 32 -31.66 -1.36 -28.73
N PHE A 33 -30.61 -1.02 -27.99
CA PHE A 33 -29.65 -0.03 -28.47
C PHE A 33 -28.33 -0.22 -27.75
N THR A 34 -27.31 0.44 -28.28
CA THR A 34 -26.02 0.58 -27.62
C THR A 34 -25.46 1.95 -27.94
N VAL A 35 -24.64 2.47 -27.04
CA VAL A 35 -24.00 3.78 -27.21
C VAL A 35 -22.58 3.71 -26.66
N CYS A 36 -21.65 4.29 -27.40
CA CYS A 36 -20.25 4.33 -27.02
C CYS A 36 -19.76 5.77 -27.07
N LEU A 37 -18.79 6.09 -26.23
CA LEU A 37 -18.23 7.44 -26.26
C LEU A 37 -16.91 7.48 -25.51
N HIS A 38 -16.28 8.65 -25.54
CA HIS A 38 -15.01 8.84 -24.89
C HIS A 38 -15.07 10.20 -24.26
N PHE A 39 -14.61 10.33 -23.02
CA PHE A 39 -14.70 11.59 -22.31
C PHE A 39 -13.58 11.69 -21.28
N TYR A 40 -13.31 12.93 -20.86
CA TYR A 40 -12.19 13.22 -19.98
C TYR A 40 -12.54 14.42 -19.12
N THR A 41 -12.53 14.23 -17.81
CA THR A 41 -12.77 15.31 -16.85
C THR A 41 -12.24 14.86 -15.49
N GLU A 42 -12.17 15.81 -14.56
CA GLU A 42 -11.62 15.55 -13.23
C GLU A 42 -12.62 15.86 -12.12
N LEU A 43 -13.86 16.21 -12.45
CA LEU A 43 -14.86 16.50 -11.43
C LEU A 43 -15.29 15.25 -10.66
N SER A 44 -14.76 14.04 -11.24
CA SER A 44 -15.15 12.77 -10.63
C SER A 44 -15.09 12.80 -9.10
N SER A 45 -14.13 13.36 -8.52
CA SER A 45 -13.83 13.31 -7.11
C SER A 45 -14.48 14.45 -6.31
N THR A 46 -15.26 15.31 -6.95
CA THR A 46 -15.88 16.45 -6.29
C THR A 46 -17.40 16.35 -6.23
N ARG A 47 -18.05 16.16 -7.38
CA ARG A 47 -19.51 16.10 -7.42
C ARG A 47 -19.93 15.28 -8.62
N GLY A 48 -21.18 14.80 -8.58
CA GLY A 48 -21.71 14.03 -9.68
C GLY A 48 -22.01 14.89 -10.88
N TYR A 49 -22.25 14.23 -12.01
CA TYR A 49 -22.53 14.94 -13.25
C TYR A 49 -23.09 13.99 -14.29
N SER A 50 -23.81 14.56 -15.25
CA SER A 50 -24.35 13.76 -16.33
C SER A 50 -23.33 13.64 -17.45
N ILE A 51 -23.54 12.69 -18.34
CA ILE A 51 -22.64 12.45 -19.45
C ILE A 51 -23.35 12.55 -20.79
N PHE A 52 -24.59 12.05 -20.87
CA PHE A 52 -25.29 11.95 -22.15
C PHE A 52 -26.79 11.90 -21.84
N SER A 53 -27.51 12.98 -22.14
CA SER A 53 -28.91 13.10 -21.74
C SER A 53 -29.79 12.90 -22.96
N TYR A 54 -30.57 11.83 -22.96
CA TYR A 54 -31.52 11.52 -24.03
C TYR A 54 -32.91 11.60 -23.41
N ALA A 55 -33.62 12.70 -23.68
CA ALA A 55 -34.88 12.99 -23.03
C ALA A 55 -36.01 13.02 -24.05
N THR A 56 -37.21 12.65 -23.59
CA THR A 56 -38.41 12.69 -24.40
C THR A 56 -39.48 13.49 -23.66
N LYS A 57 -40.47 13.95 -24.42
CA LYS A 57 -41.49 14.83 -23.85
C LYS A 57 -42.16 14.19 -22.64
N ARG A 58 -42.30 12.86 -22.66
CA ARG A 58 -42.96 12.17 -21.56
C ARG A 58 -41.99 11.81 -20.46
N GLN A 59 -40.69 11.91 -20.73
CA GLN A 59 -39.68 11.49 -19.77
C GLN A 59 -38.41 12.33 -19.83
N ASP A 60 -38.09 13.11 -18.82
CA ASP A 60 -36.83 13.85 -18.84
C ASP A 60 -35.63 12.94 -18.76
N ASN A 61 -35.83 11.66 -18.40
CA ASN A 61 -34.73 10.74 -18.19
C ASN A 61 -34.99 9.43 -18.92
N GLU A 62 -35.34 9.52 -20.21
CA GLU A 62 -35.56 8.32 -21.00
C GLU A 62 -34.33 7.43 -20.99
N ILE A 63 -33.17 8.01 -21.27
CA ILE A 63 -31.89 7.32 -21.14
C ILE A 63 -30.91 8.30 -20.49
N LEU A 64 -30.18 7.87 -19.51
CA LEU A 64 -29.25 8.75 -18.84
C LEU A 64 -28.05 8.08 -18.24
N ILE A 65 -26.89 8.55 -18.57
CA ILE A 65 -25.61 8.10 -18.03
C ILE A 65 -25.15 9.16 -17.04
N PHE A 66 -24.92 8.76 -15.79
CA PHE A 66 -24.58 9.69 -14.73
C PHE A 66 -23.41 9.16 -13.93
N TRP A 67 -22.69 10.06 -13.28
CA TRP A 67 -21.64 9.71 -12.33
C TRP A 67 -21.99 10.30 -10.98
N SER A 68 -22.03 9.46 -9.96
CA SER A 68 -22.37 9.87 -8.60
C SER A 68 -21.14 9.69 -7.73
N LYS A 69 -20.72 10.77 -7.05
CA LYS A 69 -19.49 10.72 -6.27
C LYS A 69 -19.57 9.63 -5.21
N ASP A 70 -18.52 8.83 -5.09
CA ASP A 70 -18.48 7.76 -4.07
C ASP A 70 -19.44 6.62 -4.38
N ILE A 71 -20.19 6.72 -5.47
CA ILE A 71 -21.10 5.65 -5.88
C ILE A 71 -20.59 4.97 -7.15
N GLY A 72 -20.44 5.73 -8.23
CA GLY A 72 -19.97 5.18 -9.48
C GLY A 72 -20.82 5.59 -10.66
N TYR A 73 -21.03 4.67 -11.61
CA TYR A 73 -21.80 4.96 -12.80
C TYR A 73 -23.25 4.56 -12.57
N SER A 74 -24.17 5.43 -12.97
CA SER A 74 -25.59 5.15 -12.84
C SER A 74 -26.23 5.15 -14.23
N PHE A 75 -26.71 4.02 -14.67
CA PHE A 75 -27.35 3.86 -15.97
C PHE A 75 -28.85 3.81 -15.73
N THR A 76 -29.54 4.84 -16.22
CA THR A 76 -30.97 4.94 -15.99
C THR A 76 -31.79 4.88 -17.26
N VAL A 77 -32.90 4.13 -17.20
CA VAL A 77 -33.78 4.03 -18.34
C VAL A 77 -35.22 3.99 -17.84
N GLY A 78 -36.10 4.73 -18.52
CA GLY A 78 -37.50 4.77 -18.10
C GLY A 78 -37.69 5.29 -16.70
N GLY A 79 -36.76 6.09 -16.20
CA GLY A 79 -36.87 6.64 -14.87
C GLY A 79 -36.37 5.75 -13.76
N SER A 80 -35.73 4.63 -14.07
CA SER A 80 -35.22 3.70 -13.07
C SER A 80 -33.73 3.49 -13.30
N GLU A 81 -32.99 3.39 -12.21
CA GLU A 81 -31.55 3.29 -12.34
C GLU A 81 -30.93 1.99 -11.92
N ILE A 82 -29.73 1.77 -12.45
CA ILE A 82 -28.95 0.60 -12.10
C ILE A 82 -27.58 1.17 -11.78
N LEU A 83 -26.86 0.59 -10.83
CA LEU A 83 -25.59 1.14 -10.39
C LEU A 83 -24.44 0.18 -10.70
N PHE A 84 -23.31 0.75 -11.10
CA PHE A 84 -22.04 0.04 -11.22
C PHE A 84 -21.03 0.77 -10.36
N GLU A 85 -20.55 0.10 -9.32
CA GLU A 85 -19.69 0.75 -8.34
C GLU A 85 -18.27 0.90 -8.88
N VAL A 86 -17.52 1.78 -8.24
CA VAL A 86 -16.12 2.01 -8.54
C VAL A 86 -15.42 2.41 -7.25
N PRO A 87 -14.72 1.50 -6.58
CA PRO A 87 -14.14 1.85 -5.27
C PRO A 87 -13.23 3.07 -5.33
N GLU A 88 -12.46 3.21 -6.39
CA GLU A 88 -11.61 4.39 -6.57
C GLU A 88 -11.56 4.73 -8.05
N VAL A 89 -11.31 6.00 -8.35
CA VAL A 89 -11.38 6.52 -9.70
C VAL A 89 -9.99 7.02 -10.10
N THR A 90 -9.57 6.63 -11.30
CA THR A 90 -8.32 7.14 -11.86
C THR A 90 -8.57 8.46 -12.59
N VAL A 91 -7.48 9.15 -12.91
CA VAL A 91 -7.53 10.44 -13.57
C VAL A 91 -6.90 10.25 -14.95
N ALA A 92 -7.74 10.02 -15.95
CA ALA A 92 -7.29 9.87 -17.33
C ALA A 92 -8.53 9.74 -18.22
N PRO A 93 -8.38 9.98 -19.51
CA PRO A 93 -9.53 9.82 -20.42
C PRO A 93 -10.07 8.41 -20.36
N VAL A 94 -11.39 8.28 -20.46
CA VAL A 94 -12.05 6.99 -20.35
C VAL A 94 -13.03 6.82 -21.50
N HIS A 95 -13.07 5.61 -22.06
CA HIS A 95 -13.96 5.25 -23.14
C HIS A 95 -14.93 4.18 -22.64
N ILE A 96 -16.21 4.39 -22.91
CA ILE A 96 -17.22 3.47 -22.42
C ILE A 96 -18.17 3.02 -23.49
N CYS A 97 -18.86 1.93 -23.23
CA CYS A 97 -19.84 1.37 -24.16
C CYS A 97 -20.92 0.67 -23.35
N THR A 98 -22.17 1.12 -23.52
CA THR A 98 -23.29 0.51 -22.80
C THR A 98 -24.37 0.05 -23.76
N SER A 99 -25.00 -1.08 -23.47
CA SER A 99 -26.03 -1.65 -24.33
C SER A 99 -27.19 -2.15 -23.50
N TRP A 100 -28.39 -2.04 -24.07
CA TRP A 100 -29.62 -2.49 -23.43
C TRP A 100 -30.53 -3.13 -24.48
N GLU A 101 -31.36 -4.07 -24.02
CA GLU A 101 -32.28 -4.79 -24.89
C GLU A 101 -33.63 -4.92 -24.20
N SER A 102 -34.71 -4.66 -24.93
CA SER A 102 -36.03 -4.75 -24.33
C SER A 102 -36.53 -6.18 -24.26
N ALA A 103 -36.17 -7.02 -25.21
CA ALA A 103 -36.75 -8.36 -25.25
C ALA A 103 -36.49 -9.12 -23.96
N SER A 104 -35.27 -9.05 -23.44
CA SER A 104 -34.91 -9.77 -22.22
C SER A 104 -34.68 -8.87 -21.02
N GLY A 105 -34.24 -7.64 -21.23
CA GLY A 105 -33.97 -6.73 -20.14
C GLY A 105 -32.54 -6.72 -19.66
N ILE A 106 -31.64 -7.32 -20.52
CA ILE A 106 -30.24 -7.39 -20.13
C ILE A 106 -29.51 -6.09 -20.45
N VAL A 107 -28.55 -5.80 -19.44
CA VAL A 107 -27.73 -4.60 -19.55
C VAL A 107 -26.25 -4.97 -19.57
N GLU A 108 -25.50 -4.34 -20.59
CA GLU A 108 -24.06 -4.59 -20.63
C GLU A 108 -23.33 -3.27 -20.51
N PHE A 109 -22.30 -3.23 -19.70
CA PHE A 109 -21.48 -2.03 -19.62
C PHE A 109 -20.03 -2.41 -19.75
N TRP A 110 -19.28 -1.64 -20.46
CA TRP A 110 -17.87 -1.86 -20.76
C TRP A 110 -17.12 -0.57 -20.55
N VAL A 111 -16.05 -0.64 -19.76
CA VAL A 111 -15.14 0.49 -19.56
C VAL A 111 -13.73 0.02 -19.92
N ASP A 112 -13.09 0.71 -20.86
CA ASP A 112 -11.74 0.38 -21.27
C ASP A 112 -11.62 -1.09 -21.67
N GLY A 113 -12.64 -1.60 -22.34
CA GLY A 113 -12.60 -2.95 -22.86
C GLY A 113 -13.01 -4.01 -21.87
N LYS A 114 -12.76 -3.78 -20.59
CA LYS A 114 -13.10 -4.75 -19.56
C LYS A 114 -14.60 -4.76 -19.34
N PRO A 115 -15.29 -5.88 -19.52
CA PRO A 115 -16.74 -5.90 -19.29
C PRO A 115 -17.10 -6.02 -17.82
N ARG A 116 -18.31 -5.56 -17.50
CA ARG A 116 -18.88 -5.70 -16.17
C ARG A 116 -20.01 -6.72 -16.20
N VAL A 117 -20.29 -7.29 -15.01
CA VAL A 117 -21.33 -8.29 -14.92
C VAL A 117 -22.65 -7.74 -15.47
N ARG A 118 -23.43 -8.62 -16.08
CA ARG A 118 -24.71 -8.21 -16.65
C ARG A 118 -25.75 -8.02 -15.55
N LYS A 119 -26.82 -7.31 -15.89
CA LYS A 119 -27.90 -7.04 -14.95
C LYS A 119 -29.21 -6.88 -15.71
N SER A 120 -30.31 -6.94 -14.98
CA SER A 120 -31.64 -6.83 -15.54
C SER A 120 -32.25 -5.49 -15.17
N LEU A 121 -32.97 -4.89 -16.11
CA LEU A 121 -33.53 -3.56 -15.89
C LEU A 121 -34.66 -3.20 -16.86
N LYS A 122 -35.88 -3.03 -16.35
CA LYS A 122 -37.00 -2.57 -17.15
C LYS A 122 -37.25 -3.47 -18.36
N LYS A 123 -37.61 -4.72 -18.07
CA LYS A 123 -37.94 -5.67 -19.13
C LYS A 123 -39.27 -5.30 -19.78
N GLY A 124 -39.35 -5.50 -21.08
CA GLY A 124 -40.58 -5.29 -21.82
C GLY A 124 -40.90 -3.86 -22.18
N TYR A 125 -40.04 -2.91 -21.82
CA TYR A 125 -40.30 -1.51 -22.07
C TYR A 125 -39.99 -1.17 -23.54
N THR A 126 -40.43 0.01 -23.96
CA THR A 126 -40.08 0.58 -25.25
C THR A 126 -39.66 2.03 -25.05
N VAL A 127 -38.88 2.54 -26.00
CA VAL A 127 -38.30 3.87 -25.92
C VAL A 127 -38.90 4.73 -27.01
N GLY A 128 -39.31 5.95 -26.65
CA GLY A 128 -39.91 6.83 -27.63
C GLY A 128 -38.94 7.19 -28.74
N ALA A 129 -39.50 7.39 -29.94
CA ALA A 129 -38.68 7.66 -31.10
C ALA A 129 -38.20 9.11 -31.12
N GLU A 130 -39.13 10.06 -31.21
CA GLU A 130 -38.77 11.46 -31.17
C GLU A 130 -38.18 11.80 -29.79
N ALA A 131 -37.06 12.50 -29.79
CA ALA A 131 -36.37 12.79 -28.54
C ALA A 131 -35.32 13.87 -28.80
N SER A 132 -34.80 14.42 -27.70
CA SER A 132 -33.75 15.42 -27.72
C SER A 132 -32.52 14.85 -27.01
N ILE A 133 -31.36 14.96 -27.67
CA ILE A 133 -30.10 14.44 -27.15
C ILE A 133 -29.18 15.62 -26.87
N ILE A 134 -28.62 15.65 -25.67
CA ILE A 134 -27.82 16.78 -25.21
C ILE A 134 -26.55 16.27 -24.54
N LEU A 135 -25.46 16.98 -24.78
CA LEU A 135 -24.19 16.79 -24.08
C LEU A 135 -23.84 18.09 -23.37
N GLY A 136 -23.46 17.96 -22.09
CA GLY A 136 -23.05 19.08 -21.27
C GLY A 136 -23.95 19.35 -20.09
N GLN A 137 -25.26 19.31 -20.29
CA GLN A 137 -26.24 19.63 -19.26
C GLN A 137 -27.23 18.50 -19.13
N GLU A 138 -27.63 18.27 -17.82
CA GLU A 138 -28.65 17.28 -17.55
C GLU A 138 -29.99 17.88 -17.93
N GLN A 139 -30.96 16.99 -18.27
CA GLN A 139 -32.29 17.45 -18.64
C GLN A 139 -33.29 17.08 -17.56
N ASP A 140 -34.01 18.08 -17.06
CA ASP A 140 -35.18 17.86 -16.22
C ASP A 140 -36.47 18.29 -16.93
N SER A 141 -36.36 18.75 -18.17
CA SER A 141 -37.51 19.02 -19.02
C SER A 141 -37.07 18.78 -20.45
N PHE A 142 -38.00 18.96 -21.40
CA PHE A 142 -37.72 18.66 -22.80
C PHE A 142 -36.83 19.77 -23.36
N GLY A 143 -35.53 19.60 -23.18
CA GLY A 143 -34.57 20.56 -23.69
C GLY A 143 -34.47 21.83 -22.89
N GLY A 144 -34.61 21.77 -21.57
CA GLY A 144 -34.53 22.96 -20.76
C GLY A 144 -34.47 22.60 -19.29
N ASN A 145 -34.44 23.61 -18.43
CA ASN A 145 -34.36 23.38 -16.99
C ASN A 145 -33.08 22.66 -16.65
N PHE A 146 -31.94 23.28 -16.97
CA PHE A 146 -30.67 22.67 -16.61
C PHE A 146 -30.26 23.09 -15.20
N GLU A 147 -29.38 22.30 -14.59
CA GLU A 147 -28.88 22.55 -13.25
C GLU A 147 -27.37 22.71 -13.31
N GLY A 148 -26.87 23.81 -12.76
CA GLY A 148 -25.43 24.04 -12.76
C GLY A 148 -24.68 22.92 -12.05
N SER A 149 -25.23 22.42 -10.95
CA SER A 149 -24.56 21.37 -10.18
C SER A 149 -24.56 20.03 -10.88
N GLN A 150 -25.31 19.91 -11.97
CA GLN A 150 -25.32 18.70 -12.77
C GLN A 150 -24.61 18.87 -14.11
N SER A 151 -23.94 20.00 -14.33
CA SER A 151 -23.27 20.23 -15.59
C SER A 151 -21.96 19.44 -15.65
N LEU A 152 -21.34 19.47 -16.84
CA LEU A 152 -20.10 18.76 -17.09
C LEU A 152 -19.04 19.76 -17.56
N VAL A 153 -17.81 19.59 -17.06
CA VAL A 153 -16.68 20.42 -17.44
C VAL A 153 -15.57 19.48 -17.90
N GLY A 154 -15.13 19.65 -19.14
CA GLY A 154 -14.08 18.79 -19.67
C GLY A 154 -14.29 18.56 -21.17
N ASP A 155 -13.74 17.44 -21.64
CA ASP A 155 -13.82 17.11 -23.05
C ASP A 155 -14.68 15.89 -23.30
N ILE A 156 -15.29 15.83 -24.46
CA ILE A 156 -16.14 14.71 -24.84
C ILE A 156 -16.03 14.50 -26.36
N GLY A 157 -16.20 13.27 -26.79
CA GLY A 157 -16.13 12.98 -28.21
C GLY A 157 -16.39 11.52 -28.51
N ASN A 158 -16.29 11.20 -29.80
CA ASN A 158 -16.45 9.84 -30.29
C ASN A 158 -17.78 9.24 -29.86
N VAL A 159 -18.83 10.21 -30.02
CA VAL A 159 -20.20 9.84 -29.67
C VAL A 159 -20.88 9.01 -30.75
N ASN A 160 -21.28 7.69 -30.36
CA ASN A 160 -21.92 6.89 -31.39
C ASN A 160 -22.93 5.95 -30.73
N MET A 161 -23.97 5.62 -31.48
CA MET A 161 -24.95 4.68 -30.97
C MET A 161 -25.70 3.95 -32.07
N TRP A 162 -25.75 2.63 -31.96
CA TRP A 162 -26.48 1.78 -32.88
C TRP A 162 -27.91 1.59 -32.35
N ASP A 163 -28.66 0.65 -32.90
CA ASP A 163 -29.99 0.34 -32.36
C ASP A 163 -30.13 -1.17 -32.23
N PHE A 164 -29.03 -1.85 -31.93
CA PHE A 164 -29.05 -3.28 -31.67
C PHE A 164 -27.81 -3.66 -30.88
N VAL A 165 -27.96 -4.63 -29.98
CA VAL A 165 -26.84 -5.03 -29.13
C VAL A 165 -25.69 -5.52 -29.99
N LEU A 166 -24.47 -5.18 -29.56
CA LEU A 166 -23.28 -5.61 -30.27
C LEU A 166 -22.62 -6.76 -29.54
N SER A 167 -22.06 -7.71 -30.29
CA SER A 167 -21.35 -8.83 -29.70
C SER A 167 -20.02 -8.37 -29.11
N PRO A 168 -19.49 -9.13 -28.14
CA PRO A 168 -18.26 -8.67 -27.52
C PRO A 168 -17.19 -8.44 -28.57
N ASP A 169 -17.16 -9.29 -29.60
CA ASP A 169 -16.19 -9.13 -30.67
C ASP A 169 -16.23 -7.71 -31.15
N GLU A 170 -17.31 -7.19 -31.46
CA GLU A 170 -17.56 -5.89 -32.05
C GLU A 170 -17.17 -4.77 -31.09
N ILE A 171 -17.47 -4.93 -29.81
CA ILE A 171 -17.07 -3.93 -28.82
C ILE A 171 -15.56 -3.82 -28.76
N ASN A 172 -14.86 -4.95 -28.79
CA ASN A 172 -13.40 -4.92 -28.79
C ASN A 172 -12.87 -4.20 -30.03
N THR A 173 -13.53 -4.41 -31.16
CA THR A 173 -13.08 -3.77 -32.39
C THR A 173 -13.27 -2.27 -32.24
N ILE A 174 -14.41 -1.86 -31.72
CA ILE A 174 -14.65 -0.44 -31.50
C ILE A 174 -13.57 0.16 -30.61
N TYR A 175 -13.18 -0.41 -29.58
CA TYR A 175 -12.15 0.13 -28.71
C TYR A 175 -10.82 0.21 -29.43
N LEU A 176 -10.51 -0.90 -30.25
CA LEU A 176 -9.27 -0.83 -31.00
C LEU A 176 -9.27 0.26 -32.06
N GLY A 177 -10.42 0.83 -32.37
CA GLY A 177 -10.50 1.91 -33.35
C GLY A 177 -10.63 1.48 -34.78
N GLY A 178 -10.96 0.21 -35.05
CA GLY A 178 -11.15 -0.26 -36.39
C GLY A 178 -12.32 0.44 -37.06
N PRO A 179 -12.70 -0.04 -38.24
CA PRO A 179 -13.86 0.54 -38.93
C PRO A 179 -15.17 0.04 -38.34
N PHE A 180 -16.19 0.90 -38.46
CA PHE A 180 -17.52 0.54 -38.01
C PHE A 180 -18.55 1.37 -38.76
N SER A 181 -19.82 0.97 -38.70
CA SER A 181 -20.92 1.63 -39.41
C SER A 181 -22.02 1.95 -38.41
N PRO A 182 -21.91 3.06 -37.69
CA PRO A 182 -22.99 3.45 -36.77
C PRO A 182 -24.30 3.68 -37.53
N ASN A 183 -25.41 3.44 -36.83
CA ASN A 183 -26.73 3.46 -37.44
C ASN A 183 -27.54 4.69 -37.06
N VAL A 184 -27.61 5.02 -35.79
CA VAL A 184 -28.46 6.11 -35.31
C VAL A 184 -27.68 7.42 -35.18
N LEU A 185 -26.49 7.37 -34.59
CA LEU A 185 -25.64 8.54 -34.45
C LEU A 185 -24.25 8.18 -34.94
N ASN A 186 -23.79 8.88 -35.96
CA ASN A 186 -22.49 8.64 -36.59
C ASN A 186 -21.56 9.80 -36.28
N TRP A 187 -20.51 9.54 -35.51
CA TRP A 187 -19.55 10.59 -35.21
C TRP A 187 -18.90 11.14 -36.48
N ARG A 188 -18.88 10.34 -37.56
CA ARG A 188 -18.26 10.75 -38.80
C ARG A 188 -19.20 11.51 -39.72
N ALA A 189 -20.51 11.42 -39.49
CA ALA A 189 -21.53 12.09 -40.31
C ALA A 189 -22.56 12.75 -39.41
N LEU A 190 -22.09 13.51 -38.43
CA LEU A 190 -22.93 13.99 -37.35
C LEU A 190 -23.50 15.37 -37.64
N LYS A 191 -24.64 15.67 -37.00
CA LYS A 191 -25.28 16.97 -37.03
C LYS A 191 -25.39 17.49 -35.60
N TYR A 192 -25.14 18.79 -35.42
CA TYR A 192 -25.12 19.34 -34.07
C TYR A 192 -25.40 20.82 -34.08
N GLU A 193 -26.02 21.30 -33.00
CA GLU A 193 -26.10 22.71 -32.68
C GLU A 193 -25.40 22.95 -31.36
N VAL A 194 -24.91 24.17 -31.16
CA VAL A 194 -24.17 24.52 -29.96
C VAL A 194 -24.79 25.77 -29.34
N GLN A 195 -24.63 25.90 -28.02
CA GLN A 195 -25.08 27.07 -27.30
C GLN A 195 -24.09 27.36 -26.19
N GLY A 196 -23.86 28.65 -25.94
CA GLY A 196 -22.94 29.04 -24.88
C GLY A 196 -21.49 28.88 -25.29
N GLU A 197 -20.62 28.81 -24.28
CA GLU A 197 -19.18 28.68 -24.50
C GLU A 197 -18.84 27.20 -24.63
N VAL A 198 -18.78 26.73 -25.87
CA VAL A 198 -18.35 25.37 -26.18
C VAL A 198 -17.40 25.47 -27.38
N PHE A 199 -16.32 24.70 -27.34
CA PHE A 199 -15.29 24.81 -28.36
C PHE A 199 -15.01 23.45 -28.98
N THR A 200 -14.45 23.48 -30.19
CA THR A 200 -14.04 22.28 -30.92
C THR A 200 -12.52 22.28 -31.02
N LYS A 201 -11.90 21.23 -30.54
CA LYS A 201 -10.44 21.17 -30.48
C LYS A 201 -9.96 19.75 -30.76
N PRO A 202 -8.71 19.59 -31.19
CA PRO A 202 -8.17 18.24 -31.37
C PRO A 202 -8.22 17.45 -30.08
N GLN A 203 -8.54 16.16 -30.21
CA GLN A 203 -8.68 15.30 -29.04
C GLN A 203 -7.33 15.06 -28.39
N LEU A 204 -7.48 14.84 -26.99
CA LEU A 204 -6.29 14.56 -26.19
C LEU A 204 -5.92 13.09 -26.28
N TRP A 205 -6.81 12.22 -26.11
CA TRP A 205 -6.56 10.78 -26.01
C TRP A 205 -6.10 10.24 -27.36
N PRO A 206 -5.31 9.16 -27.36
CA PRO A 206 -4.82 8.56 -28.61
C PRO A 206 -5.93 8.30 -29.61
N GLU B 3 -45.26 1.56 -6.27
CA GLU B 3 -44.87 2.46 -5.19
C GLU B 3 -44.25 1.69 -4.04
N VAL B 4 -43.31 2.32 -3.36
CA VAL B 4 -42.63 1.68 -2.23
C VAL B 4 -43.25 2.18 -0.93
N GLN B 5 -43.81 1.26 -0.15
CA GLN B 5 -44.46 1.59 1.11
C GLN B 5 -43.39 1.67 2.20
N LEU B 6 -42.70 2.72 2.31
CA LEU B 6 -41.67 2.84 3.34
C LEU B 6 -42.32 3.03 4.69
N VAL B 7 -41.76 2.38 5.70
CA VAL B 7 -42.30 2.49 7.05
C VAL B 7 -41.14 2.51 8.04
N GLU B 8 -40.93 3.65 8.68
CA GLU B 8 -39.81 3.77 9.62
C GLU B 8 -40.31 3.74 11.05
N SER B 9 -39.51 3.75 12.01
CA SER B 9 -39.78 3.53 13.42
C SER B 9 -38.47 3.68 14.18
N GLY B 10 -38.60 3.80 15.51
CA GLY B 10 -37.45 3.90 16.38
C GLY B 10 -37.04 5.32 16.70
N GLY B 11 -37.98 6.12 17.20
CA GLY B 11 -37.68 7.49 17.57
C GLY B 11 -38.53 7.92 18.75
N GLY B 12 -38.06 8.99 19.41
CA GLY B 12 -38.77 9.52 20.55
C GLY B 12 -37.99 10.54 21.35
N LEU B 13 -38.03 10.43 22.67
CA LEU B 13 -37.34 11.37 23.55
C LEU B 13 -36.14 10.73 24.22
N VAL B 14 -35.00 11.37 24.14
CA VAL B 14 -33.76 10.86 24.73
C VAL B 14 -32.93 12.04 25.21
N GLN B 15 -32.06 11.74 26.22
CA GLN B 15 -31.17 12.80 26.67
C GLN B 15 -29.85 12.77 25.95
N ALA B 16 -28.99 13.74 26.28
CA ALA B 16 -27.66 13.79 25.68
C ALA B 16 -26.78 12.69 26.26
N GLY B 17 -25.99 12.07 25.38
CA GLY B 17 -25.10 11.01 25.81
C GLY B 17 -25.64 9.61 25.69
N GLU B 18 -26.74 9.44 24.97
CA GLU B 18 -27.36 8.13 24.75
C GLU B 18 -27.15 7.68 23.31
N SER B 19 -27.76 6.56 22.96
CA SER B 19 -27.74 6.04 21.60
C SER B 19 -29.10 5.48 21.27
N LEU B 20 -29.45 5.52 19.98
CA LEU B 20 -30.73 5.02 19.51
C LEU B 20 -30.52 4.26 18.21
N ARG B 21 -31.19 3.12 18.06
CA ARG B 21 -31.12 2.35 16.82
C ARG B 21 -32.46 2.35 16.13
N LEU B 22 -32.68 3.36 15.28
CA LEU B 22 -33.93 3.43 14.55
C LEU B 22 -33.87 2.47 13.37
N SER B 23 -34.99 2.34 12.67
CA SER B 23 -35.03 1.43 11.53
C SER B 23 -36.16 1.82 10.61
N CYS B 24 -36.11 1.26 9.40
CA CYS B 24 -37.17 1.41 8.42
C CYS B 24 -37.24 0.16 7.56
N ALA B 25 -38.42 -0.07 7.00
CA ALA B 25 -38.67 -1.24 6.17
C ALA B 25 -39.47 -0.81 4.94
N ALA B 26 -39.37 -1.62 3.89
CA ALA B 26 -40.04 -1.34 2.63
C ALA B 26 -40.83 -2.57 2.19
N SER B 27 -41.87 -2.33 1.39
CA SER B 27 -42.73 -3.38 0.88
C SER B 27 -42.21 -3.99 -0.42
N THR B 28 -40.91 -3.85 -0.70
CA THR B 28 -40.34 -4.39 -1.92
C THR B 28 -38.88 -4.72 -1.68
N SER B 29 -38.33 -5.58 -2.52
CA SER B 29 -36.95 -5.99 -2.38
C SER B 29 -36.03 -4.79 -2.50
N ILE B 30 -35.05 -4.71 -1.61
CA ILE B 30 -34.06 -3.65 -1.61
C ILE B 30 -32.70 -4.16 -2.09
N PHE B 31 -32.69 -5.25 -2.85
CA PHE B 31 -31.45 -5.87 -3.27
C PHE B 31 -30.61 -4.96 -4.16
N ASP B 32 -31.18 -3.93 -4.74
CA ASP B 32 -30.43 -3.08 -5.66
C ASP B 32 -30.42 -1.58 -5.29
N ARG B 33 -31.55 -1.08 -4.80
CA ARG B 33 -31.63 0.32 -4.40
C ARG B 33 -30.84 0.57 -3.13
N LEU B 34 -30.33 1.80 -3.01
CA LEU B 34 -29.56 2.17 -1.83
C LEU B 34 -30.43 3.00 -0.89
N MET B 35 -30.08 2.98 0.39
CA MET B 35 -30.86 3.70 1.39
C MET B 35 -30.03 4.74 2.11
N GLY B 36 -30.67 5.80 2.58
CA GLY B 36 -30.00 6.89 3.27
C GLY B 36 -30.93 7.54 4.26
N TRP B 37 -30.44 8.60 4.90
CA TRP B 37 -31.21 9.33 5.90
C TRP B 37 -31.00 10.82 5.72
N TYR B 38 -32.07 11.58 5.93
CA TYR B 38 -32.03 13.03 5.87
C TYR B 38 -32.56 13.62 7.18
N ARG B 39 -31.93 14.59 7.69
CA ARG B 39 -32.40 15.24 8.89
C ARG B 39 -32.63 16.68 8.52
N GLN B 40 -33.51 17.33 9.19
CA GLN B 40 -33.89 18.72 8.95
C GLN B 40 -33.99 19.39 10.31
N ALA B 41 -33.08 20.34 10.57
CA ALA B 41 -33.11 21.13 11.80
C ALA B 41 -34.13 22.26 11.67
N PRO B 42 -34.66 22.75 12.80
CA PRO B 42 -35.67 23.81 12.73
C PRO B 42 -35.15 25.05 12.03
N GLY B 43 -35.69 25.34 10.85
CA GLY B 43 -35.29 26.53 10.12
C GLY B 43 -34.46 26.30 8.86
N LYS B 44 -33.79 25.15 8.78
CA LYS B 44 -32.95 24.85 7.63
C LYS B 44 -33.58 23.76 6.79
N GLN B 45 -32.90 23.32 5.76
CA GLN B 45 -33.53 22.34 4.87
C GLN B 45 -33.24 20.90 5.26
N ARG B 46 -33.41 19.99 4.31
CA ARG B 46 -33.11 18.57 4.54
C ARG B 46 -31.65 18.33 4.19
N GLU B 47 -30.90 17.87 5.18
CA GLU B 47 -29.48 17.61 4.96
C GLU B 47 -29.19 16.12 5.03
N LEU B 48 -28.26 15.68 4.20
CA LEU B 48 -27.88 14.27 4.20
C LEU B 48 -27.15 13.89 5.46
N ALA B 49 -27.41 12.68 5.93
CA ALA B 49 -26.71 12.18 7.10
C ALA B 49 -25.83 10.98 6.77
N ALA B 50 -26.37 9.96 6.13
CA ALA B 50 -25.60 8.79 5.76
C ALA B 50 -26.46 7.89 4.88
N PHE B 51 -25.78 7.07 4.08
CA PHE B 51 -26.47 6.14 3.20
C PHE B 51 -25.58 4.93 2.92
N ILE B 52 -26.10 3.88 2.46
CA ILE B 52 -25.31 2.71 2.16
C ILE B 52 -25.70 2.17 0.80
N THR B 53 -24.71 1.81 0.00
CA THR B 53 -24.97 1.31 -1.35
C THR B 53 -25.40 -0.14 -1.34
N PRO B 54 -25.96 -0.61 -2.46
CA PRO B 54 -26.33 -2.03 -2.54
C PRO B 54 -25.14 -2.97 -2.36
N SER B 55 -23.98 -2.57 -2.87
CA SER B 55 -22.78 -3.38 -2.72
C SER B 55 -22.37 -3.52 -1.25
N GLY B 56 -22.52 -2.44 -0.49
CA GLY B 56 -22.16 -2.46 0.91
C GLY B 56 -21.38 -1.22 1.33
N ARG B 57 -20.88 -0.47 0.35
CA ARG B 57 -20.14 0.74 0.65
C ARG B 57 -21.03 1.74 1.39
N THR B 58 -20.44 2.43 2.35
CA THR B 58 -21.18 3.33 3.22
C THR B 58 -20.64 4.74 3.10
N THR B 59 -21.51 5.71 3.27
CA THR B 59 -21.11 7.11 3.23
C THR B 59 -21.76 7.78 4.42
N TYR B 60 -21.09 8.66 5.09
CA TYR B 60 -21.56 9.33 6.29
C TYR B 60 -21.36 10.83 6.17
N ALA B 61 -22.28 11.58 6.76
CA ALA B 61 -22.13 13.03 6.82
C ALA B 61 -20.93 13.40 7.68
N ASP B 62 -20.28 14.52 7.34
CA ASP B 62 -19.05 14.90 8.01
C ASP B 62 -19.29 15.15 9.50
N SER B 63 -20.39 15.83 9.85
CA SER B 63 -20.61 16.20 11.24
C SER B 63 -20.75 14.97 12.13
N VAL B 64 -21.49 13.95 11.67
CA VAL B 64 -21.76 12.77 12.47
C VAL B 64 -20.70 11.71 12.22
N LYS B 65 -19.61 12.10 11.55
CA LYS B 65 -18.55 11.16 11.22
C LYS B 65 -18.05 10.46 12.48
N GLY B 66 -17.92 9.14 12.39
CA GLY B 66 -17.44 8.36 13.51
C GLY B 66 -18.44 8.18 14.64
N ARG B 67 -19.68 8.60 14.46
CA ARG B 67 -20.70 8.50 15.49
C ARG B 67 -21.86 7.59 15.08
N PHE B 68 -22.45 7.83 13.93
CA PHE B 68 -23.58 7.04 13.46
C PHE B 68 -23.08 5.76 12.78
N THR B 69 -24.02 4.91 12.36
CA THR B 69 -23.68 3.70 11.64
C THR B 69 -24.92 3.10 10.99
N ILE B 70 -24.82 2.81 9.70
CA ILE B 70 -25.96 2.26 8.99
C ILE B 70 -25.77 0.78 8.66
N SER B 71 -26.86 0.06 8.48
CA SER B 71 -26.82 -1.36 8.18
C SER B 71 -28.05 -1.72 7.36
N ARG B 72 -27.93 -2.81 6.61
CA ARG B 72 -28.96 -3.23 5.67
C ARG B 72 -29.19 -4.73 5.79
N ASP B 73 -30.38 -5.18 5.42
CA ASP B 73 -30.68 -6.61 5.41
C ASP B 73 -31.64 -6.96 4.28
N ASN B 74 -31.13 -7.61 3.23
CA ASN B 74 -31.99 -7.99 2.12
C ASN B 74 -33.07 -8.95 2.60
N SER B 75 -32.81 -9.80 3.49
CA SER B 75 -33.67 -10.91 3.87
C SER B 75 -35.04 -10.43 4.30
N VAL B 76 -35.09 -9.35 5.07
CA VAL B 76 -36.34 -8.76 5.52
C VAL B 76 -36.64 -7.44 4.81
N ASN B 77 -35.72 -6.97 3.96
CA ASN B 77 -35.93 -5.72 3.22
C ASN B 77 -36.01 -4.53 4.17
N THR B 78 -35.03 -4.44 5.09
CA THR B 78 -35.07 -3.41 6.11
C THR B 78 -33.67 -2.84 6.35
N VAL B 79 -33.62 -1.54 6.64
CA VAL B 79 -32.38 -0.85 6.93
C VAL B 79 -32.47 -0.24 8.32
N TYR B 80 -31.17 -0.15 8.88
CA TYR B 80 -31.05 0.37 10.23
C TYR B 80 -30.00 1.43 10.40
N LEU B 81 -30.28 2.37 11.31
CA LEU B 81 -29.34 3.43 11.61
C LEU B 81 -29.19 3.60 13.12
N GLN B 82 -27.98 3.44 13.62
CA GLN B 82 -27.69 3.57 15.05
C GLN B 82 -26.85 4.81 15.26
N MET B 83 -27.35 5.71 16.11
CA MET B 83 -26.62 6.92 16.45
C MET B 83 -26.16 6.80 17.88
N ASP B 84 -24.88 7.07 18.11
CA ASP B 84 -24.33 6.99 19.43
C ASP B 84 -23.92 8.35 19.94
N SER B 85 -23.78 8.48 21.26
CA SER B 85 -23.37 9.75 21.85
C SER B 85 -24.21 10.88 21.28
N LEU B 86 -25.53 10.72 21.40
CA LEU B 86 -26.44 11.76 20.94
C LEU B 86 -26.21 13.06 21.67
N LYS B 87 -26.33 14.17 20.96
CA LYS B 87 -26.13 15.48 21.56
C LYS B 87 -27.29 16.39 21.16
N PRO B 88 -27.55 17.43 21.95
CA PRO B 88 -28.77 18.22 21.72
C PRO B 88 -28.85 18.85 20.34
N GLU B 89 -27.72 19.34 19.80
CA GLU B 89 -27.77 19.97 18.49
C GLU B 89 -28.16 18.98 17.40
N ASP B 90 -27.88 17.75 17.50
CA ASP B 90 -28.25 16.78 16.48
C ASP B 90 -29.76 16.60 16.44
N THR B 91 -30.45 17.01 17.55
CA THR B 91 -31.90 16.92 17.54
C THR B 91 -32.47 17.59 16.29
N ALA B 92 -33.35 16.87 15.58
CA ALA B 92 -33.97 17.40 14.38
C ALA B 92 -34.95 16.35 13.87
N ILE B 93 -35.70 16.72 12.83
CA ILE B 93 -36.63 15.80 12.19
C ILE B 93 -35.86 14.95 11.19
N TYR B 94 -35.98 13.64 11.32
CA TYR B 94 -35.23 12.70 10.48
C TYR B 94 -36.15 12.08 9.44
N PHE B 95 -35.72 12.08 8.19
CA PHE B 95 -36.49 11.56 7.08
C PHE B 95 -35.83 10.32 6.49
N CYS B 96 -36.66 9.41 5.98
CA CYS B 96 -36.18 8.21 5.34
C CYS B 96 -35.88 8.45 3.87
N TYR B 97 -35.07 7.57 3.30
CA TYR B 97 -34.66 7.76 1.93
C TYR B 97 -34.69 6.51 1.07
N TYR B 98 -35.24 6.63 -0.12
CA TYR B 98 -35.29 5.54 -1.09
C TYR B 98 -34.78 6.07 -2.42
N ARG B 99 -33.62 5.60 -2.86
CA ARG B 99 -33.01 6.14 -4.06
C ARG B 99 -33.85 5.81 -5.30
N LEU B 100 -33.80 6.71 -6.28
CA LEU B 100 -34.45 6.54 -7.55
C LEU B 100 -33.61 7.29 -8.58
N ASN B 101 -34.20 7.61 -9.74
CA ASN B 101 -33.49 8.40 -10.74
C ASN B 101 -32.81 9.56 -10.04
N PRO B 102 -31.71 10.05 -10.57
CA PRO B 102 -30.97 11.06 -9.81
C PRO B 102 -31.78 12.29 -9.48
N ASP B 103 -32.69 12.69 -10.37
CA ASP B 103 -33.55 13.83 -10.08
C ASP B 103 -34.49 13.54 -8.93
N GLN B 104 -35.07 12.34 -8.89
CA GLN B 104 -36.14 12.01 -7.95
C GLN B 104 -35.65 11.05 -6.87
N ASN B 105 -36.45 10.90 -5.81
CA ASN B 105 -36.13 10.01 -4.70
C ASN B 105 -37.34 9.93 -3.78
N TYR B 106 -37.59 8.73 -3.25
CA TYR B 106 -38.72 8.56 -2.35
C TYR B 106 -38.40 9.10 -0.98
N TRP B 107 -39.42 9.59 -0.30
CA TRP B 107 -39.25 10.10 1.05
C TRP B 107 -40.25 9.45 1.99
N GLY B 108 -39.86 9.30 3.25
CA GLY B 108 -40.73 8.78 4.28
C GLY B 108 -41.45 9.89 5.03
N GLN B 109 -42.25 9.50 6.01
CA GLN B 109 -42.99 10.48 6.77
C GLN B 109 -42.08 11.25 7.73
N GLY B 110 -40.93 10.67 8.05
CA GLY B 110 -40.03 11.30 9.00
C GLY B 110 -40.48 11.13 10.43
N THR B 111 -39.52 11.07 11.35
CA THR B 111 -39.84 10.92 12.77
C THR B 111 -38.99 11.89 13.59
N GLN B 112 -39.62 12.59 14.53
CA GLN B 112 -38.92 13.57 15.33
C GLN B 112 -38.08 12.89 16.41
N VAL B 113 -36.88 13.30 16.58
CA VAL B 113 -36.01 12.77 17.62
C VAL B 113 -35.46 13.99 18.35
N THR B 114 -35.89 14.27 19.52
CA THR B 114 -35.51 15.42 20.33
C THR B 114 -34.55 14.94 21.42
N VAL B 115 -33.28 15.31 21.29
CA VAL B 115 -32.28 14.96 22.30
C VAL B 115 -32.05 16.14 23.21
N SER B 116 -32.53 16.08 24.43
CA SER B 116 -32.37 17.14 25.41
C SER B 116 -31.00 17.03 26.07
N SER B 117 -30.80 17.77 27.16
CA SER B 117 -29.54 17.75 27.88
C SER B 117 -29.15 16.34 28.30
N GLN C 1 -28.27 -33.36 -29.01
CA GLN C 1 -27.21 -32.58 -28.38
C GLN C 1 -27.15 -31.15 -28.86
N THR C 2 -26.16 -30.41 -28.27
CA THR C 2 -25.95 -29.01 -28.61
C THR C 2 -24.52 -28.59 -28.35
N ASP C 3 -24.07 -27.56 -29.06
CA ASP C 3 -22.74 -27.03 -28.83
C ASP C 3 -22.85 -25.63 -28.27
N MET C 4 -22.29 -25.41 -27.09
CA MET C 4 -22.34 -24.12 -26.43
C MET C 4 -21.10 -23.27 -26.66
N SER C 5 -20.23 -23.67 -27.59
CA SER C 5 -18.97 -22.97 -27.79
C SER C 5 -19.22 -21.47 -27.92
N ARG C 6 -18.42 -20.68 -27.17
CA ARG C 6 -18.56 -19.23 -27.16
C ARG C 6 -19.94 -18.78 -26.70
N LYS C 7 -20.56 -19.55 -25.81
CA LYS C 7 -21.86 -19.18 -25.25
C LYS C 7 -21.90 -19.58 -23.78
N ALA C 8 -22.78 -18.93 -23.03
CA ALA C 8 -22.82 -19.12 -21.59
C ALA C 8 -24.21 -18.82 -21.06
N PHE C 9 -24.48 -19.36 -19.88
CA PHE C 9 -25.75 -19.16 -19.19
C PHE C 9 -25.68 -17.93 -18.29
N VAL C 10 -26.77 -17.17 -18.25
CA VAL C 10 -26.86 -15.93 -17.51
C VAL C 10 -28.07 -15.98 -16.60
N PHE C 11 -27.85 -15.73 -15.31
CA PHE C 11 -28.90 -15.51 -14.32
C PHE C 11 -28.84 -14.05 -13.90
N PRO C 12 -29.78 -13.20 -14.34
CA PRO C 12 -29.64 -11.76 -14.08
C PRO C 12 -30.22 -11.30 -12.75
N LYS C 13 -31.17 -12.06 -12.20
CA LYS C 13 -31.90 -11.64 -11.01
C LYS C 13 -31.80 -12.70 -9.93
N GLU C 14 -31.78 -12.25 -8.68
CA GLU C 14 -31.77 -13.14 -7.53
C GLU C 14 -33.17 -13.72 -7.34
N SER C 15 -33.25 -15.04 -7.39
CA SER C 15 -34.52 -15.71 -7.22
C SER C 15 -34.32 -17.11 -6.71
N ASP C 16 -35.41 -17.77 -6.34
CA ASP C 16 -35.38 -19.15 -5.89
C ASP C 16 -36.12 -20.09 -6.84
N THR C 17 -36.24 -19.70 -8.11
CA THR C 17 -36.93 -20.51 -9.11
C THR C 17 -36.15 -20.71 -10.39
N SER C 18 -35.17 -19.87 -10.70
CA SER C 18 -34.40 -20.02 -11.93
C SER C 18 -33.25 -20.99 -11.69
N TYR C 19 -33.05 -21.92 -12.62
CA TYR C 19 -31.97 -22.89 -12.49
C TYR C 19 -31.85 -23.70 -13.77
N VAL C 20 -30.66 -24.25 -13.98
CA VAL C 20 -30.39 -25.11 -15.13
C VAL C 20 -30.03 -26.50 -14.62
N SER C 21 -30.68 -27.51 -15.18
CA SER C 21 -30.45 -28.90 -14.80
C SER C 21 -29.73 -29.63 -15.92
N LEU C 22 -28.65 -30.31 -15.58
CA LEU C 22 -27.85 -31.05 -16.54
C LEU C 22 -28.11 -32.54 -16.39
N LYS C 23 -27.80 -33.28 -17.45
CA LYS C 23 -27.97 -34.73 -17.49
C LYS C 23 -26.69 -35.38 -18.00
N ALA C 24 -26.35 -36.52 -17.43
CA ALA C 24 -25.14 -37.24 -17.81
C ALA C 24 -25.47 -38.69 -18.10
N PRO C 25 -24.71 -39.34 -18.99
CA PRO C 25 -24.96 -40.76 -19.27
C PRO C 25 -24.28 -41.68 -18.30
N LEU C 26 -23.81 -41.14 -17.18
CA LEU C 26 -23.05 -41.92 -16.22
C LEU C 26 -23.86 -43.12 -15.74
N THR C 27 -23.20 -44.27 -15.65
CA THR C 27 -23.85 -45.50 -15.20
C THR C 27 -23.07 -46.15 -14.06
N LYS C 28 -21.76 -45.96 -14.04
CA LYS C 28 -20.91 -46.60 -13.03
C LYS C 28 -20.61 -45.63 -11.90
N PRO C 29 -20.65 -46.07 -10.65
CA PRO C 29 -20.26 -45.18 -9.54
C PRO C 29 -18.82 -44.72 -9.69
N LEU C 30 -18.57 -43.48 -9.30
CA LEU C 30 -17.25 -42.91 -9.49
C LEU C 30 -16.27 -43.16 -8.40
N LYS C 31 -15.04 -43.46 -8.78
CA LYS C 31 -13.95 -43.61 -7.83
C LYS C 31 -12.98 -42.43 -7.86
N ALA C 32 -13.09 -41.57 -8.85
CA ALA C 32 -12.24 -40.38 -8.96
C ALA C 32 -12.79 -39.55 -10.11
N PHE C 33 -12.65 -38.23 -9.99
CA PHE C 33 -13.22 -37.33 -10.99
C PHE C 33 -12.51 -36.00 -10.95
N THR C 34 -12.76 -35.20 -11.98
CA THR C 34 -12.36 -33.80 -12.02
C THR C 34 -13.44 -33.01 -12.74
N VAL C 35 -13.54 -31.73 -12.39
CA VAL C 35 -14.51 -30.82 -13.00
C VAL C 35 -13.87 -29.45 -13.18
N CYS C 36 -14.01 -28.87 -14.37
CA CYS C 36 -13.52 -27.50 -14.61
C CYS C 36 -14.70 -26.66 -15.06
N LEU C 37 -14.60 -25.35 -14.89
CA LEU C 37 -15.64 -24.43 -15.35
C LEU C 37 -15.13 -23.00 -15.31
N HIS C 38 -15.97 -22.09 -15.78
CA HIS C 38 -15.61 -20.69 -15.83
C HIS C 38 -16.84 -19.95 -15.42
N PHE C 39 -16.70 -18.93 -14.57
CA PHE C 39 -17.85 -18.20 -14.06
C PHE C 39 -17.45 -16.78 -13.70
N TYR C 40 -18.45 -15.92 -13.61
CA TYR C 40 -18.24 -14.49 -13.40
C TYR C 40 -19.42 -13.91 -12.63
N THR C 41 -19.14 -13.35 -11.47
CA THR C 41 -20.15 -12.69 -10.66
C THR C 41 -19.45 -11.78 -9.67
N GLU C 42 -20.23 -10.93 -9.00
CA GLU C 42 -19.69 -9.95 -8.06
C GLU C 42 -20.27 -10.09 -6.66
N LEU C 43 -21.09 -11.11 -6.42
CA LEU C 43 -21.66 -11.32 -5.09
C LEU C 43 -20.63 -11.75 -4.07
N SER C 44 -19.34 -12.05 -4.66
CA SER C 44 -18.28 -12.53 -3.79
C SER C 44 -18.17 -11.74 -2.48
N SER C 45 -18.30 -10.50 -2.50
CA SER C 45 -18.03 -9.58 -1.40
C SER C 45 -19.26 -9.31 -0.54
N THR C 46 -20.39 -9.93 -0.84
CA THR C 46 -21.63 -9.69 -0.11
C THR C 46 -22.11 -10.91 0.67
N ARG C 47 -22.27 -12.05 -0.01
CA ARG C 47 -22.77 -13.25 0.65
C ARG C 47 -22.26 -14.47 -0.10
N GLY C 48 -22.29 -15.61 0.58
CA GLY C 48 -21.86 -16.85 -0.03
C GLY C 48 -22.86 -17.35 -1.06
N TYR C 49 -22.41 -18.33 -1.84
CA TYR C 49 -23.26 -18.87 -2.89
C TYR C 49 -22.67 -20.17 -3.41
N SER C 50 -23.54 -21.00 -3.99
CA SER C 50 -23.08 -22.24 -4.57
C SER C 50 -22.67 -22.01 -6.02
N ILE C 51 -21.93 -22.94 -6.58
CA ILE C 51 -21.44 -22.86 -7.95
C ILE C 51 -21.90 -24.03 -8.80
N PHE C 52 -21.92 -25.24 -8.23
CA PHE C 52 -22.19 -26.45 -9.00
C PHE C 52 -22.68 -27.51 -8.03
N SER C 53 -23.97 -27.84 -8.08
CA SER C 53 -24.58 -28.71 -7.10
C SER C 53 -24.83 -30.08 -7.73
N TYR C 54 -24.13 -31.09 -7.23
CA TYR C 54 -24.28 -32.47 -7.68
C TYR C 54 -24.84 -33.26 -6.49
N ALA C 55 -26.14 -33.55 -6.53
CA ALA C 55 -26.84 -34.14 -5.40
C ALA C 55 -27.37 -35.53 -5.77
N THR C 56 -27.44 -36.39 -4.77
CA THR C 56 -28.00 -37.72 -4.92
C THR C 56 -29.09 -37.94 -3.86
N LYS C 57 -29.94 -38.92 -4.12
CA LYS C 57 -31.09 -39.13 -3.25
C LYS C 57 -30.67 -39.33 -1.80
N ARG C 58 -29.51 -39.93 -1.59
CA ARG C 58 -29.04 -40.19 -0.23
C ARG C 58 -28.25 -39.01 0.33
N GLN C 59 -27.88 -38.06 -0.54
CA GLN C 59 -27.05 -36.95 -0.11
C GLN C 59 -27.34 -35.66 -0.88
N ASP C 60 -27.86 -34.64 -0.23
CA ASP C 60 -28.08 -33.37 -0.94
C ASP C 60 -26.76 -32.71 -1.32
N ASN C 61 -25.65 -33.16 -0.75
CA ASN C 61 -24.35 -32.52 -0.97
C ASN C 61 -23.30 -33.56 -1.32
N GLU C 62 -23.62 -34.42 -2.29
CA GLU C 62 -22.65 -35.42 -2.72
C GLU C 62 -21.36 -34.75 -3.18
N ILE C 63 -21.48 -33.74 -4.04
CA ILE C 63 -20.35 -32.91 -4.45
C ILE C 63 -20.83 -31.47 -4.46
N LEU C 64 -20.08 -30.58 -3.89
CA LEU C 64 -20.50 -29.18 -3.84
C LEU C 64 -19.36 -28.18 -3.81
N ILE C 65 -19.40 -27.24 -4.70
CA ILE C 65 -18.46 -26.13 -4.77
C ILE C 65 -19.19 -24.90 -4.25
N PHE C 66 -18.64 -24.26 -3.22
CA PHE C 66 -19.30 -23.15 -2.57
C PHE C 66 -18.30 -22.02 -2.34
N TRP C 67 -18.82 -20.81 -2.22
CA TRP C 67 -18.04 -19.64 -1.85
C TRP C 67 -18.62 -19.06 -0.58
N SER C 68 -17.79 -18.91 0.44
CA SER C 68 -18.19 -18.37 1.73
C SER C 68 -17.49 -17.04 1.95
N LYS C 69 -18.27 -15.99 2.20
CA LYS C 69 -17.72 -14.65 2.32
C LYS C 69 -16.67 -14.59 3.42
N ASP C 70 -15.52 -13.99 3.14
CA ASP C 70 -14.45 -13.87 4.14
C ASP C 70 -13.78 -15.20 4.46
N ILE C 71 -14.24 -16.28 3.84
CA ILE C 71 -13.62 -17.59 4.05
C ILE C 71 -12.89 -18.04 2.79
N GLY C 72 -13.61 -18.17 1.68
CA GLY C 72 -13.01 -18.60 0.43
C GLY C 72 -13.80 -19.69 -0.25
N TYR C 73 -13.10 -20.64 -0.87
CA TYR C 73 -13.74 -21.73 -1.58
C TYR C 73 -13.90 -22.92 -0.65
N SER C 74 -15.08 -23.53 -0.69
CA SER C 74 -15.36 -24.70 0.12
C SER C 74 -15.71 -25.87 -0.78
N PHE C 75 -14.87 -26.88 -0.81
CA PHE C 75 -15.06 -28.07 -1.62
C PHE C 75 -15.56 -29.17 -0.70
N THR C 76 -16.81 -29.59 -0.93
CA THR C 76 -17.43 -30.58 -0.08
C THR C 76 -17.78 -31.86 -0.79
N VAL C 77 -17.47 -33.00 -0.10
CA VAL C 77 -17.75 -34.30 -0.65
C VAL C 77 -18.27 -35.21 0.46
N GLY C 78 -19.36 -35.96 0.15
CA GLY C 78 -19.89 -36.86 1.16
C GLY C 78 -20.35 -36.16 2.41
N GLY C 79 -20.70 -34.88 2.31
CA GLY C 79 -21.15 -34.12 3.46
C GLY C 79 -20.07 -33.52 4.31
N SER C 80 -18.81 -33.57 3.87
CA SER C 80 -17.69 -33.02 4.62
C SER C 80 -16.95 -32.02 3.75
N GLU C 81 -16.50 -30.93 4.36
CA GLU C 81 -15.87 -29.90 3.60
C GLU C 81 -14.41 -29.67 3.83
N ILE C 82 -13.78 -29.03 2.83
CA ILE C 82 -12.38 -28.68 2.92
C ILE C 82 -12.37 -27.23 2.50
N LEU C 83 -11.48 -26.42 3.05
CA LEU C 83 -11.48 -24.99 2.77
C LEU C 83 -10.19 -24.57 2.08
N PHE C 84 -10.32 -23.65 1.12
CA PHE C 84 -9.19 -22.95 0.52
C PHE C 84 -9.41 -21.46 0.70
N GLU C 85 -8.54 -20.83 1.49
CA GLU C 85 -8.74 -19.43 1.85
C GLU C 85 -8.38 -18.50 0.69
N VAL C 86 -8.87 -17.27 0.79
CA VAL C 86 -8.57 -16.22 -0.17
C VAL C 86 -8.59 -14.90 0.58
N PRO C 87 -7.43 -14.35 0.96
CA PRO C 87 -7.45 -13.13 1.80
C PRO C 87 -8.22 -11.99 1.17
N GLU C 88 -8.14 -11.83 -0.15
CA GLU C 88 -8.91 -10.81 -0.85
C GLU C 88 -9.32 -11.36 -2.20
N VAL C 89 -10.41 -10.83 -2.74
CA VAL C 89 -11.01 -11.35 -3.96
C VAL C 89 -10.97 -10.26 -5.02
N THR C 90 -10.54 -10.63 -6.23
CA THR C 90 -10.58 -9.72 -7.37
C THR C 90 -11.94 -9.78 -8.05
N VAL C 91 -12.19 -8.82 -8.92
CA VAL C 91 -13.45 -8.71 -9.64
C VAL C 91 -13.14 -8.94 -11.11
N ALA C 92 -13.31 -10.17 -11.57
CA ALA C 92 -13.10 -10.53 -12.96
C ALA C 92 -13.51 -11.99 -13.15
N PRO C 93 -13.77 -12.41 -14.38
CA PRO C 93 -14.13 -13.82 -14.61
C PRO C 93 -13.01 -14.73 -14.14
N VAL C 94 -13.41 -15.88 -13.58
CA VAL C 94 -12.46 -16.83 -13.02
C VAL C 94 -12.76 -18.22 -13.55
N HIS C 95 -11.70 -18.96 -13.86
CA HIS C 95 -11.77 -20.33 -14.34
C HIS C 95 -11.12 -21.24 -13.31
N ILE C 96 -11.82 -22.32 -12.98
CA ILE C 96 -11.32 -23.22 -11.97
C ILE C 96 -11.34 -24.67 -12.39
N CYS C 97 -10.58 -25.50 -11.68
CA CYS C 97 -10.51 -26.92 -11.99
C CYS C 97 -10.22 -27.65 -10.70
N THR C 98 -11.10 -28.58 -10.31
CA THR C 98 -10.91 -29.34 -9.08
C THR C 98 -10.97 -30.83 -9.36
N SER C 99 -10.14 -31.60 -8.67
CA SER C 99 -10.07 -33.04 -8.86
C SER C 99 -10.00 -33.76 -7.53
N TRP C 100 -10.59 -34.95 -7.49
CA TRP C 100 -10.59 -35.79 -6.29
C TRP C 100 -10.42 -37.24 -6.69
N GLU C 101 -9.83 -38.03 -5.80
CA GLU C 101 -9.58 -39.44 -6.04
C GLU C 101 -9.92 -40.23 -4.79
N SER C 102 -10.62 -41.35 -4.93
CA SER C 102 -10.99 -42.15 -3.79
C SER C 102 -9.87 -43.04 -3.30
N ALA C 103 -9.02 -43.51 -4.20
CA ALA C 103 -8.01 -44.49 -3.80
C ALA C 103 -7.12 -43.94 -2.70
N SER C 104 -6.68 -42.69 -2.82
CA SER C 104 -5.79 -42.08 -1.84
C SER C 104 -6.45 -40.99 -1.01
N GLY C 105 -7.44 -40.29 -1.56
CA GLY C 105 -8.09 -39.22 -0.84
C GLY C 105 -7.53 -37.85 -1.09
N ILE C 106 -6.69 -37.76 -2.18
CA ILE C 106 -6.08 -36.48 -2.50
C ILE C 106 -7.02 -35.58 -3.28
N VAL C 107 -6.84 -34.22 -2.89
CA VAL C 107 -7.64 -33.18 -3.52
C VAL C 107 -6.76 -32.14 -4.19
N GLU C 108 -7.12 -31.80 -5.51
CA GLU C 108 -6.35 -30.77 -6.18
C GLU C 108 -7.28 -29.64 -6.58
N PHE C 109 -6.88 -28.42 -6.37
CA PHE C 109 -7.67 -27.29 -6.82
C PHE C 109 -6.77 -26.33 -7.56
N TRP C 110 -7.24 -25.80 -8.64
CA TRP C 110 -6.53 -24.91 -9.53
C TRP C 110 -7.42 -23.72 -9.86
N VAL C 111 -6.89 -22.51 -9.68
CA VAL C 111 -7.57 -21.29 -10.07
C VAL C 111 -6.63 -20.51 -10.98
N ASP C 112 -7.10 -20.20 -12.18
CA ASP C 112 -6.31 -19.43 -13.15
C ASP C 112 -4.93 -20.06 -13.36
N GLY C 113 -4.90 -21.39 -13.41
CA GLY C 113 -3.68 -22.10 -13.72
C GLY C 113 -2.78 -22.34 -12.52
N LYS C 114 -2.81 -21.44 -11.54
CA LYS C 114 -1.96 -21.58 -10.37
C LYS C 114 -2.52 -22.67 -9.47
N PRO C 115 -1.76 -23.71 -9.15
CA PRO C 115 -2.26 -24.77 -8.28
C PRO C 115 -2.18 -24.39 -6.81
N ARG C 116 -3.05 -25.03 -6.02
CA ARG C 116 -3.04 -24.90 -4.58
C ARG C 116 -2.54 -26.18 -3.94
N VAL C 117 -2.04 -26.05 -2.70
CA VAL C 117 -1.49 -27.20 -2.00
C VAL C 117 -2.54 -28.31 -1.93
N ARG C 118 -2.07 -29.55 -1.99
CA ARG C 118 -2.97 -30.70 -1.95
C ARG C 118 -3.46 -30.94 -0.52
N LYS C 119 -4.54 -31.69 -0.41
CA LYS C 119 -5.14 -31.99 0.89
C LYS C 119 -5.83 -33.35 0.81
N SER C 120 -6.14 -33.89 1.99
CA SER C 120 -6.79 -35.19 2.10
C SER C 120 -8.23 -35.01 2.55
N LEU C 121 -9.12 -35.82 1.99
CA LEU C 121 -10.54 -35.67 2.27
C LEU C 121 -11.38 -36.90 1.91
N LYS C 122 -11.95 -37.57 2.90
CA LYS C 122 -12.87 -38.69 2.67
C LYS C 122 -12.21 -39.79 1.84
N LYS C 123 -11.18 -40.39 2.43
CA LYS C 123 -10.50 -41.51 1.78
C LYS C 123 -11.40 -42.75 1.79
N GLY C 124 -11.34 -43.52 0.70
CA GLY C 124 -12.04 -44.78 0.61
C GLY C 124 -13.51 -44.68 0.28
N TYR C 125 -14.04 -43.47 0.07
CA TYR C 125 -15.45 -43.30 -0.22
C TYR C 125 -15.75 -43.62 -1.68
N THR C 126 -17.04 -43.74 -1.99
CA THR C 126 -17.52 -43.89 -3.35
C THR C 126 -18.68 -42.93 -3.56
N VAL C 127 -18.92 -42.57 -4.82
CA VAL C 127 -19.92 -41.58 -5.19
C VAL C 127 -21.03 -42.27 -5.97
N GLY C 128 -22.28 -41.98 -5.61
CA GLY C 128 -23.39 -42.61 -6.29
C GLY C 128 -23.43 -42.24 -7.76
N ALA C 129 -23.91 -43.19 -8.58
CA ALA C 129 -23.93 -42.98 -10.02
C ALA C 129 -25.09 -42.09 -10.44
N GLU C 130 -26.33 -42.53 -10.20
CA GLU C 130 -27.48 -41.70 -10.50
C GLU C 130 -27.47 -40.46 -9.62
N ALA C 131 -27.69 -39.30 -10.23
CA ALA C 131 -27.62 -38.04 -9.49
C ALA C 131 -28.23 -36.94 -10.35
N SER C 132 -28.46 -35.80 -9.70
CA SER C 132 -28.98 -34.60 -10.34
C SER C 132 -27.95 -33.49 -10.23
N ILE C 133 -27.65 -32.84 -11.35
CA ILE C 133 -26.66 -31.79 -11.43
C ILE C 133 -27.37 -30.48 -11.76
N ILE C 134 -27.11 -29.44 -10.98
CA ILE C 134 -27.82 -28.17 -11.09
C ILE C 134 -26.82 -27.03 -11.03
N LEU C 135 -27.07 -26.01 -11.85
CA LEU C 135 -26.37 -24.73 -11.81
C LEU C 135 -27.38 -23.64 -11.51
N GLY C 136 -27.04 -22.77 -10.56
CA GLY C 136 -27.84 -21.63 -10.17
C GLY C 136 -28.35 -21.69 -8.75
N GLN C 137 -28.84 -22.85 -8.31
CA GLN C 137 -29.43 -23.01 -6.99
C GLN C 137 -28.75 -24.16 -6.27
N GLU C 138 -28.59 -23.93 -4.92
CA GLU C 138 -28.04 -24.98 -4.08
C GLU C 138 -29.12 -26.01 -3.85
N GLN C 139 -28.70 -27.27 -3.57
CA GLN C 139 -29.66 -28.35 -3.34
C GLN C 139 -29.62 -28.76 -1.88
N ASP C 140 -30.79 -28.74 -1.23
CA ASP C 140 -30.96 -29.33 0.08
C ASP C 140 -31.88 -30.55 0.02
N SER C 141 -32.37 -30.89 -1.17
CA SER C 141 -33.12 -32.11 -1.42
C SER C 141 -32.83 -32.54 -2.85
N PHE C 142 -33.41 -33.67 -3.25
CA PHE C 142 -33.13 -34.23 -4.57
C PHE C 142 -33.86 -33.39 -5.62
N GLY C 143 -33.19 -32.32 -6.06
CA GLY C 143 -33.75 -31.44 -7.07
C GLY C 143 -34.83 -30.53 -6.58
N GLY C 144 -34.72 -30.04 -5.36
CA GLY C 144 -35.74 -29.14 -4.82
C GLY C 144 -35.28 -28.51 -3.53
N ASN C 145 -36.14 -27.70 -2.93
CA ASN C 145 -35.80 -27.04 -1.67
C ASN C 145 -34.63 -26.11 -1.88
N PHE C 146 -34.78 -25.14 -2.77
CA PHE C 146 -33.72 -24.16 -2.98
C PHE C 146 -33.85 -23.01 -1.99
N GLU C 147 -32.74 -22.31 -1.76
CA GLU C 147 -32.69 -21.17 -0.87
C GLU C 147 -32.27 -19.94 -1.65
N GLY C 148 -33.05 -18.87 -1.54
CA GLY C 148 -32.71 -17.64 -2.24
C GLY C 148 -31.36 -17.11 -1.84
N SER C 149 -31.02 -17.21 -0.55
CA SER C 149 -29.74 -16.69 -0.05
C SER C 149 -28.56 -17.51 -0.51
N GLN C 150 -28.80 -18.67 -1.09
CA GLN C 150 -27.75 -19.50 -1.63
C GLN C 150 -27.74 -19.52 -3.16
N SER C 151 -28.54 -18.68 -3.80
CA SER C 151 -28.59 -18.67 -5.25
C SER C 151 -27.37 -17.95 -5.82
N LEU C 152 -27.25 -18.00 -7.15
CA LEU C 152 -26.14 -17.39 -7.87
C LEU C 152 -26.68 -16.41 -8.89
N VAL C 153 -26.03 -15.25 -9.00
CA VAL C 153 -26.38 -14.23 -9.98
C VAL C 153 -25.14 -13.91 -10.79
N GLY C 154 -25.21 -14.09 -12.10
CA GLY C 154 -24.08 -13.83 -12.95
C GLY C 154 -24.04 -14.79 -14.12
N ASP C 155 -22.84 -14.99 -14.66
CA ASP C 155 -22.67 -15.85 -15.82
C ASP C 155 -21.89 -17.09 -15.47
N ILE C 156 -22.14 -18.16 -16.21
CA ILE C 156 -21.45 -19.43 -16.00
C ILE C 156 -21.33 -20.15 -17.34
N GLY C 157 -20.28 -20.94 -17.49
CA GLY C 157 -20.09 -21.67 -18.73
C GLY C 157 -18.87 -22.56 -18.68
N ASN C 158 -18.63 -23.21 -19.82
CA ASN C 158 -17.47 -24.08 -20.00
C ASN C 158 -17.38 -25.14 -18.92
N VAL C 159 -18.68 -25.70 -18.69
CA VAL C 159 -18.84 -26.77 -17.69
C VAL C 159 -18.41 -28.12 -18.22
N ASN C 160 -17.31 -28.75 -17.53
CA ASN C 160 -16.89 -30.04 -18.04
C ASN C 160 -16.37 -30.86 -16.87
N MET C 161 -16.51 -32.18 -17.00
CA MET C 161 -15.98 -33.06 -15.97
C MET C 161 -15.66 -34.45 -16.47
N TRP C 162 -14.45 -34.92 -16.19
CA TRP C 162 -14.02 -36.25 -16.54
C TRP C 162 -14.35 -37.20 -15.39
N ASP C 163 -13.79 -38.41 -15.41
CA ASP C 163 -13.98 -39.33 -14.27
C ASP C 163 -12.63 -39.93 -13.90
N PHE C 164 -11.56 -39.15 -14.07
CA PHE C 164 -10.24 -39.58 -13.66
C PHE C 164 -9.35 -38.35 -13.51
N VAL C 165 -8.45 -38.38 -12.52
CA VAL C 165 -7.61 -37.23 -12.25
C VAL C 165 -6.77 -36.90 -13.49
N LEU C 166 -6.60 -35.59 -13.73
CA LEU C 166 -5.80 -35.15 -14.85
C LEU C 166 -4.43 -34.69 -14.38
N SER C 167 -3.40 -34.95 -15.17
CA SER C 167 -2.06 -34.51 -14.85
C SER C 167 -1.94 -33.00 -15.01
N PRO C 168 -0.97 -32.39 -14.32
CA PRO C 168 -0.88 -30.93 -14.42
C PRO C 168 -0.75 -30.51 -15.86
N ASP C 169 -0.03 -31.28 -16.67
CA ASP C 169 0.11 -30.97 -18.08
C ASP C 169 -1.26 -30.71 -18.67
N GLU C 170 -2.16 -31.53 -18.49
CA GLU C 170 -3.50 -31.53 -19.05
C GLU C 170 -4.31 -30.35 -18.54
N ILE C 171 -4.18 -30.04 -17.25
CA ILE C 171 -4.89 -28.88 -16.70
C ILE C 171 -4.42 -27.60 -17.38
N ASN C 172 -3.11 -27.48 -17.59
CA ASN C 172 -2.58 -26.30 -18.27
C ASN C 172 -3.14 -26.22 -19.69
N THR C 173 -3.27 -27.36 -20.35
CA THR C 173 -3.78 -27.35 -21.71
C THR C 173 -5.23 -26.88 -21.69
N ILE C 174 -6.01 -27.40 -20.74
CA ILE C 174 -7.39 -26.97 -20.62
C ILE C 174 -7.46 -25.46 -20.42
N TYR C 175 -6.72 -24.86 -19.63
CA TYR C 175 -6.76 -23.42 -19.43
C TYR C 175 -6.38 -22.68 -20.69
N LEU C 176 -5.31 -23.23 -21.41
CA LEU C 176 -4.94 -22.57 -22.66
C LEU C 176 -6.03 -22.69 -23.72
N GLY C 177 -7.02 -23.55 -23.52
CA GLY C 177 -8.11 -23.68 -24.47
C GLY C 177 -7.86 -24.63 -25.62
N GLY C 178 -6.84 -25.48 -25.53
CA GLY C 178 -6.57 -26.45 -26.56
C GLY C 178 -7.70 -27.46 -26.68
N PRO C 179 -7.49 -28.51 -27.48
CA PRO C 179 -8.51 -29.55 -27.60
C PRO C 179 -8.51 -30.49 -26.42
N PHE C 180 -9.71 -31.05 -26.15
CA PHE C 180 -9.84 -32.03 -25.08
C PHE C 180 -11.06 -32.91 -25.35
N SER C 181 -11.15 -34.04 -24.67
CA SER C 181 -12.23 -35.00 -24.86
C SER C 181 -12.88 -35.30 -23.51
N PRO C 182 -13.82 -34.46 -23.06
CA PRO C 182 -14.51 -34.73 -21.80
C PRO C 182 -15.27 -36.05 -21.88
N ASN C 183 -15.42 -36.69 -20.73
CA ASN C 183 -15.98 -38.02 -20.64
C ASN C 183 -17.40 -38.05 -20.08
N VAL C 184 -17.65 -37.37 -18.96
CA VAL C 184 -18.94 -37.42 -18.29
C VAL C 184 -19.84 -36.27 -18.71
N LEU C 185 -19.29 -35.05 -18.74
CA LEU C 185 -20.05 -33.87 -19.16
C LEU C 185 -19.22 -33.12 -20.20
N ASN C 186 -19.76 -32.99 -21.41
CA ASN C 186 -19.09 -32.35 -22.52
C ASN C 186 -19.80 -31.05 -22.84
N TRP C 187 -19.10 -29.93 -22.63
CA TRP C 187 -19.68 -28.63 -22.96
C TRP C 187 -20.04 -28.53 -24.43
N ARG C 188 -19.37 -29.32 -25.27
CA ARG C 188 -19.59 -29.27 -26.71
C ARG C 188 -20.72 -30.19 -27.17
N ALA C 189 -21.11 -31.15 -26.34
CA ALA C 189 -22.18 -32.11 -26.66
C ALA C 189 -23.11 -32.26 -25.47
N LEU C 190 -23.57 -31.15 -24.94
CA LEU C 190 -24.26 -31.11 -23.66
C LEU C 190 -25.77 -31.21 -23.82
N LYS C 191 -26.42 -31.70 -22.75
CA LYS C 191 -27.87 -31.75 -22.65
C LYS C 191 -28.29 -30.97 -21.42
N TYR C 192 -29.38 -30.21 -21.53
CA TYR C 192 -29.78 -29.34 -20.43
C TYR C 192 -31.27 -29.03 -20.50
N GLU C 193 -31.85 -28.82 -19.32
CA GLU C 193 -33.17 -28.23 -19.18
C GLU C 193 -33.02 -26.94 -18.38
N VAL C 194 -33.96 -26.02 -18.58
CA VAL C 194 -33.92 -24.72 -17.92
C VAL C 194 -35.25 -24.46 -17.25
N GLN C 195 -35.22 -23.65 -16.19
CA GLN C 195 -36.42 -23.23 -15.50
C GLN C 195 -36.23 -21.81 -15.02
N GLY C 196 -37.32 -21.03 -15.07
CA GLY C 196 -37.26 -19.65 -14.63
C GLY C 196 -36.57 -18.75 -15.66
N GLU C 197 -36.12 -17.60 -15.17
CA GLU C 197 -35.47 -16.60 -16.01
C GLU C 197 -33.99 -16.93 -16.10
N VAL C 198 -33.62 -17.65 -17.15
CA VAL C 198 -32.22 -17.95 -17.47
C VAL C 198 -32.04 -17.73 -18.96
N PHE C 199 -30.91 -17.12 -19.34
CA PHE C 199 -30.70 -16.76 -20.72
C PHE C 199 -29.38 -17.34 -21.24
N THR C 200 -29.29 -17.45 -22.56
CA THR C 200 -28.08 -17.92 -23.23
C THR C 200 -27.52 -16.76 -24.04
N LYS C 201 -26.26 -16.40 -23.77
CA LYS C 201 -25.65 -15.25 -24.41
C LYS C 201 -24.19 -15.50 -24.70
N PRO C 202 -23.59 -14.77 -25.63
CA PRO C 202 -22.15 -14.92 -25.88
C PRO C 202 -21.35 -14.64 -24.62
N GLN C 203 -20.29 -15.42 -24.42
CA GLN C 203 -19.48 -15.28 -23.24
C GLN C 203 -18.68 -13.98 -23.26
N LEU C 204 -18.44 -13.50 -21.94
CA LEU C 204 -17.69 -12.27 -21.77
C LEU C 204 -16.19 -12.56 -21.84
N TRP C 205 -15.71 -13.50 -21.15
CA TRP C 205 -14.30 -13.78 -21.01
C TRP C 205 -13.71 -14.26 -22.34
N PRO C 206 -12.41 -14.02 -22.58
CA PRO C 206 -11.76 -14.45 -23.82
C PRO C 206 -12.01 -15.92 -24.15
N GLU D 3 -19.03 -38.55 15.54
CA GLU D 3 -19.65 -37.40 16.19
C GLU D 3 -18.61 -36.62 17.01
N VAL D 4 -18.78 -35.31 17.09
CA VAL D 4 -17.86 -34.46 17.83
C VAL D 4 -18.46 -34.16 19.19
N GLN D 5 -17.76 -34.56 20.25
CA GLN D 5 -18.24 -34.35 21.62
C GLN D 5 -17.82 -32.95 22.07
N LEU D 6 -18.52 -31.96 21.71
CA LEU D 6 -18.16 -30.61 22.10
C LEU D 6 -18.50 -30.40 23.56
N VAL D 7 -17.61 -29.71 24.28
CA VAL D 7 -17.82 -29.44 25.69
C VAL D 7 -17.33 -28.05 26.00
N GLU D 8 -18.26 -27.15 26.33
CA GLU D 8 -17.87 -25.77 26.61
C GLU D 8 -17.94 -25.49 28.10
N SER D 9 -17.58 -24.39 28.55
CA SER D 9 -17.37 -24.01 29.95
C SER D 9 -16.96 -22.53 29.98
N GLY D 10 -17.02 -21.96 31.19
CA GLY D 10 -16.61 -20.59 31.39
C GLY D 10 -17.74 -19.59 31.30
N GLY D 11 -18.81 -19.82 32.07
CA GLY D 11 -19.94 -18.90 32.09
C GLY D 11 -20.57 -18.84 33.45
N GLY D 12 -21.33 -17.77 33.69
CA GLY D 12 -22.00 -17.58 34.97
C GLY D 12 -22.60 -16.21 35.15
N LEU D 13 -22.41 -15.65 36.35
CA LEU D 13 -22.96 -14.33 36.67
C LEU D 13 -21.87 -13.29 36.79
N VAL D 14 -22.03 -12.17 36.09
CA VAL D 14 -21.05 -11.09 36.10
C VAL D 14 -21.79 -9.78 35.97
N GLN D 15 -21.12 -8.70 36.49
CA GLN D 15 -21.72 -7.39 36.35
C GLN D 15 -21.24 -6.70 35.09
N ALA D 16 -21.79 -5.50 34.85
CA ALA D 16 -21.37 -4.71 33.70
C ALA D 16 -19.98 -4.14 33.92
N GLY D 17 -19.17 -4.14 32.87
CA GLY D 17 -17.83 -3.61 32.96
C GLY D 17 -16.75 -4.61 33.28
N GLU D 18 -17.06 -5.91 33.19
CA GLU D 18 -16.10 -6.97 33.45
C GLU D 18 -15.71 -7.66 32.14
N SER D 19 -14.93 -8.73 32.27
CA SER D 19 -14.54 -9.55 31.14
C SER D 19 -14.57 -11.01 31.55
N LEU D 20 -14.83 -11.89 30.59
CA LEU D 20 -14.87 -13.32 30.84
C LEU D 20 -14.19 -14.05 29.70
N ARG D 21 -13.41 -15.08 30.03
CA ARG D 21 -12.75 -15.89 29.00
C ARG D 21 -13.32 -17.29 29.02
N LEU D 22 -14.39 -17.51 28.27
CA LEU D 22 -14.98 -18.83 28.20
C LEU D 22 -14.16 -19.70 27.27
N SER D 23 -14.52 -20.98 27.19
CA SER D 23 -13.77 -21.88 26.33
C SER D 23 -14.63 -23.10 26.00
N CYS D 24 -14.18 -23.83 24.99
CA CYS D 24 -14.79 -25.09 24.61
C CYS D 24 -13.72 -26.02 24.06
N ALA D 25 -13.99 -27.32 24.14
CA ALA D 25 -13.07 -28.34 23.68
C ALA D 25 -13.85 -29.41 22.93
N ALA D 26 -13.15 -30.13 22.07
CA ALA D 26 -13.74 -31.17 21.23
C ALA D 26 -12.94 -32.45 21.38
N SER D 27 -13.62 -33.58 21.14
CA SER D 27 -13.01 -34.90 21.22
C SER D 27 -12.34 -35.33 19.92
N THR D 28 -12.00 -34.37 19.06
CA THR D 28 -11.37 -34.70 17.78
C THR D 28 -10.50 -33.53 17.36
N SER D 29 -9.54 -33.83 16.47
CA SER D 29 -8.63 -32.80 15.99
C SER D 29 -9.40 -31.68 15.30
N ILE D 30 -9.05 -30.44 15.63
CA ILE D 30 -9.66 -29.27 15.02
C ILE D 30 -8.69 -28.60 14.03
N PHE D 31 -7.75 -29.36 13.49
CA PHE D 31 -6.73 -28.79 12.62
C PHE D 31 -7.32 -28.22 11.33
N ASP D 32 -8.52 -28.59 10.96
CA ASP D 32 -9.10 -28.11 9.70
C ASP D 32 -10.44 -27.38 9.84
N ARG D 33 -11.30 -27.87 10.73
CA ARG D 33 -12.59 -27.22 10.95
C ARG D 33 -12.44 -25.89 11.65
N LEU D 34 -13.36 -24.98 11.36
CA LEU D 34 -13.34 -23.67 11.99
C LEU D 34 -14.36 -23.61 13.11
N MET D 35 -14.11 -22.72 14.08
CA MET D 35 -15.00 -22.59 15.22
C MET D 35 -15.61 -21.21 15.33
N GLY D 36 -16.79 -21.11 15.92
CA GLY D 36 -17.49 -19.86 16.06
C GLY D 36 -18.38 -19.88 17.28
N TRP D 37 -19.11 -18.79 17.48
CA TRP D 37 -20.01 -18.66 18.63
C TRP D 37 -21.32 -18.04 18.19
N TYR D 38 -22.41 -18.51 18.77
CA TYR D 38 -23.74 -17.98 18.52
C TYR D 38 -24.38 -17.56 19.83
N ARG D 39 -25.01 -16.45 19.86
CA ARG D 39 -25.70 -16.02 21.05
C ARG D 39 -27.15 -15.85 20.67
N GLN D 40 -28.03 -16.00 21.58
CA GLN D 40 -29.47 -15.91 21.38
C GLN D 40 -30.03 -15.09 22.53
N ALA D 41 -30.55 -13.90 22.21
CA ALA D 41 -31.19 -13.05 23.21
C ALA D 41 -32.63 -13.50 23.43
N PRO D 42 -33.20 -13.20 24.59
CA PRO D 42 -34.57 -13.66 24.88
C PRO D 42 -35.57 -13.13 23.87
N GLY D 43 -36.13 -14.02 23.06
CA GLY D 43 -37.13 -13.62 22.07
C GLY D 43 -36.69 -13.65 20.62
N LYS D 44 -35.38 -13.57 20.38
CA LYS D 44 -34.87 -13.55 19.02
C LYS D 44 -34.16 -14.86 18.72
N GLN D 45 -33.57 -14.98 17.54
CA GLN D 45 -32.96 -16.25 17.18
C GLN D 45 -31.50 -16.37 17.57
N ARG D 46 -30.79 -17.29 16.94
CA ARG D 46 -29.36 -17.45 17.17
C ARG D 46 -28.59 -16.55 16.21
N GLU D 47 -27.81 -15.64 16.77
CA GLU D 47 -27.05 -14.72 15.96
C GLU D 47 -25.57 -14.99 16.08
N LEU D 48 -24.87 -14.81 14.96
CA LEU D 48 -23.42 -15.01 14.95
C LEU D 48 -22.71 -13.98 15.77
N ALA D 49 -21.66 -14.39 16.45
CA ALA D 49 -20.85 -13.46 17.20
C ALA D 49 -19.43 -13.34 16.66
N ALA D 50 -18.74 -14.46 16.47
CA ALA D 50 -17.39 -14.45 15.94
C ALA D 50 -16.96 -15.89 15.68
N PHE D 51 -16.00 -16.04 14.77
CA PHE D 51 -15.46 -17.34 14.44
C PHE D 51 -14.04 -17.21 13.92
N ILE D 52 -13.30 -18.23 13.91
CA ILE D 52 -11.93 -18.17 13.42
C ILE D 52 -11.69 -19.32 12.48
N THR D 53 -11.03 -19.05 11.36
CA THR D 53 -10.76 -20.09 10.37
C THR D 53 -9.59 -20.96 10.76
N PRO D 54 -9.45 -22.11 10.09
CA PRO D 54 -8.28 -22.97 10.38
C PRO D 54 -6.96 -22.27 10.09
N SER D 55 -6.92 -21.44 9.06
CA SER D 55 -5.70 -20.71 8.73
C SER D 55 -5.33 -19.73 9.84
N GLY D 56 -6.31 -19.09 10.44
CA GLY D 56 -6.07 -18.14 11.50
C GLY D 56 -6.88 -16.86 11.34
N ARG D 57 -7.45 -16.66 10.16
CA ARG D 57 -8.26 -15.48 9.92
C ARG D 57 -9.47 -15.47 10.86
N THR D 58 -9.82 -14.29 11.34
CA THR D 58 -10.87 -14.13 12.34
C THR D 58 -11.98 -13.24 11.79
N THR D 59 -13.18 -13.50 12.22
CA THR D 59 -14.33 -12.69 11.83
C THR D 59 -15.11 -12.40 13.10
N TYR D 60 -15.61 -11.21 13.26
CA TYR D 60 -16.32 -10.77 14.44
C TYR D 60 -17.65 -10.13 14.05
N ALA D 61 -18.65 -10.30 14.91
CA ALA D 61 -19.92 -9.62 14.71
C ALA D 61 -19.74 -8.12 14.86
N ASP D 62 -20.56 -7.36 14.11
CA ASP D 62 -20.40 -5.91 14.08
C ASP D 62 -20.61 -5.29 15.46
N SER D 63 -21.62 -5.76 16.19
CA SER D 63 -21.95 -5.15 17.47
C SER D 63 -20.80 -5.27 18.47
N VAL D 64 -20.19 -6.45 18.53
CA VAL D 64 -19.14 -6.72 19.51
C VAL D 64 -17.78 -6.38 18.92
N LYS D 65 -17.78 -5.68 17.78
CA LYS D 65 -16.53 -5.35 17.12
C LYS D 65 -15.60 -4.60 18.06
N GLY D 66 -14.34 -5.01 18.09
CA GLY D 66 -13.36 -4.37 18.95
C GLY D 66 -13.49 -4.69 20.42
N ARG D 67 -14.36 -5.62 20.79
CA ARG D 67 -14.58 -5.97 22.19
C ARG D 67 -14.21 -7.41 22.49
N PHE D 68 -14.74 -8.38 21.72
CA PHE D 68 -14.46 -9.78 21.95
C PHE D 68 -13.15 -10.16 21.28
N THR D 69 -12.76 -11.43 21.45
CA THR D 69 -11.56 -11.95 20.81
C THR D 69 -11.52 -13.47 20.92
N ILE D 70 -11.30 -14.12 19.77
CA ILE D 70 -11.28 -15.57 19.75
C ILE D 70 -9.87 -16.11 19.56
N SER D 71 -9.63 -17.33 20.01
CA SER D 71 -8.33 -17.96 19.90
C SER D 71 -8.51 -19.47 19.80
N ARG D 72 -7.51 -20.13 19.23
CA ARG D 72 -7.59 -21.56 18.95
C ARG D 72 -6.28 -22.23 19.33
N ASP D 73 -6.34 -23.52 19.64
CA ASP D 73 -5.13 -24.27 19.95
C ASP D 73 -5.26 -25.72 19.45
N ASN D 74 -4.54 -26.06 18.37
CA ASN D 74 -4.60 -27.41 17.85
C ASN D 74 -4.08 -28.40 18.90
N SER D 75 -3.14 -28.07 19.66
CA SER D 75 -2.41 -28.98 20.53
C SER D 75 -3.34 -29.69 21.49
N VAL D 76 -4.31 -28.97 22.06
CA VAL D 76 -5.30 -29.53 22.95
C VAL D 76 -6.67 -29.63 22.31
N ASN D 77 -6.83 -29.14 21.09
CA ASN D 77 -8.10 -29.19 20.38
C ASN D 77 -9.16 -28.37 21.11
N THR D 78 -8.81 -27.13 21.42
CA THR D 78 -9.71 -26.28 22.20
C THR D 78 -9.69 -24.85 21.69
N VAL D 79 -10.85 -24.20 21.77
CA VAL D 79 -11.00 -22.81 21.34
C VAL D 79 -11.48 -22.00 22.53
N TYR D 80 -11.04 -20.65 22.40
CA TYR D 80 -11.37 -19.73 23.46
C TYR D 80 -11.95 -18.42 22.98
N LEU D 81 -12.85 -17.86 23.79
CA LEU D 81 -13.45 -16.58 23.48
C LEU D 81 -13.44 -15.67 24.71
N GLN D 82 -12.81 -14.52 24.61
CA GLN D 82 -12.70 -13.56 25.69
C GLN D 82 -13.53 -12.33 25.32
N MET D 83 -14.48 -12.00 26.20
CA MET D 83 -15.30 -10.82 26.00
C MET D 83 -14.91 -9.80 27.06
N ASP D 84 -14.66 -8.58 26.61
CA ASP D 84 -14.28 -7.53 27.53
C ASP D 84 -15.34 -6.46 27.61
N SER D 85 -15.31 -5.67 28.67
CA SER D 85 -16.29 -4.60 28.83
C SER D 85 -17.69 -5.13 28.61
N LEU D 86 -18.04 -6.19 29.33
CA LEU D 86 -19.37 -6.75 29.23
C LEU D 86 -20.43 -5.74 29.60
N LYS D 87 -21.55 -5.77 28.91
CA LYS D 87 -22.65 -4.86 29.17
C LYS D 87 -23.95 -5.63 29.25
N PRO D 88 -24.96 -5.08 29.94
CA PRO D 88 -26.17 -5.88 30.20
C PRO D 88 -26.87 -6.38 28.95
N GLU D 89 -26.93 -5.56 27.90
CA GLU D 89 -27.62 -5.99 26.69
C GLU D 89 -26.94 -7.19 26.05
N ASP D 90 -25.69 -7.36 26.15
CA ASP D 90 -25.00 -8.50 25.56
C ASP D 90 -25.42 -9.80 26.25
N THR D 91 -25.99 -9.67 27.50
CA THR D 91 -26.45 -10.87 28.17
C THR D 91 -27.37 -11.66 27.27
N ALA D 92 -27.10 -12.97 27.16
CA ALA D 92 -27.90 -13.86 26.33
C ALA D 92 -27.33 -15.26 26.47
N ILE D 93 -28.03 -16.22 25.88
CA ILE D 93 -27.59 -17.61 25.86
C ILE D 93 -26.59 -17.78 24.73
N TYR D 94 -25.40 -18.29 25.06
CA TYR D 94 -24.32 -18.43 24.10
C TYR D 94 -24.18 -19.90 23.71
N PHE D 95 -24.09 -20.15 22.40
CA PHE D 95 -23.99 -21.49 21.85
C PHE D 95 -22.63 -21.70 21.19
N CYS D 96 -22.15 -22.93 21.25
CA CYS D 96 -20.89 -23.30 20.61
C CYS D 96 -21.11 -23.69 19.15
N TYR D 97 -20.03 -23.63 18.38
CA TYR D 97 -20.15 -23.90 16.97
C TYR D 97 -19.07 -24.79 16.39
N TYR D 98 -19.48 -25.75 15.59
CA TYR D 98 -18.56 -26.65 14.90
C TYR D 98 -18.96 -26.69 13.43
N ARG D 99 -18.10 -26.16 12.56
CA ARG D 99 -18.46 -26.05 11.16
C ARG D 99 -18.56 -27.42 10.51
N LEU D 100 -19.44 -27.52 9.53
CA LEU D 100 -19.63 -28.72 8.73
C LEU D 100 -20.07 -28.27 7.34
N ASN D 101 -20.67 -29.17 6.57
CA ASN D 101 -21.20 -28.81 5.26
C ASN D 101 -21.97 -27.51 5.42
N PRO D 102 -22.04 -26.70 4.37
CA PRO D 102 -22.63 -25.37 4.56
C PRO D 102 -24.06 -25.42 5.08
N ASP D 103 -24.83 -26.43 4.67
CA ASP D 103 -26.19 -26.56 5.18
C ASP D 103 -26.20 -26.87 6.68
N GLN D 104 -25.30 -27.74 7.13
CA GLN D 104 -25.34 -28.26 8.48
C GLN D 104 -24.19 -27.71 9.32
N ASN D 105 -24.27 -27.89 10.64
CA ASN D 105 -23.25 -27.42 11.58
C ASN D 105 -23.57 -27.98 12.96
N TYR D 106 -22.53 -28.37 13.69
CA TYR D 106 -22.73 -28.89 15.03
C TYR D 106 -23.01 -27.79 16.01
N TRP D 107 -23.81 -28.10 17.02
CA TRP D 107 -24.12 -27.12 18.05
C TRP D 107 -23.82 -27.71 19.43
N GLY D 108 -23.44 -26.84 20.36
CA GLY D 108 -23.22 -27.24 21.74
C GLY D 108 -24.47 -27.05 22.59
N GLN D 109 -24.35 -27.36 23.87
CA GLN D 109 -25.48 -27.22 24.77
C GLN D 109 -25.77 -25.75 25.08
N GLY D 110 -24.77 -24.89 24.90
CA GLY D 110 -24.95 -23.49 25.22
C GLY D 110 -24.86 -23.24 26.71
N THR D 111 -24.38 -22.05 27.07
CA THR D 111 -24.25 -21.66 28.48
C THR D 111 -24.77 -20.25 28.68
N GLN D 112 -25.59 -20.05 29.71
CA GLN D 112 -26.18 -18.74 29.96
C GLN D 112 -25.15 -17.80 30.59
N VAL D 113 -25.06 -16.60 30.13
CA VAL D 113 -24.17 -15.61 30.71
C VAL D 113 -25.03 -14.38 30.92
N THR D 114 -25.37 -14.06 32.11
CA THR D 114 -26.23 -12.93 32.50
C THR D 114 -25.35 -11.83 33.05
N VAL D 115 -25.22 -10.74 32.31
CA VAL D 115 -24.45 -9.59 32.77
C VAL D 115 -25.39 -8.53 33.30
N SER D 116 -25.42 -8.36 34.60
CA SER D 116 -26.27 -7.38 35.26
C SER D 116 -25.60 -6.01 35.21
N SER D 117 -26.13 -5.05 35.97
CA SER D 117 -25.59 -3.71 36.00
C SER D 117 -24.10 -3.71 36.36
N GLN E 1 18.00 -48.65 -7.94
CA GLN E 1 17.72 -47.22 -7.99
C GLN E 1 16.39 -46.88 -8.61
N THR E 2 16.13 -45.54 -8.65
CA THR E 2 14.89 -45.03 -9.21
C THR E 2 15.07 -43.61 -9.71
N ASP E 3 14.24 -43.21 -10.68
CA ASP E 3 14.26 -41.85 -11.16
C ASP E 3 12.97 -41.16 -10.79
N MET E 4 13.06 -40.07 -10.05
CA MET E 4 11.90 -39.31 -9.61
C MET E 4 11.57 -38.13 -10.51
N SER E 5 12.20 -38.03 -11.68
CA SER E 5 12.01 -36.86 -12.52
C SER E 5 10.53 -36.56 -12.71
N ARG E 6 10.16 -35.30 -12.53
CA ARG E 6 8.77 -34.86 -12.65
C ARG E 6 7.87 -35.58 -11.64
N LYS E 7 8.40 -35.93 -10.48
CA LYS E 7 7.61 -36.57 -9.43
C LYS E 7 8.07 -36.05 -8.08
N ALA E 8 7.19 -36.14 -7.09
CA ALA E 8 7.45 -35.55 -5.79
C ALA E 8 6.68 -36.31 -4.71
N PHE E 9 7.16 -36.14 -3.47
CA PHE E 9 6.55 -36.76 -2.31
C PHE E 9 5.50 -35.82 -1.71
N VAL E 10 4.40 -36.40 -1.25
CA VAL E 10 3.26 -35.65 -0.73
C VAL E 10 2.92 -36.20 0.65
N PHE E 11 2.87 -35.31 1.64
CA PHE E 11 2.34 -35.60 2.97
C PHE E 11 1.03 -34.82 3.13
N PRO E 12 -0.13 -35.47 3.07
CA PRO E 12 -1.39 -34.71 3.06
C PRO E 12 -1.94 -34.37 4.44
N LYS E 13 -1.56 -35.13 5.45
CA LYS E 13 -2.13 -34.99 6.79
C LYS E 13 -1.04 -34.77 7.81
N GLU E 14 -1.36 -33.99 8.84
CA GLU E 14 -0.45 -33.77 9.96
C GLU E 14 -0.44 -35.01 10.85
N SER E 15 0.75 -35.57 11.01
CA SER E 15 0.89 -36.74 11.84
C SER E 15 2.30 -36.85 12.37
N ASP E 16 2.52 -37.78 13.28
CA ASP E 16 3.84 -38.04 13.84
C ASP E 16 4.35 -39.44 13.47
N THR E 17 3.86 -40.00 12.37
CA THR E 17 4.26 -41.32 11.92
C THR E 17 4.66 -41.40 10.46
N SER E 18 4.23 -40.46 9.63
CA SER E 18 4.58 -40.47 8.21
C SER E 18 5.93 -39.81 8.00
N TYR E 19 6.79 -40.44 7.21
CA TYR E 19 8.10 -39.86 6.93
C TYR E 19 8.81 -40.67 5.86
N VAL E 20 9.76 -40.03 5.19
CA VAL E 20 10.58 -40.67 4.16
C VAL E 20 12.02 -40.65 4.61
N SER E 21 12.67 -41.81 4.55
CA SER E 21 14.07 -41.95 4.96
C SER E 21 14.93 -42.19 3.72
N LEU E 22 16.00 -41.40 3.61
CA LEU E 22 16.92 -41.50 2.48
C LEU E 22 18.21 -42.17 2.91
N LYS E 23 18.93 -42.71 1.93
CA LYS E 23 20.20 -43.38 2.16
C LYS E 23 21.24 -42.85 1.20
N ALA E 24 22.47 -42.72 1.68
CA ALA E 24 23.56 -42.20 0.87
C ALA E 24 24.76 -43.13 0.96
N PRO E 25 25.58 -43.19 -0.09
CA PRO E 25 26.77 -44.05 -0.05
C PRO E 25 27.96 -43.36 0.60
N LEU E 26 27.70 -42.26 1.29
CA LEU E 26 28.78 -41.47 1.87
C LEU E 26 29.61 -42.33 2.81
N THR E 27 30.94 -42.17 2.74
CA THR E 27 31.85 -42.92 3.58
C THR E 27 32.83 -42.00 4.30
N LYS E 28 33.16 -40.87 3.67
CA LYS E 28 34.13 -39.95 4.24
C LYS E 28 33.44 -38.81 4.97
N PRO E 29 33.92 -38.39 6.15
CA PRO E 29 33.32 -37.23 6.81
C PRO E 29 33.43 -35.99 5.94
N LEU E 30 32.40 -35.15 6.01
CA LEU E 30 32.37 -33.99 5.16
C LEU E 30 33.06 -32.75 5.69
N LYS E 31 33.78 -32.08 4.81
CA LYS E 31 34.40 -30.81 5.15
C LYS E 31 33.68 -29.62 4.53
N ALA E 32 32.75 -29.86 3.60
CA ALA E 32 31.98 -28.81 2.95
C ALA E 32 30.92 -29.49 2.11
N PHE E 33 29.77 -28.84 1.98
CA PHE E 33 28.66 -29.45 1.26
C PHE E 33 27.69 -28.37 0.79
N THR E 34 26.77 -28.78 -0.09
CA THR E 34 25.64 -27.97 -0.49
C THR E 34 24.45 -28.88 -0.71
N VAL E 35 23.26 -28.33 -0.52
CA VAL E 35 22.01 -29.07 -0.71
C VAL E 35 20.98 -28.15 -1.33
N CYS E 36 20.26 -28.67 -2.32
CA CYS E 36 19.21 -27.93 -3.02
C CYS E 36 17.93 -28.75 -2.99
N LEU E 37 16.79 -28.06 -3.00
CA LEU E 37 15.52 -28.77 -3.04
C LEU E 37 14.40 -27.82 -3.42
N HIS E 38 13.20 -28.38 -3.55
CA HIS E 38 12.05 -27.61 -3.94
C HIS E 38 10.92 -28.12 -3.08
N PHE E 39 10.09 -27.23 -2.55
CA PHE E 39 9.02 -27.64 -1.65
C PHE E 39 7.89 -26.62 -1.70
N TYR E 40 6.72 -27.08 -1.26
CA TYR E 40 5.51 -26.27 -1.36
C TYR E 40 4.58 -26.64 -0.21
N THR E 41 4.24 -25.65 0.61
CA THR E 41 3.31 -25.83 1.72
C THR E 41 2.80 -24.46 2.14
N GLU E 42 1.78 -24.45 2.98
CA GLU E 42 1.14 -23.22 3.42
C GLU E 42 1.15 -23.07 4.94
N LEU E 43 1.79 -23.97 5.67
CA LEU E 43 1.87 -23.86 7.12
C LEU E 43 2.73 -22.70 7.59
N SER E 44 3.44 -22.08 6.51
CA SER E 44 4.36 -20.98 6.83
C SER E 44 3.76 -19.98 7.82
N SER E 45 2.56 -19.63 7.71
CA SER E 45 1.91 -18.56 8.44
C SER E 45 1.25 -19.02 9.73
N THR E 46 1.36 -20.31 10.07
CA THR E 46 0.72 -20.85 11.26
C THR E 46 1.72 -21.32 12.32
N ARG E 47 2.67 -22.17 11.95
CA ARG E 47 3.64 -22.69 12.91
C ARG E 47 4.90 -23.09 12.16
N GLY E 48 5.99 -23.20 12.91
CA GLY E 48 7.26 -23.60 12.33
C GLY E 48 7.27 -25.07 11.96
N TYR E 49 8.28 -25.46 11.19
CA TYR E 49 8.39 -26.83 10.74
C TYR E 49 9.78 -27.09 10.17
N SER E 50 10.17 -28.36 10.18
CA SER E 50 11.45 -28.73 9.60
C SER E 50 11.29 -29.01 8.12
N ILE E 51 12.39 -29.04 7.40
CA ILE E 51 12.40 -29.26 5.96
C ILE E 51 13.24 -30.48 5.59
N PHE E 52 14.39 -30.66 6.24
CA PHE E 52 15.35 -31.67 5.84
C PHE E 52 16.21 -31.99 7.05
N SER E 53 16.01 -33.16 7.66
CA SER E 53 16.67 -33.51 8.92
C SER E 53 17.79 -34.49 8.65
N TYR E 54 19.03 -34.07 8.89
CA TYR E 54 20.21 -34.91 8.74
C TYR E 54 20.81 -35.08 10.13
N ALA E 55 20.58 -36.24 10.74
CA ALA E 55 20.95 -36.47 12.13
C ALA E 55 22.00 -37.57 12.23
N THR E 56 22.83 -37.47 13.25
CA THR E 56 23.84 -38.47 13.56
C THR E 56 23.70 -38.91 15.00
N LYS E 57 24.26 -40.07 15.30
CA LYS E 57 24.08 -40.65 16.64
C LYS E 57 24.52 -39.69 17.73
N ARG E 58 25.54 -38.88 17.45
CA ARG E 58 26.05 -37.95 18.44
C ARG E 58 25.30 -36.63 18.42
N GLN E 59 24.51 -36.39 17.36
CA GLN E 59 23.83 -35.12 17.21
C GLN E 59 22.48 -35.25 16.51
N ASP E 60 21.37 -34.99 17.20
CA ASP E 60 20.08 -35.03 16.52
C ASP E 60 19.94 -33.92 15.49
N ASN E 61 20.81 -32.93 15.51
CA ASN E 61 20.70 -31.76 14.64
C ASN E 61 22.03 -31.47 13.97
N GLU E 62 22.64 -32.50 13.38
CA GLU E 62 23.90 -32.30 12.67
C GLU E 62 23.74 -31.26 11.58
N ILE E 63 22.71 -31.39 10.76
CA ILE E 63 22.34 -30.38 9.77
C ILE E 63 20.82 -30.24 9.80
N LEU E 64 20.31 -29.05 9.84
CA LEU E 64 18.89 -28.85 9.90
C LEU E 64 18.39 -27.57 9.27
N ILE E 65 17.45 -27.68 8.39
CA ILE E 65 16.77 -26.56 7.75
C ILE E 65 15.40 -26.44 8.40
N PHE E 66 15.09 -25.28 8.96
CA PHE E 66 13.85 -25.08 9.69
C PHE E 66 13.21 -23.77 9.29
N TRP E 67 11.90 -23.68 9.48
CA TRP E 67 11.15 -22.45 9.30
C TRP E 67 10.48 -22.10 10.61
N SER E 68 10.73 -20.88 11.09
CA SER E 68 10.17 -20.39 12.34
C SER E 68 9.22 -19.24 12.03
N LYS E 69 7.98 -19.36 12.49
CA LYS E 69 6.96 -18.38 12.16
C LYS E 69 7.39 -17.00 12.64
N ASP E 70 7.24 -15.99 11.77
CA ASP E 70 7.61 -14.60 12.13
C ASP E 70 9.11 -14.41 12.27
N ILE E 71 9.89 -15.46 12.08
CA ILE E 71 11.35 -15.35 12.12
C ILE E 71 11.95 -15.53 10.75
N GLY E 72 11.71 -16.69 10.12
CA GLY E 72 12.26 -16.96 8.80
C GLY E 72 12.91 -18.32 8.71
N TYR E 73 14.01 -18.40 7.96
CA TYR E 73 14.73 -19.66 7.78
C TYR E 73 15.83 -19.78 8.81
N SER E 74 15.93 -20.96 9.41
CA SER E 74 16.97 -21.21 10.39
C SER E 74 17.85 -22.35 9.91
N PHE E 75 19.11 -22.07 9.64
CA PHE E 75 20.08 -23.04 9.15
C PHE E 75 20.97 -23.40 10.34
N THR E 76 20.86 -24.66 10.77
CA THR E 76 21.60 -25.10 11.93
C THR E 76 22.60 -26.19 11.63
N VAL E 77 23.82 -26.01 12.24
CA VAL E 77 24.89 -26.97 12.05
C VAL E 77 25.60 -27.20 13.37
N GLY E 78 25.85 -28.50 13.71
CA GLY E 78 26.55 -28.77 14.95
C GLY E 78 25.81 -28.28 16.18
N GLY E 79 24.49 -28.14 16.09
CA GLY E 79 23.71 -27.68 17.22
C GLY E 79 23.63 -26.17 17.37
N SER E 80 24.12 -25.40 16.40
CA SER E 80 24.08 -23.95 16.47
C SER E 80 23.38 -23.41 15.23
N GLU E 81 22.60 -22.36 15.43
CA GLU E 81 21.82 -21.84 14.33
C GLU E 81 22.19 -20.48 13.82
N ILE E 82 21.76 -20.23 12.58
CA ILE E 82 21.98 -18.95 11.95
C ILE E 82 20.60 -18.61 11.39
N LEU E 83 20.23 -17.34 11.35
CA LEU E 83 18.90 -16.95 10.93
C LEU E 83 18.95 -16.09 9.67
N PHE E 84 17.98 -16.32 8.78
CA PHE E 84 17.73 -15.46 7.64
C PHE E 84 16.28 -15.01 7.72
N GLU E 85 16.08 -13.72 7.90
CA GLU E 85 14.75 -13.18 8.14
C GLU E 85 13.95 -13.12 6.85
N VAL E 86 12.63 -13.00 7.02
CA VAL E 86 11.71 -12.85 5.90
C VAL E 86 10.54 -12.01 6.40
N PRO E 87 10.49 -10.70 6.13
CA PRO E 87 9.42 -9.87 6.71
C PRO E 87 8.02 -10.38 6.37
N GLU E 88 7.81 -10.89 5.16
CA GLU E 88 6.53 -11.47 4.80
C GLU E 88 6.79 -12.64 3.86
N VAL E 89 5.86 -13.58 3.84
CA VAL E 89 6.01 -14.83 3.12
C VAL E 89 4.95 -14.92 2.04
N THR E 90 5.37 -15.29 0.83
CA THR E 90 4.43 -15.53 -0.25
C THR E 90 3.93 -16.96 -0.21
N VAL E 91 2.88 -17.23 -0.98
CA VAL E 91 2.25 -18.54 -1.04
C VAL E 91 2.47 -19.08 -2.44
N ALA E 92 3.51 -19.89 -2.60
CA ALA E 92 3.83 -20.52 -3.87
C ALA E 92 5.00 -21.47 -3.66
N PRO E 93 5.20 -22.42 -4.56
CA PRO E 93 6.35 -23.33 -4.42
C PRO E 93 7.65 -22.55 -4.41
N VAL E 94 8.59 -23.01 -3.60
CA VAL E 94 9.88 -22.33 -3.43
C VAL E 94 11.01 -23.34 -3.59
N HIS E 95 12.06 -22.91 -4.26
CA HIS E 95 13.27 -23.70 -4.47
C HIS E 95 14.43 -23.01 -3.77
N ILE E 96 15.19 -23.82 -3.02
CA ILE E 96 16.28 -23.26 -2.24
C ILE E 96 17.58 -24.01 -2.44
N CYS E 97 18.68 -23.37 -2.08
CA CYS E 97 20.00 -23.96 -2.19
C CYS E 97 20.88 -23.37 -1.10
N THR E 98 21.42 -24.23 -0.23
CA THR E 98 22.27 -23.77 0.86
C THR E 98 23.62 -24.49 0.83
N SER E 99 24.69 -23.78 1.13
CA SER E 99 26.04 -24.34 1.10
C SER E 99 26.82 -23.91 2.33
N TRP E 100 27.70 -24.79 2.79
CA TRP E 100 28.55 -24.53 3.94
C TRP E 100 29.93 -25.12 3.69
N GLU E 101 30.95 -24.51 4.30
CA GLU E 101 32.33 -24.93 4.14
C GLU E 101 33.01 -24.90 5.51
N SER E 102 33.77 -25.94 5.84
CA SER E 102 34.45 -25.97 7.12
C SER E 102 35.73 -25.16 7.13
N ALA E 103 36.42 -25.10 5.99
CA ALA E 103 37.73 -24.45 6.00
C ALA E 103 37.65 -23.01 6.48
N SER E 104 36.65 -22.27 6.02
CA SER E 104 36.50 -20.87 6.37
C SER E 104 35.31 -20.60 7.27
N GLY E 105 34.24 -21.39 7.17
CA GLY E 105 33.06 -21.18 7.97
C GLY E 105 31.98 -20.34 7.31
N ILE E 106 32.14 -20.17 5.96
CA ILE E 106 31.18 -19.36 5.23
C ILE E 106 29.93 -20.16 4.88
N VAL E 107 28.78 -19.34 4.96
CA VAL E 107 27.47 -19.90 4.66
C VAL E 107 26.80 -19.13 3.53
N GLU E 108 26.25 -19.93 2.50
CA GLU E 108 25.53 -19.26 1.42
C GLU E 108 24.12 -19.79 1.36
N PHE E 109 23.16 -18.91 1.22
CA PHE E 109 21.78 -19.35 1.04
C PHE E 109 21.19 -18.65 -0.15
N TRP E 110 20.44 -19.35 -0.93
CA TRP E 110 19.82 -18.88 -2.16
C TRP E 110 18.37 -19.32 -2.18
N VAL E 111 17.47 -18.37 -2.41
CA VAL E 111 16.04 -18.64 -2.59
C VAL E 111 15.63 -18.05 -3.92
N ASP E 112 15.07 -18.88 -4.80
CA ASP E 112 14.60 -18.44 -6.11
C ASP E 112 15.68 -17.68 -6.86
N GLY E 113 16.91 -18.16 -6.75
CA GLY E 113 18.02 -17.59 -7.50
C GLY E 113 18.66 -16.38 -6.85
N LYS E 114 17.89 -15.61 -6.09
CA LYS E 114 18.42 -14.42 -5.45
C LYS E 114 19.28 -14.82 -4.26
N PRO E 115 20.56 -14.46 -4.22
CA PRO E 115 21.40 -14.83 -3.08
C PRO E 115 21.19 -13.92 -1.88
N ARG E 116 21.50 -14.46 -0.70
CA ARG E 116 21.49 -13.71 0.54
C ARG E 116 22.91 -13.47 1.02
N VAL E 117 23.07 -12.43 1.85
CA VAL E 117 24.38 -12.08 2.35
C VAL E 117 25.01 -13.29 3.04
N ARG E 118 26.34 -13.40 2.92
CA ARG E 118 27.05 -14.51 3.54
C ARG E 118 27.19 -14.31 5.04
N LYS E 119 27.48 -15.39 5.74
CA LYS E 119 27.64 -15.35 7.19
C LYS E 119 28.61 -16.44 7.62
N SER E 120 29.08 -16.32 8.86
CA SER E 120 30.04 -17.25 9.43
C SER E 120 29.37 -18.12 10.47
N LEU E 121 29.73 -19.40 10.49
CA LEU E 121 29.08 -20.35 11.39
C LEU E 121 29.87 -21.62 11.63
N LYS E 122 30.34 -21.86 12.84
CA LYS E 122 31.01 -23.11 13.21
C LYS E 122 32.21 -23.39 12.32
N LYS E 123 33.20 -22.50 12.42
CA LYS E 123 34.44 -22.68 11.67
C LYS E 123 35.25 -23.84 12.25
N GLY E 124 35.91 -24.59 11.37
CA GLY E 124 36.79 -25.66 11.78
C GLY E 124 36.12 -26.96 12.17
N TYR E 125 34.80 -27.04 12.08
CA TYR E 125 34.08 -28.24 12.47
C TYR E 125 34.17 -29.29 11.37
N THR E 126 33.76 -30.51 11.72
CA THR E 126 33.62 -31.60 10.77
C THR E 126 32.27 -32.28 11.02
N VAL E 127 31.76 -32.95 9.98
CA VAL E 127 30.44 -33.56 10.00
C VAL E 127 30.61 -35.07 9.93
N GLY E 128 29.90 -35.78 10.79
CA GLY E 128 30.00 -37.23 10.80
C GLY E 128 29.54 -37.84 9.48
N ALA E 129 30.17 -38.96 9.12
CA ALA E 129 29.88 -39.60 7.84
C ALA E 129 28.58 -40.38 7.91
N GLU E 130 28.54 -41.41 8.75
CA GLU E 130 27.30 -42.18 8.92
C GLU E 130 26.23 -41.30 9.53
N ALA E 131 25.03 -41.35 8.95
CA ALA E 131 23.95 -40.47 9.40
C ALA E 131 22.64 -40.96 8.81
N SER E 132 21.55 -40.43 9.34
CA SER E 132 20.20 -40.71 8.88
C SER E 132 19.57 -39.43 8.35
N ILE E 133 19.01 -39.51 7.15
CA ILE E 133 18.40 -38.36 6.48
C ILE E 133 16.90 -38.62 6.36
N ILE E 134 16.10 -37.65 6.79
CA ILE E 134 14.66 -37.80 6.87
C ILE E 134 13.98 -36.56 6.31
N LEU E 135 12.89 -36.78 5.59
CA LEU E 135 11.98 -35.73 5.14
C LEU E 135 10.61 -36.00 5.73
N GLY E 136 10.01 -34.95 6.30
CA GLY E 136 8.68 -35.00 6.87
C GLY E 136 8.64 -34.74 8.36
N GLN E 137 9.56 -35.34 9.11
CA GLN E 137 9.57 -35.23 10.57
C GLN E 137 10.94 -34.76 11.02
N GLU E 138 10.90 -33.91 12.10
CA GLU E 138 12.12 -33.45 12.71
C GLU E 138 12.68 -34.58 13.54
N GLN E 139 14.03 -34.58 13.74
CA GLN E 139 14.67 -35.61 14.54
C GLN E 139 15.17 -35.03 15.84
N ASP E 140 14.75 -35.65 16.95
CA ASP E 140 15.33 -35.38 18.26
C ASP E 140 16.10 -36.58 18.79
N SER E 141 16.14 -37.67 18.01
CA SER E 141 16.97 -38.83 18.30
C SER E 141 17.37 -39.44 16.97
N PHE E 142 18.17 -40.51 17.03
CA PHE E 142 18.69 -41.12 15.82
C PHE E 142 17.57 -41.89 15.13
N GLY E 143 16.80 -41.18 14.31
CA GLY E 143 15.72 -41.80 13.58
C GLY E 143 14.49 -42.09 14.40
N GLY E 144 14.17 -41.24 15.36
CA GLY E 144 12.99 -41.46 16.18
C GLY E 144 12.68 -40.25 17.02
N ASN E 145 11.65 -40.36 17.86
CA ASN E 145 11.26 -39.24 18.72
C ASN E 145 10.83 -38.06 17.86
N PHE E 146 9.81 -38.25 17.04
CA PHE E 146 9.31 -37.15 16.24
C PHE E 146 8.25 -36.37 17.01
N GLU E 147 8.05 -35.12 16.59
CA GLU E 147 7.08 -34.22 17.22
C GLU E 147 6.05 -33.81 16.19
N GLY E 148 4.77 -34.00 16.52
CA GLY E 148 3.72 -33.62 15.59
C GLY E 148 3.77 -32.14 15.24
N SER E 149 4.07 -31.30 16.22
CA SER E 149 4.11 -29.85 15.98
C SER E 149 5.29 -29.43 15.14
N GLN E 150 6.23 -30.32 14.89
CA GLN E 150 7.37 -30.04 14.03
C GLN E 150 7.27 -30.77 12.69
N SER E 151 6.15 -31.42 12.39
CA SER E 151 6.01 -32.14 11.15
C SER E 151 5.76 -31.18 9.99
N LEU E 152 5.77 -31.75 8.77
CA LEU E 152 5.57 -30.99 7.55
C LEU E 152 4.39 -31.55 6.79
N VAL E 153 3.56 -30.67 6.24
CA VAL E 153 2.41 -31.04 5.42
C VAL E 153 2.54 -30.32 4.09
N GLY E 154 2.58 -31.07 3.01
CA GLY E 154 2.70 -30.48 1.70
C GLY E 154 3.52 -31.37 0.77
N ASP E 155 4.12 -30.73 -0.23
CA ASP E 155 4.90 -31.46 -1.21
C ASP E 155 6.37 -31.13 -1.13
N ILE E 156 7.20 -32.07 -1.51
CA ILE E 156 8.66 -31.89 -1.50
C ILE E 156 9.27 -32.70 -2.64
N GLY E 157 10.39 -32.23 -3.15
CA GLY E 157 11.05 -32.94 -4.23
C GLY E 157 12.33 -32.26 -4.67
N ASN E 158 12.94 -32.85 -5.69
CA ASN E 158 14.16 -32.33 -6.29
C ASN E 158 15.26 -32.13 -5.25
N VAL E 159 15.30 -33.27 -4.37
CA VAL E 159 16.29 -33.30 -3.29
C VAL E 159 17.67 -33.71 -3.78
N ASN E 160 18.70 -32.72 -3.61
CA ASN E 160 20.03 -33.10 -4.09
C ASN E 160 21.07 -32.42 -3.21
N MET E 161 22.23 -33.07 -3.09
CA MET E 161 23.30 -32.48 -2.34
C MET E 161 24.67 -32.98 -2.75
N TRP E 162 25.59 -32.05 -3.02
CA TRP E 162 26.96 -32.36 -3.36
C TRP E 162 27.79 -32.41 -2.08
N ASP E 163 29.11 -32.42 -2.20
CA ASP E 163 29.97 -32.36 -1.01
C ASP E 163 31.06 -31.32 -1.25
N PHE E 164 30.74 -30.27 -1.98
CA PHE E 164 31.67 -29.16 -2.19
C PHE E 164 30.87 -27.94 -2.63
N VAL E 165 31.31 -26.76 -2.18
CA VAL E 165 30.59 -25.54 -2.49
C VAL E 165 30.52 -25.35 -4.00
N LEU E 166 29.36 -24.85 -4.46
CA LEU E 166 29.17 -24.57 -5.87
C LEU E 166 29.30 -23.10 -6.15
N SER E 167 29.87 -22.75 -7.30
CA SER E 167 30.00 -21.36 -7.69
C SER E 167 28.64 -20.79 -8.10
N PRO E 168 28.49 -19.46 -8.01
CA PRO E 168 27.17 -18.91 -8.32
C PRO E 168 26.73 -19.35 -9.70
N ASP E 169 27.66 -19.44 -10.65
CA ASP E 169 27.32 -19.89 -11.98
C ASP E 169 26.52 -21.17 -11.89
N GLU E 170 26.96 -22.11 -11.22
CA GLU E 170 26.41 -23.45 -11.08
C GLU E 170 25.05 -23.42 -10.39
N ILE E 171 24.89 -22.58 -9.36
CA ILE E 171 23.61 -22.46 -8.70
C ILE E 171 22.56 -21.94 -9.68
N ASN E 172 22.92 -20.95 -10.48
CA ASN E 172 21.98 -20.44 -11.47
C ASN E 172 21.59 -21.52 -12.46
N THR E 173 22.54 -22.37 -12.83
CA THR E 173 22.25 -23.43 -13.79
C THR E 173 21.27 -24.39 -13.15
N ILE E 174 21.53 -24.75 -11.89
CA ILE E 174 20.60 -25.64 -11.19
C ILE E 174 19.21 -25.04 -11.17
N TYR E 175 18.99 -23.86 -10.91
CA TYR E 175 17.67 -23.27 -10.88
C TYR E 175 17.03 -23.31 -12.26
N LEU E 176 17.89 -22.99 -13.33
CA LEU E 176 17.34 -23.06 -14.67
C LEU E 176 16.96 -24.48 -15.08
N GLY E 177 17.38 -25.49 -14.32
CA GLY E 177 17.03 -26.86 -14.62
C GLY E 177 17.92 -27.56 -15.63
N GLY E 178 19.10 -27.01 -15.92
CA GLY E 178 20.02 -27.65 -16.83
C GLY E 178 20.51 -28.98 -16.29
N PRO E 179 21.50 -29.57 -16.95
CA PRO E 179 22.07 -30.83 -16.45
C PRO E 179 23.02 -30.61 -15.30
N PHE E 180 23.10 -31.62 -14.43
CA PHE E 180 24.03 -31.58 -13.31
C PHE E 180 24.36 -33.00 -12.87
N SER E 181 25.41 -33.17 -12.08
CA SER E 181 25.89 -34.47 -11.62
C SER E 181 26.01 -34.44 -10.10
N PRO E 182 24.91 -34.66 -9.38
CA PRO E 182 24.99 -34.72 -7.92
C PRO E 182 25.91 -35.84 -7.46
N ASN E 183 26.53 -35.64 -6.30
CA ASN E 183 27.56 -36.54 -5.79
C ASN E 183 27.08 -37.40 -4.64
N VAL E 184 26.44 -36.82 -3.64
CA VAL E 184 26.04 -37.55 -2.43
C VAL E 184 24.61 -38.05 -2.52
N LEU E 185 23.69 -37.18 -2.95
CA LEU E 185 22.29 -37.56 -3.12
C LEU E 185 21.83 -37.12 -4.50
N ASN E 186 21.43 -38.09 -5.32
CA ASN E 186 21.00 -37.85 -6.70
C ASN E 186 19.51 -38.09 -6.80
N TRP E 187 18.76 -37.02 -7.09
CA TRP E 187 17.32 -37.17 -7.26
C TRP E 187 16.99 -38.13 -8.40
N ARG E 188 17.90 -38.29 -9.35
CA ARG E 188 17.67 -39.14 -10.50
C ARG E 188 18.06 -40.59 -10.26
N ALA E 189 18.86 -40.87 -9.23
CA ALA E 189 19.32 -42.21 -8.90
C ALA E 189 19.20 -42.45 -7.40
N LEU E 190 18.02 -42.14 -6.86
CA LEU E 190 17.82 -42.06 -5.42
C LEU E 190 17.34 -43.38 -4.83
N LYS E 191 17.61 -43.58 -3.54
CA LYS E 191 17.12 -44.70 -2.76
C LYS E 191 16.32 -44.16 -1.58
N TYR E 192 15.19 -44.81 -1.28
CA TYR E 192 14.33 -44.27 -0.24
C TYR E 192 13.48 -45.38 0.36
N GLU E 193 13.15 -45.21 1.64
CA GLU E 193 12.11 -45.97 2.32
C GLU E 193 11.03 -45.00 2.78
N VAL E 194 9.81 -45.52 2.93
CA VAL E 194 8.67 -44.69 3.32
C VAL E 194 7.97 -45.33 4.50
N GLN E 195 7.32 -44.51 5.32
CA GLN E 195 6.52 -44.98 6.44
C GLN E 195 5.31 -44.08 6.59
N GLY E 196 4.19 -44.68 6.94
CA GLY E 196 2.96 -43.93 7.13
C GLY E 196 2.32 -43.55 5.81
N GLU E 197 1.47 -42.52 5.87
CA GLU E 197 0.72 -42.05 4.71
C GLU E 197 1.59 -41.02 3.98
N VAL E 198 2.32 -41.50 2.98
CA VAL E 198 3.10 -40.65 2.08
C VAL E 198 2.86 -41.14 0.66
N PHE E 199 2.71 -40.20 -0.27
CA PHE E 199 2.35 -40.56 -1.63
C PHE E 199 3.34 -39.97 -2.62
N THR E 200 3.39 -40.57 -3.80
CA THR E 200 4.23 -40.10 -4.91
C THR E 200 3.31 -39.61 -6.02
N LYS E 201 3.48 -38.35 -6.42
CA LYS E 201 2.60 -37.75 -7.40
C LYS E 201 3.38 -36.81 -8.32
N PRO E 202 2.86 -36.53 -9.51
CA PRO E 202 3.53 -35.56 -10.37
C PRO E 202 3.66 -34.20 -9.69
N GLN E 203 4.78 -33.55 -9.92
CA GLN E 203 5.06 -32.27 -9.27
C GLN E 203 4.15 -31.18 -9.82
N LEU E 204 3.90 -30.18 -8.86
CA LEU E 204 3.07 -29.04 -9.22
C LEU E 204 3.89 -27.99 -9.93
N TRP E 205 5.00 -27.62 -9.44
CA TRP E 205 5.79 -26.52 -9.94
C TRP E 205 6.37 -26.87 -11.32
N PRO E 206 6.62 -25.86 -12.17
CA PRO E 206 7.17 -26.09 -13.51
C PRO E 206 8.41 -26.99 -13.49
N GLU F 3 29.46 -21.80 27.34
CA GLU F 3 28.21 -21.55 28.05
C GLU F 3 27.95 -20.06 28.17
N VAL F 4 26.68 -19.67 28.16
CA VAL F 4 26.30 -18.28 28.27
C VAL F 4 25.89 -17.98 29.72
N GLN F 5 26.60 -17.07 30.37
CA GLN F 5 26.32 -16.70 31.76
C GLN F 5 25.21 -15.65 31.78
N LEU F 6 24.01 -16.02 31.67
CA LEU F 6 22.92 -15.06 31.67
C LEU F 6 22.72 -14.54 33.08
N VAL F 7 22.47 -13.24 33.20
CA VAL F 7 22.24 -12.64 34.50
C VAL F 7 21.16 -11.59 34.37
N GLU F 8 20.01 -11.83 34.98
CA GLU F 8 18.89 -10.90 34.87
C GLU F 8 18.72 -10.12 36.17
N SER F 9 17.88 -9.22 36.25
CA SER F 9 17.70 -8.25 37.33
C SER F 9 16.50 -7.37 36.99
N GLY F 10 16.03 -6.63 37.99
CA GLY F 10 14.92 -5.70 37.81
C GLY F 10 13.57 -6.28 38.15
N GLY F 11 13.43 -6.85 39.35
CA GLY F 11 12.17 -7.40 39.77
C GLY F 11 11.97 -7.23 41.26
N GLY F 12 10.71 -7.33 41.68
CA GLY F 12 10.38 -7.19 43.09
C GLY F 12 8.89 -7.08 43.36
N LEU F 13 8.53 -6.14 44.26
CA LEU F 13 7.13 -5.96 44.62
C LEU F 13 6.59 -4.65 44.08
N VAL F 14 5.46 -4.70 43.42
CA VAL F 14 4.83 -3.53 42.82
C VAL F 14 3.32 -3.69 42.90
N GLN F 15 2.62 -2.51 42.90
CA GLN F 15 1.18 -2.59 42.88
C GLN F 15 0.62 -2.55 41.48
N ALA F 16 -0.71 -2.67 41.38
CA ALA F 16 -1.35 -2.60 40.08
C ALA F 16 -1.35 -1.18 39.55
N GLY F 17 -1.10 -1.04 38.25
CA GLY F 17 -1.08 0.27 37.63
C GLY F 17 0.28 0.92 37.53
N GLU F 18 1.35 0.15 37.76
CA GLU F 18 2.71 0.66 37.67
C GLU F 18 3.40 0.09 36.43
N SER F 19 4.70 0.39 36.31
CA SER F 19 5.51 -0.15 35.24
C SER F 19 6.89 -0.50 35.80
N LEU F 20 7.52 -1.49 35.18
CA LEU F 20 8.84 -1.93 35.61
C LEU F 20 9.69 -2.20 34.38
N ARG F 21 10.96 -1.78 34.43
CA ARG F 21 11.89 -2.06 33.33
C ARG F 21 12.97 -3.01 33.79
N LEU F 22 12.70 -4.30 33.66
CA LEU F 22 13.71 -5.30 34.04
C LEU F 22 14.75 -5.40 32.95
N SER F 23 15.79 -6.19 33.20
CA SER F 23 16.85 -6.33 32.23
C SER F 23 17.62 -7.62 32.48
N CYS F 24 18.39 -8.02 31.48
CA CYS F 24 19.30 -9.14 31.60
C CYS F 24 20.52 -8.90 30.72
N ALA F 25 21.62 -9.55 31.09
CA ALA F 25 22.88 -9.41 30.38
C ALA F 25 23.52 -10.78 30.22
N ALA F 26 24.38 -10.89 29.23
CA ALA F 26 25.06 -12.15 28.92
C ALA F 26 26.56 -11.92 28.82
N SER F 27 27.33 -12.98 29.06
CA SER F 27 28.77 -12.93 29.02
C SER F 27 29.33 -13.18 27.63
N THR F 28 28.53 -12.97 26.59
CA THR F 28 28.97 -13.20 25.22
C THR F 28 28.19 -12.29 24.29
N SER F 29 28.77 -12.06 23.11
CA SER F 29 28.13 -11.18 22.13
C SER F 29 26.75 -11.72 21.75
N ILE F 30 25.77 -10.83 21.71
CA ILE F 30 24.41 -11.17 21.32
C ILE F 30 24.09 -10.65 19.92
N PHE F 31 25.12 -10.43 19.10
CA PHE F 31 24.91 -9.82 17.79
C PHE F 31 24.06 -10.70 16.88
N ASP F 32 23.93 -11.97 17.16
CA ASP F 32 23.18 -12.85 16.26
C ASP F 32 22.01 -13.60 16.92
N ARG F 33 22.19 -14.04 18.16
CA ARG F 33 21.12 -14.73 18.88
C ARG F 33 20.00 -13.78 19.26
N LEU F 34 18.79 -14.32 19.32
CA LEU F 34 17.63 -13.53 19.70
C LEU F 34 17.27 -13.78 21.16
N MET F 35 16.61 -12.79 21.77
CA MET F 35 16.24 -12.91 23.17
C MET F 35 14.75 -12.83 23.38
N GLY F 36 14.24 -13.47 24.43
CA GLY F 36 12.83 -13.49 24.72
C GLY F 36 12.61 -13.63 26.22
N TRP F 37 11.34 -13.73 26.60
CA TRP F 37 10.96 -13.84 28.00
C TRP F 37 9.86 -14.87 28.16
N TYR F 38 9.91 -15.63 29.24
CA TYR F 38 8.90 -16.61 29.57
C TYR F 38 8.37 -16.34 30.97
N ARG F 39 7.11 -16.43 31.16
CA ARG F 39 6.54 -16.25 32.46
C ARG F 39 5.81 -17.53 32.78
N GLN F 40 5.67 -17.84 34.02
CA GLN F 40 5.03 -19.06 34.50
C GLN F 40 4.13 -18.66 35.67
N ALA F 41 2.83 -18.78 35.49
CA ALA F 41 1.87 -18.52 36.55
C ALA F 41 1.76 -19.73 37.48
N PRO F 42 1.35 -19.51 38.72
CA PRO F 42 1.26 -20.63 39.67
C PRO F 42 0.33 -21.73 39.19
N GLY F 43 0.89 -22.89 38.85
CA GLY F 43 0.05 -24.00 38.40
C GLY F 43 0.15 -24.36 36.94
N LYS F 44 0.56 -23.40 36.11
CA LYS F 44 0.64 -23.64 34.67
C LYS F 44 2.09 -23.71 34.24
N GLN F 45 2.34 -23.84 32.96
CA GLN F 45 3.73 -23.99 32.51
C GLN F 45 4.41 -22.67 32.18
N ARG F 46 5.49 -22.74 31.41
CA ARG F 46 6.20 -21.55 30.97
C ARG F 46 5.58 -21.08 29.65
N GLU F 47 5.08 -19.85 29.67
CA GLU F 47 4.46 -19.30 28.48
C GLU F 47 5.28 -18.16 27.92
N LEU F 48 5.30 -18.07 26.59
CA LEU F 48 6.04 -16.99 25.94
C LEU F 48 5.41 -15.66 26.18
N ALA F 49 6.23 -14.64 26.34
CA ALA F 49 5.74 -13.28 26.51
C ALA F 49 6.13 -12.39 25.34
N ALA F 50 7.41 -12.32 25.00
CA ALA F 50 7.88 -11.50 23.90
C ALA F 50 9.34 -11.80 23.65
N PHE F 51 9.78 -11.52 22.42
CA PHE F 51 11.17 -11.74 22.05
C PHE F 51 11.55 -10.80 20.92
N ILE F 52 12.76 -10.59 20.67
CA ILE F 52 13.20 -9.70 19.61
C ILE F 52 14.29 -10.40 18.81
N THR F 53 14.20 -10.31 17.48
CA THR F 53 15.19 -10.95 16.63
C THR F 53 16.47 -10.14 16.53
N PRO F 54 17.54 -10.77 16.02
CA PRO F 54 18.78 -10.01 15.82
C PRO F 54 18.63 -8.83 14.87
N SER F 55 17.80 -9.00 13.85
CA SER F 55 17.57 -7.92 12.90
C SER F 55 16.89 -6.73 13.56
N GLY F 56 15.95 -7.00 14.48
CA GLY F 56 15.25 -5.94 15.16
C GLY F 56 13.76 -6.21 15.25
N ARG F 57 13.27 -7.15 14.46
CA ARG F 57 11.85 -7.48 14.49
C ARG F 57 11.46 -7.99 15.87
N THR F 58 10.26 -7.61 16.31
CA THR F 58 9.79 -7.91 17.65
C THR F 58 8.52 -8.74 17.59
N THR F 59 8.33 -9.58 18.56
CA THR F 59 7.12 -10.39 18.65
C THR F 59 6.64 -10.29 20.09
N TYR F 60 5.37 -10.19 20.32
CA TYR F 60 4.78 -10.03 21.63
C TYR F 60 3.65 -11.04 21.83
N ALA F 61 3.49 -11.48 23.07
CA ALA F 61 2.37 -12.34 23.41
C ALA F 61 1.06 -11.59 23.26
N ASP F 62 0.01 -12.32 22.89
CA ASP F 62 -1.27 -11.68 22.61
C ASP F 62 -1.83 -10.96 23.84
N SER F 63 -1.74 -11.59 25.02
CA SER F 63 -2.33 -11.01 26.21
C SER F 63 -1.72 -9.66 26.56
N VAL F 64 -0.38 -9.57 26.48
CA VAL F 64 0.33 -8.37 26.88
C VAL F 64 0.50 -7.44 25.68
N LYS F 65 -0.23 -7.73 24.59
CA LYS F 65 -0.12 -6.92 23.38
C LYS F 65 -0.39 -5.46 23.68
N GLY F 66 0.48 -4.58 23.17
CA GLY F 66 0.32 -3.16 23.38
C GLY F 66 0.66 -2.67 24.77
N ARG F 67 1.22 -3.53 25.62
CA ARG F 67 1.56 -3.17 26.99
C ARG F 67 3.06 -3.25 27.26
N PHE F 68 3.69 -4.39 26.95
CA PHE F 68 5.10 -4.58 27.20
C PHE F 68 5.91 -3.99 26.04
N THR F 69 7.23 -4.05 26.17
CA THR F 69 8.13 -3.60 25.11
C THR F 69 9.55 -4.08 25.38
N ILE F 70 10.15 -4.69 24.35
CA ILE F 70 11.50 -5.21 24.51
C ILE F 70 12.52 -4.37 23.75
N SER F 71 13.77 -4.40 24.18
CA SER F 71 14.83 -3.65 23.55
C SER F 71 16.14 -4.40 23.74
N ARG F 72 17.10 -4.11 22.85
CA ARG F 72 18.36 -4.83 22.83
C ARG F 72 19.50 -3.85 22.63
N ASP F 73 20.70 -4.23 23.09
CA ASP F 73 21.88 -3.38 22.88
C ASP F 73 23.12 -4.25 22.68
N ASN F 74 23.63 -4.32 21.46
CA ASN F 74 24.82 -5.11 21.20
C ASN F 74 25.99 -4.55 22.00
N SER F 75 26.11 -3.32 22.18
CA SER F 75 27.28 -2.65 22.71
C SER F 75 27.65 -3.18 24.08
N VAL F 76 26.67 -3.42 24.93
CA VAL F 76 26.87 -3.99 26.26
C VAL F 76 26.40 -5.42 26.34
N ASN F 77 25.80 -5.96 25.28
CA ASN F 77 25.32 -7.34 25.27
C ASN F 77 24.21 -7.54 26.30
N THR F 78 23.21 -6.65 26.26
CA THR F 78 22.15 -6.67 27.26
C THR F 78 20.80 -6.39 26.62
N VAL F 79 19.77 -7.03 27.14
CA VAL F 79 18.40 -6.86 26.67
C VAL F 79 17.55 -6.38 27.83
N TYR F 80 16.46 -5.60 27.35
CA TYR F 80 15.56 -5.02 28.31
C TYR F 80 14.10 -5.22 27.99
N LEU F 81 13.30 -5.36 29.06
CA LEU F 81 11.86 -5.51 28.91
C LEU F 81 11.13 -4.59 29.86
N GLN F 82 10.30 -3.71 29.33
CA GLN F 82 9.52 -2.76 30.12
C GLN F 82 8.05 -3.15 30.03
N MET F 83 7.44 -3.36 31.20
CA MET F 83 6.03 -3.67 31.26
C MET F 83 5.31 -2.49 31.88
N ASP F 84 4.24 -2.07 31.21
CA ASP F 84 3.49 -0.93 31.71
C ASP F 84 2.11 -1.35 32.14
N SER F 85 1.47 -0.53 32.96
CA SER F 85 0.13 -0.84 33.44
C SER F 85 0.07 -2.27 33.95
N LEU F 86 0.95 -2.57 34.89
CA LEU F 86 0.97 -3.90 35.49
C LEU F 86 -0.34 -4.19 36.18
N LYS F 87 -0.78 -5.43 36.09
CA LYS F 87 -2.02 -5.85 36.73
C LYS F 87 -1.80 -7.13 37.51
N PRO F 88 -2.64 -7.40 38.51
CA PRO F 88 -2.35 -8.53 39.41
C PRO F 88 -2.24 -9.87 38.71
N GLU F 89 -3.09 -10.13 37.72
CA GLU F 89 -3.04 -11.43 37.04
C GLU F 89 -1.73 -11.62 36.30
N ASP F 90 -1.09 -10.64 35.83
CA ASP F 90 0.19 -10.79 35.13
C ASP F 90 1.28 -11.26 36.10
N THR F 91 1.02 -11.07 37.43
CA THR F 91 2.00 -11.55 38.40
C THR F 91 2.33 -13.01 38.13
N ALA F 92 3.62 -13.32 38.07
CA ALA F 92 4.09 -14.68 37.83
C ALA F 92 5.60 -14.68 37.87
N ILE F 93 6.18 -15.87 37.80
CA ILE F 93 7.63 -16.04 37.75
C ILE F 93 8.08 -15.83 36.31
N TYR F 94 9.03 -14.92 36.11
CA TYR F 94 9.51 -14.56 34.78
C TYR F 94 10.89 -15.17 34.55
N PHE F 95 11.06 -15.83 33.40
CA PHE F 95 12.29 -16.50 33.05
C PHE F 95 12.95 -15.81 31.86
N CYS F 96 14.28 -15.85 31.83
CA CYS F 96 15.05 -15.28 30.73
C CYS F 96 15.22 -16.30 29.61
N TYR F 97 15.51 -15.79 28.42
CA TYR F 97 15.61 -16.66 27.27
C TYR F 97 16.81 -16.40 26.37
N TYR F 98 17.48 -17.46 25.98
CA TYR F 98 18.62 -17.38 25.07
C TYR F 98 18.39 -18.42 23.97
N ARG F 99 18.17 -17.96 22.74
CA ARG F 99 17.83 -18.88 21.67
C ARG F 99 19.01 -19.77 21.32
N LEU F 100 18.70 -20.99 20.90
CA LEU F 100 19.69 -21.95 20.43
C LEU F 100 19.00 -22.81 19.37
N ASN F 101 19.55 -23.99 19.08
CA ASN F 101 18.91 -24.91 18.14
C ASN F 101 17.44 -24.97 18.48
N PRO F 102 16.59 -25.24 17.50
CA PRO F 102 15.15 -25.13 17.77
C PRO F 102 14.70 -26.03 18.90
N ASP F 103 15.30 -27.22 19.03
CA ASP F 103 14.95 -28.10 20.14
C ASP F 103 15.34 -27.50 21.49
N GLN F 104 16.51 -26.89 21.57
CA GLN F 104 17.08 -26.46 22.84
C GLN F 104 17.06 -24.94 22.96
N ASN F 105 17.29 -24.45 24.18
CA ASN F 105 17.31 -23.01 24.46
C ASN F 105 17.80 -22.79 25.89
N TYR F 106 18.60 -21.76 26.08
CA TYR F 106 19.11 -21.47 27.41
C TYR F 106 18.05 -20.82 28.27
N TRP F 107 18.11 -21.08 29.56
CA TRP F 107 17.17 -20.48 30.49
C TRP F 107 17.92 -19.80 31.63
N GLY F 108 17.33 -18.73 32.15
CA GLY F 108 17.87 -18.04 33.30
C GLY F 108 17.28 -18.55 34.61
N GLN F 109 17.71 -17.95 35.72
CA GLN F 109 17.21 -18.38 37.01
C GLN F 109 15.78 -17.92 37.23
N GLY F 110 15.35 -16.90 36.50
CA GLY F 110 14.01 -16.37 36.69
C GLY F 110 13.91 -15.50 37.92
N THR F 111 13.03 -14.50 37.86
CA THR F 111 12.82 -13.59 38.98
C THR F 111 11.34 -13.39 39.22
N GLN F 112 10.91 -13.47 40.48
CA GLN F 112 9.50 -13.35 40.81
C GLN F 112 9.07 -11.89 40.76
N VAL F 113 7.97 -11.59 40.17
CA VAL F 113 7.43 -10.25 40.13
C VAL F 113 5.97 -10.38 40.57
N THR F 114 5.64 -9.97 41.73
CA THR F 114 4.31 -10.06 42.34
C THR F 114 3.66 -8.68 42.26
N VAL F 115 2.65 -8.54 41.42
CA VAL F 115 1.92 -7.28 41.31
C VAL F 115 0.62 -7.40 42.08
N SER F 116 0.55 -6.73 43.22
CA SER F 116 -0.64 -6.73 44.06
C SER F 116 -1.65 -5.72 43.54
N SER F 117 -2.69 -5.44 44.33
CA SER F 117 -3.72 -4.49 43.94
C SER F 117 -3.13 -3.14 43.56
N GLN G 1 51.15 -7.18 -9.29
CA GLN G 1 49.72 -6.91 -9.39
C GLN G 1 48.86 -8.15 -9.36
N THR G 2 47.52 -7.89 -9.43
CA THR G 2 46.54 -8.96 -9.41
C THR G 2 45.25 -8.54 -10.10
N ASP G 3 44.50 -9.53 -10.60
CA ASP G 3 43.23 -9.24 -11.20
C ASP G 3 42.12 -9.84 -10.37
N MET G 4 41.20 -9.02 -9.91
CA MET G 4 40.11 -9.46 -9.06
C MET G 4 38.82 -9.72 -9.84
N SER G 5 38.88 -9.74 -11.18
CA SER G 5 37.67 -9.87 -11.98
C SER G 5 36.83 -11.04 -11.48
N ARG G 6 35.53 -10.78 -11.31
CA ARG G 6 34.59 -11.78 -10.81
C ARG G 6 34.99 -12.29 -9.43
N LYS G 7 35.60 -11.43 -8.61
CA LYS G 7 35.96 -11.79 -7.24
C LYS G 7 35.74 -10.58 -6.35
N ALA G 8 35.56 -10.84 -5.04
CA ALA G 8 35.21 -9.80 -4.10
C ALA G 8 35.70 -10.16 -2.71
N PHE G 9 35.82 -9.14 -1.87
CA PHE G 9 36.23 -9.28 -0.49
C PHE G 9 35.02 -9.48 0.40
N VAL G 10 35.16 -10.36 1.40
CA VAL G 10 34.09 -10.75 2.29
C VAL G 10 34.56 -10.56 3.73
N PHE G 11 33.79 -9.80 4.51
CA PHE G 11 33.95 -9.70 5.95
C PHE G 11 32.75 -10.37 6.60
N PRO G 12 32.89 -11.56 7.19
CA PRO G 12 31.72 -12.30 7.67
C PRO G 12 31.29 -11.95 9.08
N LYS G 13 32.21 -11.44 9.90
CA LYS G 13 31.97 -11.21 11.31
C LYS G 13 32.25 -9.76 11.67
N GLU G 14 31.49 -9.24 12.62
CA GLU G 14 31.70 -7.90 13.14
C GLU G 14 32.90 -7.91 14.06
N SER G 15 33.89 -7.08 13.73
CA SER G 15 35.09 -7.01 14.53
C SER G 15 35.75 -5.67 14.35
N ASP G 16 36.76 -5.40 15.15
CA ASP G 16 37.55 -4.17 15.06
C ASP G 16 39.01 -4.45 14.67
N THR G 17 39.25 -5.57 14.01
CA THR G 17 40.59 -5.94 13.59
C THR G 17 40.71 -6.36 12.14
N SER G 18 39.61 -6.76 11.49
CA SER G 18 39.67 -7.16 10.09
C SER G 18 39.55 -5.94 9.19
N TYR G 19 40.40 -5.87 8.17
CA TYR G 19 40.35 -4.74 7.25
C TYR G 19 41.29 -4.99 6.08
N VAL G 20 41.01 -4.32 4.97
CA VAL G 20 41.83 -4.40 3.77
C VAL G 20 42.40 -3.02 3.48
N SER G 21 43.71 -2.94 3.27
CA SER G 21 44.40 -1.69 2.98
C SER G 21 44.84 -1.69 1.53
N LEU G 22 44.52 -0.60 0.82
CA LEU G 22 44.87 -0.45 -0.57
C LEU G 22 46.02 0.55 -0.71
N LYS G 23 46.72 0.45 -1.84
CA LYS G 23 47.84 1.33 -2.15
C LYS G 23 47.67 1.89 -3.55
N ALA G 24 48.04 3.16 -3.73
CA ALA G 24 47.93 3.83 -5.01
C ALA G 24 49.25 4.48 -5.37
N PRO G 25 49.54 4.61 -6.68
CA PRO G 25 50.78 5.27 -7.08
C PRO G 25 50.65 6.78 -7.17
N LEU G 26 49.58 7.31 -6.58
CA LEU G 26 49.30 8.74 -6.67
C LEU G 26 50.48 9.55 -6.12
N THR G 27 50.83 10.62 -6.85
CA THR G 27 51.94 11.48 -6.44
C THR G 27 51.51 12.94 -6.38
N LYS G 28 50.54 13.31 -7.22
CA LYS G 28 50.10 14.70 -7.30
C LYS G 28 48.84 14.92 -6.48
N PRO G 29 48.72 16.01 -5.73
CA PRO G 29 47.47 16.27 -5.02
C PRO G 29 46.30 16.40 -5.98
N LEU G 30 45.14 15.92 -5.54
CA LEU G 30 43.99 15.91 -6.42
C LEU G 30 43.17 17.16 -6.44
N LYS G 31 42.74 17.56 -7.62
CA LYS G 31 41.82 18.68 -7.77
C LYS G 31 40.41 18.25 -8.12
N ALA G 32 40.22 16.98 -8.48
CA ALA G 32 38.91 16.42 -8.81
C ALA G 32 39.07 14.93 -8.97
N PHE G 33 38.03 14.18 -8.63
CA PHE G 33 38.12 12.73 -8.65
C PHE G 33 36.73 12.12 -8.74
N THR G 34 36.69 10.82 -9.03
CA THR G 34 35.49 10.02 -8.94
C THR G 34 35.86 8.64 -8.47
N VAL G 35 34.92 7.97 -7.82
CA VAL G 35 35.12 6.62 -7.31
C VAL G 35 33.83 5.84 -7.49
N CYS G 36 33.96 4.60 -7.94
CA CYS G 36 32.84 3.70 -8.15
C CYS G 36 33.10 2.39 -7.42
N LEU G 37 32.03 1.72 -6.99
CA LEU G 37 32.21 0.44 -6.33
C LEU G 37 30.87 -0.30 -6.27
N HIS G 38 30.93 -1.52 -5.74
CA HIS G 38 29.75 -2.34 -5.63
C HIS G 38 29.86 -3.03 -4.30
N PHE G 39 28.77 -3.09 -3.54
CA PHE G 39 28.81 -3.67 -2.21
C PHE G 39 27.44 -4.23 -1.85
N TYR G 40 27.43 -5.12 -0.87
CA TYR G 40 26.23 -5.85 -0.48
C TYR G 40 26.30 -6.16 1.01
N THR G 41 25.32 -5.67 1.76
CA THR G 41 25.21 -5.95 3.19
C THR G 41 23.78 -5.65 3.62
N GLU G 42 23.45 -6.07 4.84
CA GLU G 42 22.10 -5.91 5.36
C GLU G 42 22.07 -5.12 6.66
N LEU G 43 23.20 -4.59 7.12
CA LEU G 43 23.23 -3.80 8.34
C LEU G 43 22.52 -2.46 8.20
N SER G 44 22.13 -2.17 6.83
CA SER G 44 21.50 -0.89 6.55
C SER G 44 20.42 -0.53 7.57
N SER G 45 19.64 -1.41 7.99
CA SER G 45 18.45 -1.20 8.81
C SER G 45 18.72 -1.27 10.30
N THR G 46 19.98 -1.48 10.71
CA THR G 46 20.33 -1.61 12.11
C THR G 46 21.19 -0.48 12.63
N ARG G 47 22.32 -0.22 11.97
CA ARG G 47 23.24 0.83 12.42
C ARG G 47 24.03 1.33 11.22
N GLY G 48 24.60 2.52 11.38
CA GLY G 48 25.41 3.10 10.33
C GLY G 48 26.75 2.40 10.18
N TYR G 49 27.42 2.70 9.08
CA TYR G 49 28.71 2.07 8.81
C TYR G 49 29.43 2.80 7.70
N SER G 50 30.75 2.66 7.67
CA SER G 50 31.52 3.26 6.62
C SER G 50 31.63 2.32 5.44
N ILE G 51 32.02 2.85 4.29
CA ILE G 51 32.13 2.08 3.06
C ILE G 51 33.54 2.14 2.49
N PHE G 52 34.18 3.30 2.54
CA PHE G 52 35.46 3.50 1.87
C PHE G 52 36.16 4.65 2.57
N SER G 53 37.22 4.36 3.34
CA SER G 53 37.87 5.37 4.17
C SER G 53 39.19 5.77 3.54
N TYR G 54 39.28 7.02 3.11
CA TYR G 54 40.50 7.59 2.53
C TYR G 54 40.97 8.67 3.48
N ALA G 55 42.00 8.36 4.27
CA ALA G 55 42.45 9.24 5.34
C ALA G 55 43.87 9.72 5.08
N THR G 56 44.17 10.92 5.56
CA THR G 56 45.49 11.50 5.48
C THR G 56 45.95 11.92 6.87
N LYS G 57 47.27 12.10 7.01
CA LYS G 57 47.82 12.38 8.34
C LYS G 57 47.18 13.60 8.97
N ARG G 58 46.80 14.57 8.14
CA ARG G 58 46.20 15.80 8.65
C ARG G 58 44.69 15.68 8.82
N GLN G 59 44.11 14.63 8.24
CA GLN G 59 42.66 14.46 8.26
C GLN G 59 42.22 13.01 8.30
N ASP G 60 41.61 12.55 9.39
CA ASP G 60 41.11 11.17 9.41
C ASP G 60 39.96 10.97 8.44
N ASN G 61 39.37 12.05 7.93
CA ASN G 61 38.19 11.96 7.07
C ASN G 61 38.38 12.81 5.82
N GLU G 62 39.52 12.64 5.15
CA GLU G 62 39.77 13.37 3.91
C GLU G 62 38.66 13.10 2.90
N ILE G 63 38.33 11.83 2.69
CA ILE G 63 37.19 11.43 1.87
C ILE G 63 36.50 10.29 2.59
N LEU G 64 35.20 10.34 2.71
CA LEU G 64 34.48 9.30 3.41
C LEU G 64 33.07 9.06 2.93
N ILE G 65 32.74 7.86 2.62
CA ILE G 65 31.41 7.42 2.24
C ILE G 65 30.83 6.67 3.43
N PHE G 66 29.68 7.13 3.93
CA PHE G 66 29.09 6.56 5.12
C PHE G 66 27.60 6.33 4.89
N TRP G 67 27.04 5.41 5.67
CA TRP G 67 25.60 5.17 5.71
C TRP G 67 25.12 5.40 7.13
N SER G 68 24.13 6.27 7.28
CA SER G 68 23.55 6.61 8.57
C SER G 68 22.11 6.12 8.61
N LYS G 69 21.79 5.30 9.60
CA LYS G 69 20.47 4.69 9.67
C LYS G 69 19.38 5.76 9.71
N ASP G 70 18.33 5.60 8.90
CA ASP G 70 17.23 6.57 8.86
C ASP G 70 17.62 7.90 8.25
N ILE G 71 18.88 8.05 7.85
CA ILE G 71 19.33 9.28 7.20
C ILE G 71 19.63 9.03 5.73
N GLY G 72 20.56 8.12 5.44
CA GLY G 72 20.93 7.82 4.08
C GLY G 72 22.43 7.80 3.86
N TYR G 73 22.86 8.29 2.70
CA TYR G 73 24.27 8.32 2.35
C TYR G 73 24.87 9.65 2.76
N SER G 74 26.04 9.60 3.37
CA SER G 74 26.75 10.80 3.79
C SER G 74 28.10 10.85 3.08
N PHE G 75 28.29 11.82 2.22
CA PHE G 75 29.52 12.01 1.48
C PHE G 75 30.28 13.16 2.14
N THR G 76 31.44 12.82 2.72
CA THR G 76 32.20 13.81 3.45
C THR G 76 33.56 14.06 2.84
N VAL G 77 33.91 15.38 2.78
CA VAL G 77 35.19 15.78 2.25
C VAL G 77 35.75 16.92 3.08
N GLY G 78 37.07 16.82 3.42
CA GLY G 78 37.68 17.87 4.22
C GLY G 78 37.02 18.05 5.57
N GLY G 79 36.39 17.01 6.10
CA GLY G 79 35.74 17.09 7.39
C GLY G 79 34.34 17.65 7.37
N SER G 80 33.75 17.85 6.21
CA SER G 80 32.40 18.39 6.09
C SER G 80 31.54 17.44 5.28
N GLU G 81 30.29 17.28 5.69
CA GLU G 81 29.45 16.32 5.02
C GLU G 81 28.30 16.86 4.24
N ILE G 82 27.81 16.02 3.32
CA ILE G 82 26.67 16.36 2.51
C ILE G 82 25.80 15.12 2.62
N LEU G 83 24.48 15.27 2.61
CA LEU G 83 23.58 14.14 2.82
C LEU G 83 22.72 13.90 1.58
N PHE G 84 22.50 12.62 1.29
CA PHE G 84 21.53 12.18 0.30
C PHE G 84 20.57 11.22 0.99
N GLU G 85 19.31 11.63 1.08
CA GLU G 85 18.34 10.87 1.85
C GLU G 85 17.88 9.64 1.09
N VAL G 86 17.29 8.70 1.83
CA VAL G 86 16.71 7.49 1.28
C VAL G 86 15.52 7.10 2.16
N PRO G 87 14.29 7.40 1.77
CA PRO G 87 13.16 7.13 2.69
C PRO G 87 13.07 5.68 3.11
N GLU G 88 13.38 4.74 2.22
CA GLU G 88 13.40 3.33 2.56
C GLU G 88 14.52 2.66 1.77
N VAL G 89 15.02 1.56 2.31
CA VAL G 89 16.19 0.88 1.77
C VAL G 89 15.78 -0.51 1.33
N THR G 90 16.21 -0.89 0.13
CA THR G 90 16.00 -2.25 -0.36
C THR G 90 17.13 -3.15 0.10
N VAL G 91 16.92 -4.45 -0.05
CA VAL G 91 17.89 -5.46 0.35
C VAL G 91 18.38 -6.16 -0.90
N ALA G 92 19.51 -5.70 -1.43
CA ALA G 92 20.11 -6.30 -2.62
C ALA G 92 21.45 -5.60 -2.86
N PRO G 93 22.33 -6.22 -3.63
CA PRO G 93 23.61 -5.56 -3.92
C PRO G 93 23.39 -4.23 -4.62
N VAL G 94 24.24 -3.26 -4.30
CA VAL G 94 24.11 -1.91 -4.84
C VAL G 94 25.45 -1.45 -5.37
N HIS G 95 25.41 -0.77 -6.52
CA HIS G 95 26.58 -0.20 -7.17
C HIS G 95 26.44 1.31 -7.19
N ILE G 96 27.51 1.99 -6.78
CA ILE G 96 27.47 3.43 -6.69
C ILE G 96 28.64 4.10 -7.36
N CYS G 97 28.49 5.38 -7.65
CA CYS G 97 29.53 6.18 -8.30
C CYS G 97 29.40 7.61 -7.83
N THR G 98 30.46 8.14 -7.22
CA THR G 98 30.45 9.51 -6.72
C THR G 98 31.61 10.31 -7.29
N SER G 99 31.39 11.57 -7.61
CA SER G 99 32.41 12.42 -8.20
C SER G 99 32.39 13.80 -7.55
N TRP G 100 33.58 14.40 -7.44
CA TRP G 100 33.74 15.73 -6.87
C TRP G 100 34.78 16.49 -7.67
N GLU G 101 34.65 17.81 -7.68
CA GLU G 101 35.56 18.70 -8.42
C GLU G 101 35.88 19.91 -7.55
N SER G 102 37.15 20.30 -7.48
CA SER G 102 37.52 21.44 -6.68
C SER G 102 37.26 22.75 -7.37
N ALA G 103 37.38 22.78 -8.70
CA ALA G 103 37.29 24.06 -9.39
C ALA G 103 35.96 24.75 -9.11
N SER G 104 34.86 24.00 -9.14
CA SER G 104 33.53 24.57 -8.94
C SER G 104 32.90 24.14 -7.62
N GLY G 105 33.22 22.96 -7.12
CA GLY G 105 32.64 22.48 -5.89
C GLY G 105 31.41 21.61 -6.06
N ILE G 106 31.21 21.15 -7.34
CA ILE G 106 30.06 20.33 -7.63
C ILE G 106 30.29 18.88 -7.25
N VAL G 107 29.09 18.29 -6.73
CA VAL G 107 29.10 16.90 -6.31
C VAL G 107 28.07 16.10 -7.09
N GLU G 108 28.52 14.88 -7.63
CA GLU G 108 27.56 14.04 -8.32
C GLU G 108 27.50 12.68 -7.64
N PHE G 109 26.31 12.17 -7.43
CA PHE G 109 26.18 10.83 -6.88
C PHE G 109 25.23 10.04 -7.73
N TRP G 110 25.54 8.80 -7.98
CA TRP G 110 24.77 7.90 -8.82
C TRP G 110 24.63 6.57 -8.10
N VAL G 111 23.39 6.08 -8.00
CA VAL G 111 23.10 4.76 -7.46
C VAL G 111 22.30 4.00 -8.50
N ASP G 112 22.80 2.84 -8.90
CA ASP G 112 22.11 1.99 -9.88
C ASP G 112 21.76 2.77 -11.14
N GLY G 113 22.68 3.63 -11.56
CA GLY G 113 22.51 4.36 -12.81
C GLY G 113 21.70 5.63 -12.69
N LYS G 114 20.74 5.65 -11.76
CA LYS G 114 19.90 6.82 -11.60
C LYS G 114 20.69 7.93 -10.92
N PRO G 115 20.83 9.11 -11.52
CA PRO G 115 21.57 10.19 -10.87
C PRO G 115 20.74 10.92 -9.83
N ARG G 116 21.44 11.54 -8.89
CA ARG G 116 20.84 12.41 -7.89
C ARG G 116 21.18 13.86 -8.17
N VAL G 117 20.35 14.76 -7.64
CA VAL G 117 20.56 16.18 -7.87
C VAL G 117 21.96 16.57 -7.41
N ARG G 118 22.55 17.54 -8.11
CA ARG G 118 23.89 17.99 -7.78
C ARG G 118 23.86 18.90 -6.55
N LYS G 119 25.03 19.07 -5.94
CA LYS G 119 25.15 19.91 -4.76
C LYS G 119 26.55 20.50 -4.70
N SER G 120 26.71 21.50 -3.85
CA SER G 120 27.98 22.21 -3.69
C SER G 120 28.59 21.84 -2.35
N LEU G 121 29.92 21.68 -2.34
CA LEU G 121 30.61 21.25 -1.13
C LEU G 121 32.11 21.53 -1.13
N LYS G 122 32.58 22.40 -0.26
CA LYS G 122 34.01 22.66 -0.10
C LYS G 122 34.66 23.09 -1.41
N LYS G 123 34.23 24.25 -1.90
CA LYS G 123 34.81 24.81 -3.10
C LYS G 123 36.22 25.31 -2.84
N GLY G 124 37.10 25.14 -3.81
CA GLY G 124 38.45 25.66 -3.74
C GLY G 124 39.42 24.83 -2.93
N TYR G 125 38.99 23.70 -2.38
CA TYR G 125 39.85 22.87 -1.55
C TYR G 125 40.79 22.03 -2.41
N THR G 126 41.78 21.43 -1.76
CA THR G 126 42.66 20.46 -2.39
C THR G 126 42.80 19.26 -1.46
N VAL G 127 43.14 18.12 -2.05
CA VAL G 127 43.21 16.85 -1.33
C VAL G 127 44.67 16.39 -1.29
N GLY G 128 45.12 15.98 -0.10
CA GLY G 128 46.49 15.54 0.03
C GLY G 128 46.78 14.32 -0.83
N ALA G 129 48.03 14.24 -1.30
CA ALA G 129 48.42 13.16 -2.20
C ALA G 129 48.66 11.86 -1.43
N GLU G 130 49.65 11.87 -0.55
CA GLU G 130 49.91 10.69 0.27
C GLU G 130 48.73 10.44 1.20
N ALA G 131 48.28 9.19 1.26
CA ALA G 131 47.10 8.87 2.05
C ALA G 131 47.01 7.35 2.21
N SER G 132 46.14 6.94 3.12
CA SER G 132 45.86 5.53 3.38
C SER G 132 44.39 5.25 3.05
N ILE G 133 44.16 4.19 2.28
CA ILE G 133 42.83 3.81 1.83
C ILE G 133 42.49 2.46 2.46
N ILE G 134 41.32 2.38 3.10
CA ILE G 134 40.93 1.20 3.86
C ILE G 134 39.48 0.86 3.53
N LEU G 135 39.22 -0.45 3.44
CA LEU G 135 37.88 -1.01 3.34
C LEU G 135 37.64 -1.92 4.54
N GLY G 136 36.49 -1.74 5.19
CA GLY G 136 36.07 -2.54 6.32
C GLY G 136 35.92 -1.76 7.60
N GLN G 137 36.89 -0.89 7.91
CA GLN G 137 36.90 -0.13 9.16
C GLN G 137 37.01 1.35 8.85
N GLU G 138 36.27 2.13 9.71
CA GLU G 138 36.36 3.57 9.61
C GLU G 138 37.68 4.02 10.22
N GLN G 139 38.20 5.18 9.77
CA GLN G 139 39.46 5.69 10.29
C GLN G 139 39.20 6.93 11.13
N ASP G 140 39.69 6.91 12.36
CA ASP G 140 39.76 8.10 13.20
C ASP G 140 41.20 8.52 13.45
N SER G 141 42.15 7.80 12.89
CA SER G 141 43.56 8.17 12.90
C SER G 141 44.18 7.62 11.62
N PHE G 142 45.47 7.91 11.44
CA PHE G 142 46.15 7.51 10.20
C PHE G 142 46.40 6.01 10.23
N GLY G 143 45.39 5.26 9.78
CA GLY G 143 45.50 3.82 9.73
C GLY G 143 45.36 3.12 11.06
N GLY G 144 44.52 3.63 11.94
CA GLY G 144 44.34 3.01 13.24
C GLY G 144 43.16 3.61 13.97
N ASN G 145 42.93 3.15 15.19
CA ASN G 145 41.81 3.66 15.99
C ASN G 145 40.50 3.34 15.30
N PHE G 146 40.23 2.05 15.08
CA PHE G 146 38.96 1.67 14.47
C PHE G 146 37.90 1.48 15.55
N GLU G 147 36.64 1.59 15.13
CA GLU G 147 35.49 1.43 16.01
C GLU G 147 34.64 0.26 15.55
N GLY G 148 34.36 -0.66 16.46
CA GLY G 148 33.54 -1.81 16.09
C GLY G 148 32.18 -1.40 15.58
N SER G 149 31.58 -0.37 16.18
CA SER G 149 30.24 0.07 15.78
C SER G 149 30.23 0.75 14.44
N GLN G 150 31.41 1.07 13.89
CA GLN G 150 31.52 1.65 12.56
C GLN G 150 32.05 0.67 11.53
N SER G 151 32.20 -0.60 11.89
CA SER G 151 32.74 -1.58 10.96
C SER G 151 31.68 -1.98 9.94
N LEU G 152 32.11 -2.76 8.94
CA LEU G 152 31.24 -3.23 7.86
C LEU G 152 31.26 -4.75 7.82
N VAL G 153 30.09 -5.34 7.62
CA VAL G 153 29.95 -6.80 7.50
C VAL G 153 29.23 -7.07 6.18
N GLY G 154 29.87 -7.83 5.31
CA GLY G 154 29.26 -8.14 4.02
C GLY G 154 30.33 -8.26 2.95
N ASP G 155 29.90 -8.03 1.71
CA ASP G 155 30.80 -8.14 0.58
C ASP G 155 31.06 -6.81 -0.08
N ILE G 156 32.21 -6.67 -0.69
CA ILE G 156 32.60 -5.44 -1.38
C ILE G 156 33.49 -5.80 -2.56
N GLY G 157 33.44 -4.97 -3.60
CA GLY G 157 34.27 -5.24 -4.76
C GLY G 157 34.11 -4.17 -5.83
N ASN G 158 34.81 -4.39 -6.94
CA ASN G 158 34.75 -3.51 -8.10
C ASN G 158 35.06 -2.07 -7.72
N VAL G 159 36.18 -2.02 -6.83
CA VAL G 159 36.67 -0.73 -6.35
C VAL G 159 37.53 0.00 -7.38
N ASN G 160 37.03 1.26 -7.83
CA ASN G 160 37.84 1.95 -8.82
C ASN G 160 37.67 3.45 -8.63
N MET G 161 38.72 4.18 -8.99
CA MET G 161 38.63 5.62 -8.90
C MET G 161 39.58 6.34 -9.85
N TRP G 162 39.06 7.28 -10.62
CA TRP G 162 39.83 8.09 -11.53
C TRP G 162 40.29 9.36 -10.79
N ASP G 163 40.79 10.35 -11.52
CA ASP G 163 41.14 11.63 -10.89
C ASP G 163 40.58 12.76 -11.74
N PHE G 164 39.44 12.54 -12.37
CA PHE G 164 38.76 13.58 -13.11
C PHE G 164 37.30 13.18 -13.28
N VAL G 165 36.41 14.18 -13.24
CA VAL G 165 34.98 13.90 -13.33
C VAL G 165 34.66 13.19 -14.64
N LEU G 166 33.74 12.23 -14.56
CA LEU G 166 33.31 11.50 -15.74
C LEU G 166 31.98 12.00 -16.23
N SER G 167 31.78 12.03 -17.54
CA SER G 167 30.53 12.45 -18.12
C SER G 167 29.46 11.38 -17.91
N PRO G 168 28.18 11.79 -17.93
CA PRO G 168 27.15 10.79 -17.65
C PRO G 168 27.29 9.61 -18.59
N ASP G 169 27.66 9.87 -19.85
CA ASP G 169 27.86 8.80 -20.80
C ASP G 169 28.74 7.74 -20.18
N GLU G 170 29.81 8.06 -19.68
CA GLU G 170 30.86 7.20 -19.13
C GLU G 170 30.36 6.46 -17.90
N ILE G 171 29.61 7.14 -17.03
CA ILE G 171 29.05 6.46 -15.87
C ILE G 171 28.11 5.35 -16.29
N ASN G 172 27.27 5.62 -17.29
CA ASN G 172 26.37 4.58 -17.78
C ASN G 172 27.15 3.39 -18.33
N THR G 173 28.27 3.67 -19.00
CA THR G 173 29.06 2.60 -19.56
C THR G 173 29.63 1.76 -18.42
N ILE G 174 30.14 2.44 -17.39
CA ILE G 174 30.67 1.71 -16.24
C ILE G 174 29.60 0.83 -15.64
N TYR G 175 28.44 1.22 -15.45
CA TYR G 175 27.39 0.38 -14.88
C TYR G 175 27.08 -0.80 -15.79
N LEU G 176 27.04 -0.50 -17.16
CA LEU G 176 26.81 -1.62 -18.07
C LEU G 176 27.94 -2.64 -18.07
N GLY G 177 29.09 -2.30 -17.49
CA GLY G 177 30.20 -3.24 -17.42
C GLY G 177 31.11 -3.25 -18.62
N GLY G 178 31.03 -2.25 -19.50
CA GLY G 178 31.90 -2.18 -20.64
C GLY G 178 33.35 -2.02 -20.23
N PRO G 179 34.22 -1.77 -21.20
CA PRO G 179 35.63 -1.53 -20.88
C PRO G 179 35.88 -0.13 -20.34
N PHE G 180 36.90 -0.03 -19.49
CA PHE G 180 37.30 1.26 -18.96
C PHE G 180 38.77 1.22 -18.55
N SER G 181 39.37 2.38 -18.33
CA SER G 181 40.79 2.51 -17.99
C SER G 181 40.92 3.34 -16.71
N PRO G 182 40.76 2.73 -15.55
CA PRO G 182 40.94 3.48 -14.30
C PRO G 182 42.36 4.02 -14.19
N ASN G 183 42.49 5.14 -13.49
CA ASN G 183 43.74 5.88 -13.42
C ASN G 183 44.45 5.74 -12.07
N VAL G 184 43.73 5.92 -10.97
CA VAL G 184 44.34 5.91 -9.64
C VAL G 184 44.25 4.55 -8.98
N LEU G 185 43.07 3.92 -9.04
CA LEU G 185 42.87 2.59 -8.48
C LEU G 185 42.21 1.73 -9.53
N ASN G 186 42.89 0.65 -9.93
CA ASN G 186 42.41 -0.25 -10.98
C ASN G 186 42.06 -1.59 -10.33
N TRP G 187 40.77 -1.93 -10.36
CA TRP G 187 40.35 -3.22 -9.82
C TRP G 187 41.02 -4.37 -10.54
N ARG G 188 41.44 -4.16 -11.78
CA ARG G 188 42.06 -5.21 -12.57
C ARG G 188 43.57 -5.32 -12.36
N ALA G 189 44.20 -4.28 -11.80
CA ALA G 189 45.63 -4.25 -11.56
C ALA G 189 45.91 -3.72 -10.16
N LEU G 190 45.23 -4.28 -9.17
CA LEU G 190 45.18 -3.72 -7.83
C LEU G 190 46.25 -4.31 -6.92
N LYS G 191 46.63 -3.53 -5.91
CA LYS G 191 47.53 -3.97 -4.85
C LYS G 191 46.82 -3.84 -3.52
N TYR G 192 47.01 -4.82 -2.64
CA TYR G 192 46.27 -4.83 -1.38
C TYR G 192 47.00 -5.63 -0.32
N GLU G 193 46.82 -5.21 0.94
CA GLU G 193 47.18 -5.99 2.10
C GLU G 193 45.90 -6.28 2.89
N VAL G 194 45.93 -7.36 3.65
CA VAL G 194 44.76 -7.78 4.43
C VAL G 194 45.17 -8.01 5.87
N GLN G 195 44.22 -7.84 6.78
CA GLN G 195 44.44 -8.11 8.19
C GLN G 195 43.16 -8.68 8.78
N GLY G 196 43.31 -9.62 9.71
CA GLY G 196 42.16 -10.23 10.33
C GLY G 196 41.47 -11.25 9.44
N GLU G 197 40.21 -11.52 9.76
CA GLU G 197 39.41 -12.49 9.04
C GLU G 197 38.75 -11.78 7.86
N VAL G 198 39.38 -11.86 6.70
CA VAL G 198 38.84 -11.36 5.45
C VAL G 198 39.09 -12.40 4.39
N PHE G 199 38.10 -12.63 3.52
CA PHE G 199 38.20 -13.70 2.55
C PHE G 199 37.95 -13.17 1.14
N THR G 200 38.45 -13.92 0.16
CA THR G 200 38.26 -13.60 -1.26
C THR G 200 37.38 -14.69 -1.87
N LYS G 201 36.26 -14.29 -2.46
CA LYS G 201 35.29 -15.25 -2.97
C LYS G 201 34.65 -14.72 -4.25
N PRO G 202 34.11 -15.61 -5.08
CA PRO G 202 33.40 -15.13 -6.27
C PRO G 202 32.25 -14.21 -5.90
N GLN G 203 32.06 -13.18 -6.72
CA GLN G 203 31.03 -12.18 -6.45
C GLN G 203 29.65 -12.77 -6.64
N LEU G 204 28.69 -12.14 -5.80
CA LEU G 204 27.31 -12.57 -5.86
C LEU G 204 26.59 -11.88 -7.01
N TRP G 205 26.71 -10.62 -7.15
CA TRP G 205 25.97 -9.82 -8.09
C TRP G 205 26.40 -10.15 -9.53
N PRO G 206 25.51 -9.99 -10.51
CA PRO G 206 25.84 -10.28 -11.91
C PRO G 206 27.13 -9.61 -12.36
N GLU H 3 33.22 28.68 12.82
CA GLU H 3 32.57 28.12 13.99
C GLU H 3 31.11 28.51 14.04
N VAL H 4 30.27 27.63 14.57
CA VAL H 4 28.84 27.89 14.68
C VAL H 4 28.52 28.35 16.09
N GLN H 5 27.99 29.57 16.21
CA GLN H 5 27.65 30.16 17.51
C GLN H 5 26.26 29.67 17.92
N LEU H 6 26.14 28.52 18.43
CA LEU H 6 24.84 28.01 18.82
C LEU H 6 24.38 28.70 20.09
N VAL H 7 23.10 29.03 20.15
CA VAL H 7 22.54 29.70 21.32
C VAL H 7 21.16 29.16 21.58
N GLU H 8 20.99 28.44 22.68
CA GLU H 8 19.70 27.84 22.99
C GLU H 8 19.01 28.61 24.11
N SER H 9 17.87 28.31 24.47
CA SER H 9 16.98 29.03 25.37
C SER H 9 15.69 28.23 25.53
N GLY H 10 14.89 28.62 26.53
CA GLY H 10 13.62 27.99 26.77
C GLY H 10 13.66 26.85 27.78
N GLY H 11 14.21 27.11 28.96
CA GLY H 11 14.28 26.10 30.00
C GLY H 11 14.15 26.72 31.37
N GLY H 12 13.79 25.89 32.34
CA GLY H 12 13.64 26.34 33.71
C GLY H 12 12.99 25.32 34.63
N LEU H 13 12.07 25.81 35.46
CA LEU H 13 11.38 24.94 36.42
C LEU H 13 9.93 24.73 36.04
N VAL H 14 9.50 23.48 35.99
CA VAL H 14 8.13 23.12 35.61
C VAL H 14 7.72 21.90 36.42
N GLN H 15 6.36 21.77 36.59
CA GLN H 15 5.89 20.58 37.27
C GLN H 15 5.54 19.48 36.30
N ALA H 16 5.15 18.33 36.84
CA ALA H 16 4.74 17.21 36.01
C ALA H 16 3.39 17.48 35.36
N GLY H 17 3.27 17.10 34.09
CA GLY H 17 2.02 17.30 33.37
C GLY H 17 1.93 18.57 32.57
N GLU H 18 3.06 19.26 32.36
CA GLU H 18 3.11 20.49 31.58
C GLU H 18 3.80 20.24 30.25
N SER H 19 4.01 21.31 29.50
CA SER H 19 4.74 21.26 28.24
C SER H 19 5.63 22.50 28.14
N LEU H 20 6.74 22.34 27.42
CA LEU H 20 7.67 23.45 27.23
C LEU H 20 8.16 23.44 25.79
N ARG H 21 8.26 24.62 25.19
CA ARG H 21 8.78 24.74 23.82
C ARG H 21 10.10 25.47 23.83
N LEU H 22 11.18 24.73 24.01
CA LEU H 22 12.51 25.34 23.99
C LEU H 22 12.93 25.62 22.56
N SER H 23 14.06 26.28 22.40
CA SER H 23 14.52 26.60 21.07
C SER H 23 16.02 26.87 21.09
N CYS H 24 16.61 26.87 19.89
CA CYS H 24 18.00 27.23 19.72
C CYS H 24 18.17 27.87 18.35
N ALA H 25 19.21 28.69 18.24
CA ALA H 25 19.52 29.41 17.01
C ALA H 25 21.02 29.34 16.75
N ALA H 26 21.38 29.51 15.48
CA ALA H 26 22.76 29.44 15.05
C ALA H 26 23.11 30.68 14.24
N SER H 27 24.39 31.02 14.22
CA SER H 27 24.90 32.18 13.50
C SER H 27 25.24 31.86 12.05
N THR H 28 24.68 30.79 11.50
CA THR H 28 24.95 30.41 10.12
C THR H 28 23.75 29.67 9.56
N SER H 29 23.67 29.65 8.23
CA SER H 29 22.55 28.99 7.57
C SER H 29 22.51 27.52 7.95
N ILE H 30 21.31 27.04 8.25
CA ILE H 30 21.08 25.64 8.59
C ILE H 30 20.37 24.91 7.46
N PHE H 31 20.50 25.41 6.23
CA PHE H 31 19.77 24.84 5.11
C PHE H 31 20.19 23.40 4.81
N ASP H 32 21.34 22.96 5.28
CA ASP H 32 21.80 21.62 4.95
C ASP H 32 22.09 20.73 6.18
N ARG H 33 22.65 21.31 7.24
CA ARG H 33 22.94 20.55 8.44
C ARG H 33 21.67 20.18 9.18
N LEU H 34 21.72 19.04 9.88
CA LEU H 34 20.57 18.59 10.65
C LEU H 34 20.76 18.91 12.12
N MET H 35 19.65 19.04 12.84
CA MET H 35 19.72 19.37 14.26
C MET H 35 19.10 18.30 15.12
N GLY H 36 19.56 18.18 16.36
CA GLY H 36 19.08 17.18 17.29
C GLY H 36 19.22 17.68 18.71
N TRP H 37 18.85 16.81 19.66
CA TRP H 37 18.92 17.14 21.08
C TRP H 37 19.46 15.96 21.86
N TYR H 38 20.27 16.25 22.87
CA TYR H 38 20.81 15.24 23.77
C TYR H 38 20.46 15.59 25.20
N ARG H 39 20.07 14.64 25.96
CA ARG H 39 19.78 14.87 27.36
C ARG H 39 20.71 13.98 28.13
N GLN H 40 21.04 14.35 29.31
CA GLN H 40 21.96 13.62 30.19
C GLN H 40 21.33 13.62 31.58
N ALA H 41 20.93 12.44 32.05
CA ALA H 41 20.40 12.28 33.40
C ALA H 41 21.54 12.20 34.41
N PRO H 42 21.27 12.56 35.67
CA PRO H 42 22.34 12.54 36.68
C PRO H 42 22.96 11.16 36.83
N GLY H 43 24.22 11.01 36.41
CA GLY H 43 24.90 9.73 36.56
C GLY H 43 25.16 8.98 35.27
N LYS H 44 24.38 9.24 34.24
CA LYS H 44 24.53 8.53 32.98
C LYS H 44 25.10 9.47 31.92
N GLN H 45 25.24 8.99 30.69
CA GLN H 45 25.86 9.83 29.68
C GLN H 45 24.88 10.70 28.90
N ARG H 46 25.30 11.16 27.74
CA ARG H 46 24.45 11.95 26.87
C ARG H 46 23.68 11.01 25.95
N GLU H 47 22.36 11.06 26.04
CA GLU H 47 21.53 10.20 25.23
C GLU H 47 20.76 10.99 24.21
N LEU H 48 20.58 10.41 23.02
CA LEU H 48 19.82 11.07 21.97
C LEU H 48 18.36 11.17 22.31
N ALA H 49 17.75 12.28 21.94
CA ALA H 49 16.33 12.46 22.14
C ALA H 49 15.55 12.54 20.84
N ALA H 50 15.97 13.42 19.93
CA ALA H 50 15.29 13.57 18.64
C ALA H 50 16.12 14.51 17.77
N PHE H 51 15.94 14.36 16.47
CA PHE H 51 16.64 15.21 15.50
C PHE H 51 15.82 15.32 14.22
N ILE H 52 16.08 16.25 13.41
CA ILE H 52 15.35 16.40 12.17
C ILE H 52 16.35 16.65 11.05
N THR H 53 16.14 15.97 9.92
CA THR H 53 17.04 16.11 8.79
C THR H 53 16.78 17.37 8.00
N PRO H 54 17.72 17.76 7.13
CA PRO H 54 17.48 18.94 6.28
C PRO H 54 16.28 18.78 5.38
N SER H 55 16.04 17.57 4.89
CA SER H 55 14.88 17.32 4.03
C SER H 55 13.58 17.53 4.79
N GLY H 56 13.54 17.13 6.05
CA GLY H 56 12.35 17.27 6.85
C GLY H 56 12.02 16.03 7.66
N ARG H 57 12.66 14.92 7.31
CA ARG H 57 12.43 13.68 8.04
C ARG H 57 12.85 13.84 9.50
N THR H 58 12.08 13.24 10.40
CA THR H 58 12.26 13.41 11.83
C THR H 58 12.54 12.05 12.48
N THR H 59 13.32 12.06 13.52
CA THR H 59 13.62 10.85 14.27
C THR H 59 13.45 11.19 15.74
N TYR H 60 12.89 10.32 16.52
CA TYR H 60 12.61 10.54 17.93
C TYR H 60 13.13 9.37 18.76
N ALA H 61 13.57 9.67 19.97
CA ALA H 61 13.96 8.63 20.90
C ALA H 61 12.75 7.79 21.29
N ASP H 62 13.00 6.50 21.56
CA ASP H 62 11.90 5.59 21.83
C ASP H 62 11.12 5.99 23.08
N SER H 63 11.82 6.41 24.13
CA SER H 63 11.14 6.71 25.39
C SER H 63 10.16 7.86 25.23
N VAL H 64 10.57 8.92 24.53
CA VAL H 64 9.75 10.12 24.39
C VAL H 64 8.88 10.00 23.15
N LYS H 65 8.80 8.81 22.58
CA LYS H 65 8.02 8.61 21.36
C LYS H 65 6.58 9.08 21.57
N GLY H 66 6.07 9.83 20.61
CA GLY H 66 4.70 10.32 20.69
C GLY H 66 4.49 11.45 21.67
N ARG H 67 5.55 11.98 22.27
CA ARG H 67 5.44 13.06 23.26
C ARG H 67 6.10 14.34 22.81
N PHE H 68 7.36 14.27 22.38
CA PHE H 68 8.10 15.45 21.96
C PHE H 68 7.78 15.76 20.50
N THR H 69 8.35 16.86 19.99
CA THR H 69 8.19 17.22 18.60
C THR H 69 9.18 18.31 18.22
N ILE H 70 9.90 18.08 17.12
CA ILE H 70 10.91 19.04 16.69
C ILE H 70 10.47 19.80 15.44
N SER H 71 11.01 20.98 15.24
CA SER H 71 10.67 21.81 14.09
C SER H 71 11.87 22.67 13.74
N ARG H 72 11.90 23.12 12.48
CA ARG H 72 13.05 23.84 11.95
C ARG H 72 12.55 25.03 11.13
N ASP H 73 13.38 26.05 11.01
CA ASP H 73 13.05 27.20 10.17
C ASP H 73 14.29 27.79 9.52
N ASN H 74 14.46 27.58 8.22
CA ASN H 74 15.63 28.12 7.53
C ASN H 74 15.62 29.63 7.61
N SER H 75 14.53 30.27 7.57
CA SER H 75 14.40 31.71 7.39
C SER H 75 15.13 32.47 8.48
N VAL H 76 15.03 31.99 9.73
CA VAL H 76 15.74 32.60 10.86
C VAL H 76 16.88 31.73 11.33
N ASN H 77 17.08 30.55 10.76
CA ASN H 77 18.17 29.65 11.14
C ASN H 77 18.00 29.18 12.59
N THR H 78 16.80 28.70 12.91
CA THR H 78 16.50 28.32 14.28
C THR H 78 15.67 27.04 14.32
N VAL H 79 15.92 26.24 15.35
CA VAL H 79 15.20 24.99 15.54
C VAL H 79 14.52 25.03 16.91
N TYR H 80 13.35 24.23 16.89
CA TYR H 80 12.54 24.18 18.09
C TYR H 80 12.16 22.79 18.53
N LEU H 81 12.05 22.61 19.85
CA LEU H 81 11.64 21.34 20.40
C LEU H 81 10.58 21.55 21.48
N GLN H 82 9.41 20.95 21.29
CA GLN H 82 8.30 21.05 22.21
C GLN H 82 8.09 19.70 22.87
N MET H 83 8.16 19.69 24.21
CA MET H 83 7.93 18.46 24.95
C MET H 83 6.64 18.58 25.73
N ASP H 84 5.74 17.62 25.56
CA ASP H 84 4.45 17.67 26.21
C ASP H 84 4.34 16.62 27.28
N SER H 85 3.39 16.80 28.19
CA SER H 85 3.21 15.85 29.27
C SER H 85 4.53 15.52 29.94
N LEU H 86 5.22 16.57 30.37
CA LEU H 86 6.49 16.39 31.06
C LEU H 86 6.31 15.57 32.32
N LYS H 87 7.30 14.72 32.61
CA LYS H 87 7.24 13.88 33.80
C LYS H 87 8.57 13.97 34.54
N PRO H 88 8.58 13.69 35.83
CA PRO H 88 9.80 13.94 36.63
C PRO H 88 11.02 13.20 36.14
N GLU H 89 10.86 11.94 35.69
CA GLU H 89 12.03 11.18 35.24
C GLU H 89 12.66 11.82 34.01
N ASP H 90 11.96 12.46 33.17
CA ASP H 90 12.53 13.08 31.99
C ASP H 90 13.44 14.24 32.37
N THR H 91 13.27 14.75 33.64
CA THR H 91 14.14 15.82 34.07
C THR H 91 15.61 15.42 33.87
N ALA H 92 16.38 16.31 33.26
CA ALA H 92 17.79 16.06 33.00
C ALA H 92 18.37 17.30 32.32
N ILE H 93 19.68 17.29 32.13
CA ILE H 93 20.38 18.37 31.43
C ILE H 93 20.26 18.11 29.93
N TYR H 94 19.77 19.11 29.21
CA TYR H 94 19.53 18.97 27.77
C TYR H 94 20.59 19.73 27.00
N PHE H 95 21.17 19.09 26.00
CA PHE H 95 22.24 19.66 25.19
C PHE H 95 21.76 19.87 23.76
N CYS H 96 22.31 20.89 23.11
CA CYS H 96 22.00 21.18 21.73
C CYS H 96 22.92 20.40 20.80
N TYR H 97 22.47 20.27 19.55
CA TYR H 97 23.24 19.48 18.61
C TYR H 97 23.37 20.09 17.23
N TYR H 98 24.59 20.05 16.70
CA TYR H 98 24.88 20.55 15.36
C TYR H 98 25.67 19.47 14.63
N ARG H 99 25.08 18.86 13.62
CA ARG H 99 25.73 17.74 12.96
C ARG H 99 26.97 18.20 12.20
N LEU H 100 27.95 17.29 12.12
CA LEU H 100 29.17 17.50 11.37
C LEU H 100 29.62 16.13 10.88
N ASN H 101 30.91 16.02 10.52
CA ASN H 101 31.45 14.72 10.11
C ASN H 101 30.96 13.68 11.10
N PRO H 102 30.82 12.43 10.67
CA PRO H 102 30.19 11.46 11.58
C PRO H 102 30.94 11.30 12.89
N ASP H 103 32.27 11.42 12.87
CA ASP H 103 33.03 11.34 14.11
C ASP H 103 32.72 12.52 15.04
N GLN H 104 32.60 13.72 14.49
CA GLN H 104 32.51 14.94 15.27
C GLN H 104 31.11 15.54 15.19
N ASN H 105 30.83 16.48 16.09
CA ASN H 105 29.53 17.16 16.14
C ASN H 105 29.62 18.32 17.15
N TYR H 106 28.98 19.43 16.80
CA TYR H 106 29.01 20.58 17.69
C TYR H 106 28.07 20.38 18.86
N TRP H 107 28.42 20.95 20.00
CA TRP H 107 27.57 20.87 21.17
C TRP H 107 27.31 22.27 21.73
N GLY H 108 26.13 22.43 22.33
CA GLY H 108 25.79 23.67 22.99
C GLY H 108 26.14 23.64 24.48
N GLN H 109 25.82 24.73 25.16
CA GLN H 109 26.11 24.81 26.59
C GLN H 109 25.17 23.93 27.39
N GLY H 110 24.01 23.61 26.83
CA GLY H 110 23.03 22.82 27.55
C GLY H 110 22.28 23.65 28.57
N THR H 111 21.01 23.28 28.81
CA THR H 111 20.18 23.99 29.77
C THR H 111 19.45 22.99 30.66
N GLN H 112 19.44 23.23 31.97
CA GLN H 112 18.82 22.30 32.90
C GLN H 112 17.31 22.47 32.88
N VAL H 113 16.58 21.41 32.83
CA VAL H 113 15.13 21.46 32.89
C VAL H 113 14.73 20.46 33.96
N THR H 114 14.31 20.89 35.09
CA THR H 114 13.93 20.09 36.25
C THR H 114 12.41 20.05 36.32
N VAL H 115 11.83 18.88 36.04
CA VAL H 115 10.39 18.70 36.13
C VAL H 115 10.05 18.00 37.43
N SER H 116 9.49 18.73 38.38
CA SER H 116 9.11 18.18 39.67
C SER H 116 7.75 17.49 39.55
N SER H 117 7.16 17.16 40.70
CA SER H 117 5.86 16.49 40.73
C SER H 117 4.82 17.27 39.95
N GLN I 1 25.35 33.73 -31.22
CA GLN I 1 24.54 32.65 -30.66
C GLN I 1 25.36 31.51 -30.07
N THR I 2 24.61 30.51 -29.54
CA THR I 2 25.23 29.36 -28.92
C THR I 2 24.31 28.14 -28.99
N ASP I 3 24.89 26.94 -28.95
CA ASP I 3 24.11 25.74 -28.91
C ASP I 3 24.30 25.04 -27.59
N MET I 4 23.22 24.83 -26.86
CA MET I 4 23.27 24.19 -25.55
C MET I 4 22.97 22.71 -25.60
N SER I 5 22.92 22.11 -26.79
CA SER I 5 22.52 20.71 -26.91
C SER I 5 23.31 19.85 -25.93
N ARG I 6 22.60 18.99 -25.20
CA ARG I 6 23.20 18.12 -24.20
C ARG I 6 23.92 18.91 -23.11
N LYS I 7 23.41 20.10 -22.79
CA LYS I 7 23.97 20.91 -21.72
C LYS I 7 22.85 21.61 -20.98
N ALA I 8 23.12 21.99 -19.74
CA ALA I 8 22.08 22.55 -18.87
C ALA I 8 22.71 23.48 -17.84
N PHE I 9 21.86 24.35 -17.29
CA PHE I 9 22.26 25.29 -16.25
C PHE I 9 22.05 24.67 -14.89
N VAL I 10 22.98 24.94 -13.98
CA VAL I 10 22.98 24.38 -12.64
C VAL I 10 23.10 25.51 -11.63
N PHE I 11 22.17 25.54 -10.68
CA PHE I 11 22.23 26.41 -9.51
C PHE I 11 22.44 25.52 -8.29
N PRO I 12 23.63 25.48 -7.69
CA PRO I 12 23.90 24.51 -6.64
C PRO I 12 23.52 24.97 -5.24
N LYS I 13 23.46 26.28 -5.03
CA LYS I 13 23.24 26.84 -3.70
C LYS I 13 22.05 27.77 -3.70
N GLU I 14 21.35 27.80 -2.57
CA GLU I 14 20.23 28.72 -2.39
C GLU I 14 20.76 30.11 -2.14
N SER I 15 20.35 31.05 -3.00
CA SER I 15 20.79 32.41 -2.88
C SER I 15 19.79 33.35 -3.51
N ASP I 16 19.98 34.64 -3.32
CA ASP I 16 19.14 35.67 -3.93
C ASP I 16 19.91 36.54 -4.91
N THR I 17 21.01 36.01 -5.46
CA THR I 17 21.83 36.74 -6.41
C THR I 17 22.14 35.98 -7.69
N SER I 18 22.06 34.65 -7.69
CA SER I 18 22.36 33.88 -8.89
C SER I 18 21.13 33.79 -9.77
N TYR I 19 21.30 34.01 -11.07
CA TYR I 19 20.17 33.94 -11.99
C TYR I 19 20.68 34.04 -13.42
N VAL I 20 19.87 33.53 -14.35
CA VAL I 20 20.17 33.58 -15.78
C VAL I 20 19.09 34.40 -16.46
N SER I 21 19.51 35.36 -17.27
CA SER I 21 18.60 36.24 -18.00
C SER I 21 18.65 35.90 -19.47
N LEU I 22 17.48 35.70 -20.08
CA LEU I 22 17.36 35.36 -21.49
C LEU I 22 16.88 36.57 -22.28
N LYS I 23 17.15 36.56 -23.57
CA LYS I 23 16.74 37.62 -24.48
C LYS I 23 16.06 37.03 -25.69
N ALA I 24 15.03 37.70 -26.18
CA ALA I 24 14.27 37.23 -27.33
C ALA I 24 14.14 38.35 -28.36
N PRO I 25 14.04 38.00 -29.64
CA PRO I 25 13.87 39.04 -30.67
C PRO I 25 12.42 39.44 -30.87
N LEU I 26 11.56 39.07 -29.92
CA LEU I 26 10.14 39.33 -30.05
C LEU I 26 9.88 40.82 -30.22
N THR I 27 8.98 41.14 -31.14
CA THR I 27 8.63 42.53 -31.42
C THR I 27 7.12 42.75 -31.35
N LYS I 28 6.34 41.71 -31.68
CA LYS I 28 4.90 41.83 -31.71
C LYS I 28 4.28 41.29 -30.43
N PRO I 29 3.28 41.96 -29.86
CA PRO I 29 2.61 41.40 -28.68
C PRO I 29 1.97 40.05 -29.00
N LEU I 30 2.01 39.17 -28.01
CA LEU I 30 1.52 37.82 -28.23
C LEU I 30 0.05 37.60 -28.01
N LYS I 31 -0.55 36.84 -28.90
CA LYS I 31 -1.95 36.46 -28.74
C LYS I 31 -2.10 35.00 -28.34
N ALA I 32 -1.03 34.21 -28.40
CA ALA I 32 -1.04 32.81 -28.01
C ALA I 32 0.39 32.31 -28.03
N PHE I 33 0.71 31.37 -27.14
CA PHE I 33 2.08 30.91 -27.03
C PHE I 33 2.10 29.53 -26.38
N THR I 34 3.27 28.90 -26.46
CA THR I 34 3.55 27.67 -25.72
C THR I 34 5.01 27.70 -25.30
N VAL I 35 5.31 27.02 -24.20
CA VAL I 35 6.67 26.93 -23.69
C VAL I 35 6.89 25.53 -23.14
N CYS I 36 8.06 24.96 -23.44
CA CYS I 36 8.45 23.64 -22.99
C CYS I 36 9.81 23.73 -22.32
N LEU I 37 10.05 22.84 -21.35
CA LEU I 37 11.35 22.82 -20.69
C LEU I 37 11.52 21.53 -19.92
N HIS I 38 12.71 21.37 -19.34
CA HIS I 38 13.03 20.19 -18.59
C HIS I 38 13.80 20.67 -17.39
N PHE I 39 13.50 20.13 -16.22
CA PHE I 39 14.14 20.58 -14.98
C PHE I 39 14.16 19.46 -13.96
N TYR I 40 15.05 19.61 -12.99
CA TYR I 40 15.29 18.57 -11.99
C TYR I 40 15.72 19.22 -10.68
N THR I 41 14.95 18.98 -9.63
CA THR I 41 15.27 19.47 -8.30
C THR I 41 14.48 18.66 -7.29
N GLU I 42 14.83 18.82 -6.01
CA GLU I 42 14.21 18.06 -4.93
C GLU I 42 13.55 18.94 -3.88
N LEU I 43 13.53 20.25 -4.09
CA LEU I 43 12.89 21.15 -3.13
C LEU I 43 11.38 21.01 -3.10
N SER I 44 10.88 20.15 -4.13
CA SER I 44 9.42 19.98 -4.25
C SER I 44 8.76 19.74 -2.89
N SER I 45 9.31 19.00 -2.04
CA SER I 45 8.72 18.50 -0.80
C SER I 45 8.99 19.42 0.39
N THR I 46 9.69 20.54 0.18
CA THR I 46 10.05 21.44 1.26
C THR I 46 9.37 22.80 1.15
N ARG I 47 9.51 23.48 0.03
CA ARG I 47 8.92 24.80 -0.14
C ARG I 47 8.68 25.05 -1.63
N GLY I 48 7.80 26.01 -1.90
CA GLY I 48 7.50 26.36 -3.27
C GLY I 48 8.64 27.10 -3.94
N TYR I 49 8.55 27.23 -5.26
CA TYR I 49 9.60 27.89 -6.02
C TYR I 49 9.10 28.20 -7.43
N SER I 50 9.74 29.18 -8.04
CA SER I 50 9.39 29.52 -9.40
C SER I 50 10.22 28.69 -10.36
N ILE I 51 9.80 28.65 -11.62
CA ILE I 51 10.46 27.86 -12.65
C ILE I 51 10.91 28.74 -13.82
N PHE I 52 10.08 29.69 -14.22
CA PHE I 52 10.33 30.47 -15.44
C PHE I 52 9.59 31.79 -15.30
N SER I 53 10.31 32.88 -15.09
CA SER I 53 9.69 34.17 -14.78
C SER I 53 9.77 35.07 -16.01
N TYR I 54 8.62 35.40 -16.58
CA TYR I 54 8.52 36.29 -17.73
C TYR I 54 7.77 37.52 -17.25
N ALA I 55 8.50 38.60 -17.00
CA ALA I 55 7.94 39.80 -16.39
C ALA I 55 8.02 40.99 -17.34
N THR I 56 7.05 41.89 -17.22
CA THR I 56 7.02 43.13 -17.98
C THR I 56 6.90 44.31 -17.03
N LYS I 57 7.24 45.49 -17.54
CA LYS I 57 7.29 46.66 -16.68
C LYS I 57 5.96 46.91 -15.98
N ARG I 58 4.86 46.57 -16.65
CA ARG I 58 3.54 46.78 -16.07
C ARG I 58 3.10 45.62 -15.21
N GLN I 59 3.81 44.49 -15.30
CA GLN I 59 3.40 43.28 -14.59
C GLN I 59 4.58 42.42 -14.17
N ASP I 60 4.85 42.28 -12.87
CA ASP I 60 5.93 41.39 -12.45
C ASP I 60 5.62 39.93 -12.74
N ASN I 61 4.36 39.62 -13.04
CA ASN I 61 3.93 38.23 -13.23
C ASN I 61 3.14 38.09 -14.52
N GLU I 62 3.68 38.62 -15.62
CA GLU I 62 3.00 38.49 -16.90
C GLU I 62 2.76 37.01 -17.23
N ILE I 63 3.79 36.19 -17.12
CA ILE I 63 3.67 34.74 -17.23
C ILE I 63 4.51 34.11 -16.13
N LEU I 64 3.99 33.16 -15.43
CA LEU I 64 4.73 32.54 -14.36
C LEU I 64 4.37 31.10 -14.08
N ILE I 65 5.34 30.25 -14.04
CA ILE I 65 5.20 28.84 -13.70
C ILE I 65 5.76 28.68 -12.29
N PHE I 66 4.94 28.17 -11.38
CA PHE I 66 5.33 28.05 -9.98
C PHE I 66 4.96 26.68 -9.45
N TRP I 67 5.65 26.27 -8.39
CA TRP I 67 5.33 25.06 -7.66
C TRP I 67 5.04 25.43 -6.22
N SER I 68 3.87 25.03 -5.73
CA SER I 68 3.43 25.31 -4.37
C SER I 68 3.33 24.00 -3.61
N LYS I 69 4.04 23.93 -2.49
CA LYS I 69 4.11 22.68 -1.73
C LYS I 69 2.71 22.23 -1.32
N ASP I 70 2.41 20.95 -1.53
CA ASP I 70 1.09 20.40 -1.15
C ASP I 70 -0.04 20.91 -2.03
N ILE I 71 0.28 21.77 -3.00
CA ILE I 71 -0.73 22.26 -3.93
C ILE I 71 -0.49 21.71 -5.33
N GLY I 72 0.68 21.98 -5.90
CA GLY I 72 1.00 21.51 -7.23
C GLY I 72 1.57 22.59 -8.12
N TYR I 73 1.21 22.56 -9.40
CA TYR I 73 1.69 23.53 -10.36
C TYR I 73 0.71 24.69 -10.46
N SER I 74 1.25 25.90 -10.46
CA SER I 74 0.44 27.10 -10.58
C SER I 74 0.85 27.86 -11.83
N PHE I 75 -0.04 27.95 -12.80
CA PHE I 75 0.20 28.65 -14.06
C PHE I 75 -0.52 29.97 -13.98
N THR I 76 0.27 31.06 -13.97
CA THR I 76 -0.30 32.39 -13.82
C THR I 76 -0.06 33.28 -15.01
N VAL I 77 -1.11 34.02 -15.40
CA VAL I 77 -0.99 34.94 -16.51
C VAL I 77 -1.79 36.18 -16.19
N GLY I 78 -1.23 37.36 -16.50
CA GLY I 78 -1.92 38.60 -16.21
C GLY I 78 -2.23 38.79 -14.75
N GLY I 79 -1.47 38.17 -13.85
CA GLY I 79 -1.70 38.31 -12.44
C GLY I 79 -2.74 37.38 -11.86
N SER I 80 -3.24 36.41 -12.63
CA SER I 80 -4.26 35.49 -12.16
C SER I 80 -3.76 34.07 -12.35
N GLU I 81 -4.07 33.20 -11.39
CA GLU I 81 -3.55 31.86 -11.46
C GLU I 81 -4.54 30.77 -11.67
N ILE I 82 -4.01 29.63 -12.14
CA ILE I 82 -4.82 28.45 -12.35
C ILE I 82 -4.00 27.36 -11.70
N LEU I 83 -4.63 26.35 -11.10
CA LEU I 83 -3.92 25.32 -10.36
C LEU I 83 -4.10 23.96 -11.01
N PHE I 84 -3.03 23.18 -11.01
CA PHE I 84 -3.05 21.76 -11.36
C PHE I 84 -2.49 20.98 -10.19
N GLU I 85 -3.34 20.17 -9.56
CA GLU I 85 -2.96 19.49 -8.33
C GLU I 85 -2.04 18.30 -8.63
N VAL I 86 -1.36 17.86 -7.59
CA VAL I 86 -0.49 16.68 -7.65
C VAL I 86 -0.52 16.02 -6.29
N PRO I 87 -1.30 14.95 -6.08
CA PRO I 87 -1.41 14.39 -4.73
C PRO I 87 -0.07 13.99 -4.12
N GLU I 88 0.84 13.47 -4.94
CA GLU I 88 2.18 13.14 -4.46
C GLU I 88 3.16 13.40 -5.59
N VAL I 89 4.41 13.67 -5.23
CA VAL I 89 5.44 14.09 -6.16
C VAL I 89 6.54 13.05 -6.18
N THR I 90 6.97 12.66 -7.38
CA THR I 90 8.10 11.77 -7.53
C THR I 90 9.40 12.56 -7.55
N VAL I 91 10.51 11.85 -7.43
CA VAL I 91 11.84 12.45 -7.39
C VAL I 91 12.57 11.98 -8.64
N ALA I 92 12.54 12.79 -9.68
CA ALA I 92 13.24 12.50 -10.94
C ALA I 92 13.09 13.70 -11.85
N PRO I 93 13.94 13.81 -12.87
CA PRO I 93 13.80 14.93 -13.81
C PRO I 93 12.44 14.91 -14.49
N VAL I 94 11.88 16.09 -14.72
CA VAL I 94 10.55 16.22 -15.30
C VAL I 94 10.59 17.20 -16.45
N HIS I 95 9.86 16.87 -17.52
CA HIS I 95 9.74 17.69 -18.71
C HIS I 95 8.29 18.13 -18.85
N ILE I 96 8.10 19.42 -19.08
CA ILE I 96 6.76 19.95 -19.17
C ILE I 96 6.54 20.81 -20.39
N CYS I 97 5.28 21.02 -20.73
CA CYS I 97 4.90 21.83 -21.88
C CYS I 97 3.55 22.48 -21.59
N THR I 98 3.51 23.81 -21.61
CA THR I 98 2.28 24.53 -21.34
C THR I 98 1.95 25.48 -22.49
N SER I 99 0.67 25.61 -22.82
CA SER I 99 0.24 26.45 -23.93
C SER I 99 -1.00 27.25 -23.51
N TRP I 100 -1.10 28.46 -24.05
CA TRP I 100 -2.22 29.36 -23.80
C TRP I 100 -2.59 30.09 -25.08
N GLU I 101 -3.86 30.45 -25.20
CA GLU I 101 -4.38 31.14 -26.37
C GLU I 101 -5.31 32.26 -25.92
N SER I 102 -5.19 33.45 -26.51
CA SER I 102 -6.04 34.55 -26.11
C SER I 102 -7.40 34.49 -26.77
N ALA I 103 -7.48 33.96 -27.98
CA ALA I 103 -8.75 34.03 -28.70
C ALA I 103 -9.87 33.35 -27.93
N SER I 104 -9.59 32.18 -27.35
CA SER I 104 -10.59 31.43 -26.61
C SER I 104 -10.36 31.40 -25.12
N GLY I 105 -9.11 31.47 -24.68
CA GLY I 105 -8.79 31.41 -23.26
C GLY I 105 -8.47 30.04 -22.73
N ILE I 106 -8.22 29.09 -23.71
CA ILE I 106 -7.92 27.73 -23.31
C ILE I 106 -6.45 27.57 -22.91
N VAL I 107 -6.33 26.66 -21.81
CA VAL I 107 -5.02 26.35 -21.29
C VAL I 107 -4.73 24.86 -21.37
N GLU I 108 -3.46 24.52 -21.90
CA GLU I 108 -3.10 23.11 -21.95
C GLU I 108 -1.83 22.89 -21.16
N PHE I 109 -1.78 21.87 -20.36
CA PHE I 109 -0.56 21.54 -19.66
C PHE I 109 -0.26 20.08 -19.85
N TRP I 110 0.97 19.76 -20.06
CA TRP I 110 1.47 18.41 -20.31
C TRP I 110 2.70 18.16 -19.46
N VAL I 111 2.68 17.05 -18.73
CA VAL I 111 3.82 16.59 -17.95
C VAL I 111 4.14 15.16 -18.38
N ASP I 112 5.38 14.95 -18.83
CA ASP I 112 5.83 13.62 -19.25
C ASP I 112 4.89 13.03 -20.30
N GLY I 113 4.41 13.87 -21.20
CA GLY I 113 3.59 13.41 -22.31
C GLY I 113 2.13 13.27 -21.97
N LYS I 114 1.80 12.97 -20.72
CA LYS I 114 0.41 12.80 -20.33
C LYS I 114 -0.27 14.16 -20.24
N PRO I 115 -1.34 14.41 -20.98
CA PRO I 115 -2.01 15.71 -20.90
C PRO I 115 -2.93 15.82 -19.69
N ARG I 116 -3.17 17.05 -19.28
CA ARG I 116 -4.12 17.37 -18.22
C ARG I 116 -5.35 18.03 -18.81
N VAL I 117 -6.46 17.95 -18.07
CA VAL I 117 -7.71 18.53 -18.54
C VAL I 117 -7.51 20.02 -18.85
N ARG I 118 -8.22 20.50 -19.87
CA ARG I 118 -8.11 21.89 -20.26
C ARG I 118 -8.87 22.78 -19.28
N LYS I 119 -8.55 24.07 -19.32
CA LYS I 119 -9.18 25.04 -18.44
C LYS I 119 -9.18 26.40 -19.12
N SER I 120 -10.00 27.31 -18.59
CA SER I 120 -10.16 28.65 -19.12
C SER I 120 -9.49 29.66 -18.19
N LEU I 121 -8.84 30.66 -18.79
CA LEU I 121 -8.10 31.63 -17.99
C LEU I 121 -7.78 32.93 -18.74
N LYS I 122 -8.34 34.04 -18.32
CA LYS I 122 -8.02 35.35 -18.87
C LYS I 122 -8.27 35.41 -20.38
N LYS I 123 -9.54 35.24 -20.74
CA LYS I 123 -9.92 35.33 -22.14
C LYS I 123 -9.84 36.78 -22.63
N GLY I 124 -9.40 36.94 -23.88
CA GLY I 124 -9.37 38.25 -24.51
C GLY I 124 -8.18 39.11 -24.15
N TYR I 125 -7.27 38.62 -23.32
CA TYR I 125 -6.12 39.41 -22.90
C TYR I 125 -5.05 39.42 -23.99
N THR I 126 -4.07 40.31 -23.81
CA THR I 126 -2.89 40.35 -24.66
C THR I 126 -1.67 40.48 -23.76
N VAL I 127 -0.52 40.06 -24.28
CA VAL I 127 0.73 39.99 -23.53
C VAL I 127 1.70 41.00 -24.12
N GLY I 128 2.34 41.78 -23.25
CA GLY I 128 3.28 42.77 -23.72
C GLY I 128 4.45 42.15 -24.45
N ALA I 129 4.96 42.89 -25.44
CA ALA I 129 6.04 42.37 -26.27
C ALA I 129 7.39 42.47 -25.56
N GLU I 130 7.83 43.67 -25.25
CA GLU I 130 9.07 43.85 -24.51
C GLU I 130 8.91 43.26 -23.11
N ALA I 131 9.89 42.47 -22.69
CA ALA I 131 9.81 41.80 -21.40
C ALA I 131 11.18 41.25 -21.03
N SER I 132 11.30 40.83 -19.78
CA SER I 132 12.51 40.23 -19.24
C SER I 132 12.19 38.81 -18.80
N ILE I 133 13.02 37.85 -19.24
CA ILE I 133 12.85 36.44 -18.96
C ILE I 133 14.00 35.98 -18.08
N ILE I 134 13.68 35.33 -16.96
CA ILE I 134 14.67 34.95 -15.97
C ILE I 134 14.43 33.50 -15.53
N LEU I 135 15.52 32.78 -15.33
CA LEU I 135 15.52 31.47 -14.72
C LEU I 135 16.35 31.52 -13.45
N GLY I 136 15.79 30.97 -12.36
CA GLY I 136 16.45 30.88 -11.08
C GLY I 136 15.77 31.67 -9.98
N GLN I 137 15.34 32.90 -10.28
CA GLN I 137 14.74 33.78 -9.28
C GLN I 137 13.40 34.27 -9.79
N GLU I 138 12.46 34.38 -8.78
CA GLU I 138 11.16 34.93 -9.10
C GLU I 138 11.31 36.43 -9.24
N GLN I 139 10.39 37.06 -10.02
CA GLN I 139 10.43 38.49 -10.23
C GLN I 139 9.24 39.15 -9.52
N ASP I 140 9.54 40.12 -8.66
CA ASP I 140 8.53 41.01 -8.11
C ASP I 140 8.71 42.43 -8.62
N SER I 141 9.70 42.66 -9.47
CA SER I 141 9.88 43.93 -10.17
C SER I 141 10.53 43.62 -11.51
N PHE I 142 10.75 44.66 -12.31
CA PHE I 142 11.28 44.46 -13.67
C PHE I 142 12.76 44.12 -13.56
N GLY I 143 13.04 42.82 -13.39
CA GLY I 143 14.40 42.36 -13.31
C GLY I 143 15.09 42.64 -12.00
N GLY I 144 14.36 42.58 -10.89
CA GLY I 144 14.96 42.83 -9.59
C GLY I 144 14.02 42.46 -8.47
N ASN I 145 14.44 42.70 -7.24
CA ASN I 145 13.60 42.37 -6.08
C ASN I 145 13.35 40.87 -6.03
N PHE I 146 14.42 40.08 -5.93
CA PHE I 146 14.25 38.64 -5.82
C PHE I 146 14.09 38.25 -4.36
N GLU I 147 13.50 37.07 -4.15
CA GLU I 147 13.26 36.53 -2.82
C GLU I 147 13.98 35.20 -2.69
N GLY I 148 14.80 35.07 -1.64
CA GLY I 148 15.52 33.83 -1.43
C GLY I 148 14.59 32.64 -1.30
N SER I 149 13.46 32.83 -0.61
CA SER I 149 12.51 31.73 -0.39
C SER I 149 11.78 31.32 -1.65
N GLN I 150 11.91 32.11 -2.71
CA GLN I 150 11.31 31.79 -4.00
C GLN I 150 12.34 31.36 -5.04
N SER I 151 13.60 31.18 -4.63
CA SER I 151 14.63 30.80 -5.58
C SER I 151 14.53 29.31 -5.92
N LEU I 152 15.34 28.90 -6.90
CA LEU I 152 15.37 27.53 -7.38
C LEU I 152 16.77 26.97 -7.23
N VAL I 153 16.87 25.72 -6.78
CA VAL I 153 18.14 25.01 -6.64
C VAL I 153 18.03 23.71 -7.42
N GLY I 154 18.92 23.52 -8.38
CA GLY I 154 18.88 22.32 -9.19
C GLY I 154 19.32 22.61 -10.61
N ASP I 155 18.85 21.75 -11.52
CA ASP I 155 19.23 21.88 -12.92
C ASP I 155 18.04 22.26 -13.78
N ILE I 156 18.31 22.94 -14.88
CA ILE I 156 17.28 23.37 -15.81
C ILE I 156 17.86 23.38 -17.22
N GLY I 157 17.00 23.14 -18.21
CA GLY I 157 17.47 23.15 -19.58
C GLY I 157 16.35 22.90 -20.57
N ASN I 158 16.74 22.84 -21.84
CA ASN I 158 15.82 22.56 -22.94
C ASN I 158 14.63 23.51 -22.93
N VAL I 159 15.08 24.85 -22.68
CA VAL I 159 14.11 25.94 -22.66
C VAL I 159 13.70 26.40 -24.05
N ASN I 160 12.30 26.24 -24.37
CA ASN I 160 11.91 26.67 -25.71
C ASN I 160 10.47 27.17 -25.64
N MET I 161 10.16 28.10 -26.54
CA MET I 161 8.81 28.60 -26.61
C MET I 161 8.44 29.17 -27.97
N TRP I 162 7.32 28.71 -28.51
CA TRP I 162 6.80 29.20 -29.77
C TRP I 162 5.87 30.38 -29.50
N ASP I 163 5.08 30.79 -30.50
CA ASP I 163 4.08 31.84 -30.27
C ASP I 163 2.76 31.41 -30.88
N PHE I 164 2.49 30.10 -30.87
CA PHE I 164 1.22 29.58 -31.34
C PHE I 164 1.02 28.19 -30.75
N VAL I 165 -0.23 27.86 -30.42
CA VAL I 165 -0.52 26.57 -29.80
C VAL I 165 -0.08 25.44 -30.70
N LEU I 166 0.46 24.39 -30.07
CA LEU I 166 0.89 23.23 -30.82
C LEU I 166 -0.12 22.10 -30.69
N SER I 167 -0.30 21.33 -31.75
CA SER I 167 -1.22 20.20 -31.72
C SER I 167 -0.62 19.07 -30.90
N PRO I 168 -1.48 18.18 -30.38
CA PRO I 168 -0.93 17.12 -29.52
C PRO I 168 0.15 16.36 -30.26
N ASP I 169 -0.04 16.14 -31.56
CA ASP I 169 0.96 15.45 -32.36
C ASP I 169 2.31 16.06 -32.09
N GLU I 170 2.45 17.29 -32.20
CA GLU I 170 3.68 18.06 -32.11
C GLU I 170 4.27 17.98 -30.70
N ILE I 171 3.42 18.04 -29.67
CA ILE I 171 3.91 17.92 -28.30
C ILE I 171 4.55 16.56 -28.09
N ASN I 172 3.92 15.50 -28.61
CA ASN I 172 4.50 14.17 -28.49
C ASN I 172 5.85 14.11 -29.18
N THR I 173 5.96 14.77 -30.33
CA THR I 173 7.22 14.75 -31.06
C THR I 173 8.28 15.45 -30.22
N ILE I 174 7.93 16.59 -29.65
CA ILE I 174 8.87 17.31 -28.79
C ILE I 174 9.33 16.41 -27.66
N TYR I 175 8.55 15.72 -27.00
CA TYR I 175 8.96 14.85 -25.91
C TYR I 175 9.86 13.74 -26.40
N LEU I 176 9.48 13.16 -27.63
CA LEU I 176 10.36 12.13 -28.17
C LEU I 176 11.73 12.66 -28.57
N GLY I 177 11.90 13.98 -28.65
CA GLY I 177 13.18 14.56 -28.99
C GLY I 177 13.46 14.70 -30.46
N GLY I 178 12.44 14.57 -31.32
CA GLY I 178 12.63 14.75 -32.74
C GLY I 178 13.05 16.16 -33.08
N PRO I 179 13.08 16.49 -34.36
CA PRO I 179 13.42 17.86 -34.77
C PRO I 179 12.26 18.82 -34.60
N PHE I 180 12.61 20.08 -34.35
CA PHE I 180 11.61 21.12 -34.22
C PHE I 180 12.24 22.48 -34.55
N SER I 181 11.41 23.48 -34.79
CA SER I 181 11.86 24.82 -35.16
C SER I 181 11.23 25.84 -34.22
N PRO I 182 11.81 26.06 -33.05
CA PRO I 182 11.28 27.07 -32.14
C PRO I 182 11.32 28.46 -32.78
N ASN I 183 10.39 29.30 -32.37
CA ASN I 183 10.19 30.61 -32.98
C ASN I 183 10.68 31.76 -32.12
N VAL I 184 10.32 31.79 -30.84
CA VAL I 184 10.65 32.91 -29.96
C VAL I 184 11.92 32.66 -29.17
N LEU I 185 12.05 31.46 -28.59
CA LEU I 185 13.25 31.09 -27.85
C LEU I 185 13.72 29.73 -28.35
N ASN I 186 14.94 29.69 -28.87
CA ASN I 186 15.52 28.48 -29.45
C ASN I 186 16.66 28.02 -28.55
N TRP I 187 16.49 26.85 -27.93
CA TRP I 187 17.55 26.30 -27.10
C TRP I 187 18.83 26.08 -27.91
N ARG I 188 18.71 25.90 -29.22
CA ARG I 188 19.85 25.62 -30.07
C ARG I 188 20.53 26.88 -30.58
N ALA I 189 19.86 28.03 -30.51
CA ALA I 189 20.38 29.31 -30.97
C ALA I 189 20.09 30.40 -29.94
N LEU I 190 20.43 30.11 -28.70
CA LEU I 190 19.99 30.93 -27.57
C LEU I 190 21.00 32.01 -27.21
N LYS I 191 20.50 33.07 -26.59
CA LYS I 191 21.33 34.15 -26.03
C LYS I 191 21.03 34.27 -24.55
N TYR I 192 22.07 34.48 -23.75
CA TYR I 192 21.89 34.49 -22.30
C TYR I 192 22.97 35.30 -21.62
N GLU I 193 22.61 35.90 -20.49
CA GLU I 193 23.55 36.47 -19.53
C GLU I 193 23.39 35.72 -18.21
N VAL I 194 24.45 35.71 -17.42
CA VAL I 194 24.44 34.99 -16.14
C VAL I 194 24.92 35.94 -15.05
N GLN I 195 24.47 35.67 -13.83
CA GLN I 195 24.90 36.42 -12.66
C GLN I 195 24.98 35.48 -11.48
N GLY I 196 25.98 35.70 -10.62
CA GLY I 196 26.15 34.87 -9.45
C GLY I 196 26.76 33.52 -9.79
N GLU I 197 26.56 32.58 -8.88
CA GLU I 197 27.09 31.22 -9.02
C GLU I 197 26.11 30.39 -9.82
N VAL I 198 26.33 30.31 -11.12
CA VAL I 198 25.57 29.46 -12.03
C VAL I 198 26.56 28.77 -12.95
N PHE I 199 26.34 27.49 -13.21
CA PHE I 199 27.29 26.70 -13.97
C PHE I 199 26.60 26.03 -15.15
N THR I 200 27.41 25.68 -16.15
CA THR I 200 26.95 24.95 -17.34
C THR I 200 27.57 23.57 -17.32
N LYS I 201 26.74 22.53 -17.36
CA LYS I 201 27.22 21.17 -17.24
C LYS I 201 26.41 20.25 -18.13
N PRO I 202 26.96 19.08 -18.49
CA PRO I 202 26.17 18.12 -19.26
C PRO I 202 24.90 17.71 -18.52
N GLN I 203 23.82 17.56 -19.27
CA GLN I 203 22.54 17.22 -18.67
C GLN I 203 22.53 15.81 -18.11
N LEU I 204 21.65 15.69 -17.00
CA LEU I 204 21.52 14.39 -16.35
C LEU I 204 20.53 13.52 -17.12
N TRP I 205 19.40 14.01 -17.44
CA TRP I 205 18.32 13.25 -18.03
C TRP I 205 18.69 12.79 -19.44
N PRO I 206 18.12 11.66 -19.90
CA PRO I 206 18.42 11.15 -21.25
C PRO I 206 18.26 12.21 -22.34
N GLU J 3 -12.97 43.12 -7.97
CA GLU J 3 -12.60 42.96 -6.56
C GLU J 3 -13.53 41.96 -5.88
N VAL J 4 -12.99 41.23 -4.91
CA VAL J 4 -13.77 40.23 -4.18
C VAL J 4 -14.21 40.82 -2.85
N GLN J 5 -15.53 40.90 -2.66
CA GLN J 5 -16.10 41.46 -1.43
C GLN J 5 -16.14 40.37 -0.36
N LEU J 6 -15.10 40.11 0.29
CA LEU J 6 -15.10 39.07 1.31
C LEU J 6 -15.81 39.57 2.54
N VAL J 7 -16.60 38.70 3.15
CA VAL J 7 -17.35 39.06 4.35
C VAL J 7 -17.36 37.88 5.30
N GLU J 8 -16.67 38.01 6.43
CA GLU J 8 -16.59 36.91 7.38
C GLU J 8 -17.48 37.18 8.58
N SER J 9 -17.61 36.33 9.48
CA SER J 9 -18.55 36.32 10.59
C SER J 9 -18.29 35.07 11.44
N GLY J 10 -18.87 35.06 12.63
CA GLY J 10 -18.76 33.93 13.52
C GLY J 10 -17.62 34.03 14.52
N GLY J 11 -17.57 35.13 15.27
CA GLY J 11 -16.54 35.31 16.27
C GLY J 11 -17.07 36.10 17.45
N GLY J 12 -16.36 35.98 18.57
CA GLY J 12 -16.73 36.67 19.78
C GLY J 12 -15.99 36.23 21.02
N LEU J 13 -16.72 36.06 22.12
CA LEU J 13 -16.12 35.65 23.39
C LEU J 13 -16.49 34.24 23.75
N VAL J 14 -15.51 33.42 24.07
CA VAL J 14 -15.72 32.03 24.43
C VAL J 14 -14.69 31.63 25.47
N GLN J 15 -15.08 30.58 26.29
CA GLN J 15 -14.11 30.10 27.24
C GLN J 15 -13.29 28.95 26.70
N ALA J 16 -12.34 28.48 27.50
CA ALA J 16 -11.53 27.35 27.10
C ALA J 16 -12.33 26.06 27.14
N GLY J 17 -12.12 25.21 26.13
CA GLY J 17 -12.83 23.95 26.07
C GLY J 17 -14.09 23.96 25.24
N GLU J 18 -14.32 25.00 24.45
CA GLU J 18 -15.48 25.11 23.60
C GLU J 18 -15.08 24.94 22.13
N SER J 19 -16.05 25.14 21.24
CA SER J 19 -15.82 25.10 19.81
C SER J 19 -16.63 26.20 19.15
N LEU J 20 -16.12 26.69 18.03
CA LEU J 20 -16.80 27.75 17.28
C LEU J 20 -16.70 27.43 15.79
N ARG J 21 -17.80 27.66 15.07
CA ARG J 21 -17.78 27.46 13.61
C ARG J 21 -17.97 28.79 12.91
N LEU J 22 -16.87 29.47 12.66
CA LEU J 22 -16.94 30.74 11.95
C LEU J 22 -17.14 30.48 10.46
N SER J 23 -17.33 31.55 9.71
CA SER J 23 -17.55 31.41 8.27
C SER J 23 -17.22 32.71 7.57
N CYS J 24 -17.08 32.60 6.25
CA CYS J 24 -16.90 33.77 5.39
C CYS J 24 -17.53 33.47 4.04
N ALA J 25 -17.90 34.55 3.35
CA ALA J 25 -18.53 34.46 2.04
C ALA J 25 -17.92 35.51 1.12
N ALA J 26 -18.03 35.25 -0.18
CA ALA J 26 -17.48 36.12 -1.20
C ALA J 26 -18.55 36.46 -2.23
N SER J 27 -18.37 37.61 -2.89
CA SER J 27 -19.30 38.09 -3.90
C SER J 27 -18.98 37.55 -5.29
N THR J 28 -18.25 36.44 -5.38
CA THR J 28 -17.89 35.87 -6.66
C THR J 28 -17.70 34.37 -6.50
N SER J 29 -17.80 33.65 -7.62
CA SER J 29 -17.67 32.20 -7.59
C SER J 29 -16.30 31.81 -7.05
N ILE J 30 -16.29 30.82 -6.16
CA ILE J 30 -15.05 30.30 -5.59
C ILE J 30 -14.74 28.92 -6.15
N PHE J 31 -15.24 28.62 -7.34
CA PHE J 31 -15.06 27.28 -7.91
C PHE J 31 -13.60 26.96 -8.19
N ASP J 32 -12.73 27.94 -8.26
CA ASP J 32 -11.33 27.66 -8.60
C ASP J 32 -10.31 28.15 -7.55
N ARG J 33 -10.56 29.32 -6.97
CA ARG J 33 -9.66 29.85 -5.94
C ARG J 33 -9.75 29.06 -4.65
N LEU J 34 -8.65 29.01 -3.93
CA LEU J 34 -8.61 28.31 -2.67
C LEU J 34 -8.72 29.28 -1.51
N MET J 35 -9.21 28.79 -0.38
CA MET J 35 -9.39 29.64 0.80
C MET J 35 -8.58 29.18 1.98
N GLY J 36 -8.20 30.10 2.85
CA GLY J 36 -7.40 29.79 4.03
C GLY J 36 -7.70 30.77 5.14
N TRP J 37 -6.97 30.61 6.24
CA TRP J 37 -7.16 31.47 7.41
C TRP J 37 -5.79 31.85 7.98
N TYR J 38 -5.69 33.08 8.46
CA TYR J 38 -4.49 33.57 9.11
C TYR J 38 -4.84 34.11 10.49
N ARG J 39 -4.06 33.82 11.46
CA ARG J 39 -4.28 34.34 12.78
C ARG J 39 -3.05 35.13 13.14
N GLN J 40 -3.19 36.09 13.97
CA GLN J 40 -2.10 36.98 14.40
C GLN J 40 -2.24 37.15 15.91
N ALA J 41 -1.26 36.62 16.65
CA ALA J 41 -1.23 36.78 18.09
C ALA J 41 -0.66 38.15 18.46
N PRO J 42 -0.99 38.67 19.64
CA PRO J 42 -0.49 40.00 20.02
C PRO J 42 1.03 40.08 20.03
N GLY J 43 1.61 40.82 19.11
CA GLY J 43 3.06 40.97 19.06
C GLY J 43 3.76 40.29 17.91
N LYS J 44 3.15 39.26 17.34
CA LYS J 44 3.77 38.51 16.26
C LYS J 44 3.05 38.81 14.95
N GLN J 45 3.44 38.15 13.88
CA GLN J 45 2.84 38.47 12.59
C GLN J 45 1.61 37.64 12.26
N ARG J 46 1.26 37.57 10.98
CA ARG J 46 0.15 36.76 10.53
C ARG J 46 0.67 35.36 10.21
N GLU J 47 0.11 34.38 10.90
CA GLU J 47 0.55 33.01 10.68
C GLU J 47 -0.56 32.19 10.05
N LEU J 48 -0.17 31.27 9.17
CA LEU J 48 -1.14 30.40 8.53
C LEU J 48 -1.76 29.44 9.51
N ALA J 49 -3.05 29.18 9.31
CA ALA J 49 -3.74 28.20 10.14
C ALA J 49 -4.20 26.99 9.35
N ALA J 50 -4.92 27.20 8.26
CA ALA J 50 -5.40 26.10 7.43
C ALA J 50 -6.01 26.69 6.17
N PHE J 51 -6.04 25.87 5.12
CA PHE J 51 -6.63 26.27 3.86
C PHE J 51 -7.12 25.04 3.10
N ILE J 52 -7.95 25.20 2.16
CA ILE J 52 -8.45 24.08 1.38
C ILE J 52 -8.38 24.42 -0.09
N THR J 53 -7.92 23.47 -0.89
CA THR J 53 -7.78 23.69 -2.33
C THR J 53 -9.11 23.56 -3.04
N PRO J 54 -9.17 24.04 -4.30
CA PRO J 54 -10.40 23.87 -5.08
C PRO J 54 -10.79 22.42 -5.28
N SER J 55 -9.79 21.55 -5.45
CA SER J 55 -10.06 20.12 -5.63
C SER J 55 -10.70 19.53 -4.38
N GLY J 56 -10.25 19.95 -3.21
CA GLY J 56 -10.78 19.44 -1.95
C GLY J 56 -9.70 19.12 -0.95
N ARG J 57 -8.45 19.05 -1.41
CA ARG J 57 -7.35 18.77 -0.51
C ARG J 57 -7.23 19.87 0.55
N THR J 58 -6.91 19.46 1.77
CA THR J 58 -6.88 20.36 2.91
C THR J 58 -5.48 20.39 3.52
N THR J 59 -5.12 21.52 4.07
CA THR J 59 -3.85 21.67 4.73
C THR J 59 -4.12 22.37 6.06
N TYR J 60 -3.47 21.98 7.10
CA TYR J 60 -3.68 22.51 8.45
C TYR J 60 -2.35 22.89 9.07
N ALA J 61 -2.37 23.94 9.88
CA ALA J 61 -1.19 24.32 10.64
C ALA J 61 -0.84 23.23 11.66
N ASP J 62 0.46 23.09 11.93
CA ASP J 62 0.91 22.01 12.80
C ASP J 62 0.32 22.14 14.20
N SER J 63 0.28 23.36 14.76
CA SER J 63 -0.16 23.52 16.13
C SER J 63 -1.61 23.09 16.31
N VAL J 64 -2.48 23.46 15.37
CA VAL J 64 -3.91 23.19 15.48
C VAL J 64 -4.23 21.85 14.83
N LYS J 65 -3.18 21.07 14.51
CA LYS J 65 -3.39 19.79 13.85
C LYS J 65 -4.35 18.91 14.65
N GLY J 66 -5.32 18.32 13.95
CA GLY J 66 -6.28 17.45 14.59
C GLY J 66 -7.32 18.16 15.41
N ARG J 67 -7.37 19.49 15.37
CA ARG J 67 -8.33 20.26 16.15
C ARG J 67 -9.30 21.05 15.28
N PHE J 68 -8.79 21.83 14.33
CA PHE J 68 -9.63 22.63 13.46
C PHE J 68 -10.15 21.80 12.30
N THR J 69 -10.98 22.40 11.46
CA THR J 69 -11.47 21.74 10.26
C THR J 69 -12.13 22.75 9.33
N ILE J 70 -11.72 22.72 8.07
CA ILE J 70 -12.25 23.66 7.09
C ILE J 70 -13.21 22.98 6.11
N SER J 71 -14.11 23.76 5.54
CA SER J 71 -15.09 23.24 4.59
C SER J 71 -15.45 24.34 3.61
N ARG J 72 -15.93 23.92 2.44
CA ARG J 72 -16.21 24.85 1.35
C ARG J 72 -17.55 24.48 0.70
N ASP J 73 -18.19 25.48 0.09
CA ASP J 73 -19.44 25.22 -0.63
C ASP J 73 -19.55 26.12 -1.85
N ASN J 74 -19.38 25.55 -3.05
CA ASN J 74 -19.49 26.35 -4.26
C ASN J 74 -20.89 26.93 -4.38
N SER J 75 -21.89 26.28 -3.99
CA SER J 75 -23.28 26.60 -4.26
C SER J 75 -23.62 27.99 -3.74
N VAL J 76 -23.13 28.33 -2.55
CA VAL J 76 -23.35 29.66 -1.97
C VAL J 76 -22.07 30.49 -1.98
N ASN J 77 -20.95 29.93 -2.43
CA ASN J 77 -19.69 30.66 -2.49
C ASN J 77 -19.22 31.05 -1.09
N THR J 78 -19.20 30.07 -0.18
CA THR J 78 -18.87 30.35 1.20
C THR J 78 -18.00 29.25 1.79
N VAL J 79 -17.09 29.64 2.68
CA VAL J 79 -16.19 28.70 3.34
C VAL J 79 -16.40 28.84 4.84
N TYR J 80 -16.09 27.60 5.48
CA TYR J 80 -16.27 27.51 6.90
C TYR J 80 -15.09 26.91 7.64
N LEU J 81 -14.89 27.40 8.86
CA LEU J 81 -13.83 26.87 9.71
C LEU J 81 -14.35 26.60 11.12
N GLN J 82 -14.24 25.37 11.57
CA GLN J 82 -14.70 24.97 12.89
C GLN J 82 -13.48 24.63 13.74
N MET J 83 -13.36 25.30 14.88
CA MET J 83 -12.29 25.04 15.81
C MET J 83 -12.87 24.39 17.04
N ASP J 84 -12.27 23.27 17.45
CA ASP J 84 -12.76 22.57 18.61
C ASP J 84 -11.75 22.62 19.74
N SER J 85 -12.21 22.38 20.96
CA SER J 85 -11.32 22.40 22.11
C SER J 85 -10.48 23.65 22.11
N LEU J 86 -11.15 24.80 22.03
CA LEU J 86 -10.45 26.07 22.07
C LEU J 86 -9.68 26.24 23.35
N LYS J 87 -8.51 26.84 23.25
CA LYS J 87 -7.66 27.07 24.42
C LYS J 87 -7.19 28.52 24.43
N PRO J 88 -6.83 29.04 25.60
CA PRO J 88 -6.55 30.48 25.68
C PRO J 88 -5.43 30.95 24.77
N GLU J 89 -4.37 30.16 24.62
CA GLU J 89 -3.26 30.59 23.77
C GLU J 89 -3.69 30.74 22.32
N ASP J 90 -4.60 30.01 21.83
CA ASP J 90 -5.05 30.12 20.45
C ASP J 90 -5.75 31.46 20.22
N THR J 91 -6.19 32.12 21.34
CA THR J 91 -6.81 33.42 21.18
C THR J 91 -5.91 34.33 20.37
N ALA J 92 -6.48 34.98 19.35
CA ALA J 92 -5.73 35.90 18.50
C ALA J 92 -6.71 36.47 17.48
N ILE J 93 -6.21 37.44 16.71
CA ILE J 93 -6.99 38.04 15.64
C ILE J 93 -6.90 37.14 14.41
N TYR J 94 -8.06 36.75 13.87
CA TYR J 94 -8.13 35.83 12.76
C TYR J 94 -8.49 36.59 11.49
N PHE J 95 -7.74 36.34 10.41
CA PHE J 95 -7.93 37.01 9.14
C PHE J 95 -8.39 36.01 8.08
N CYS J 96 -9.19 36.51 7.14
CA CYS J 96 -9.66 35.71 6.03
C CYS J 96 -8.67 35.72 4.88
N TYR J 97 -8.80 34.70 4.03
CA TYR J 97 -7.85 34.57 2.93
C TYR J 97 -8.45 34.25 1.58
N TYR J 98 -8.00 34.95 0.56
CA TYR J 98 -8.44 34.72 -0.81
C TYR J 98 -7.20 34.61 -1.68
N ARG J 99 -6.94 33.42 -2.21
CA ARG J 99 -5.70 33.21 -2.96
C ARG J 99 -5.70 34.02 -4.25
N LEU J 100 -4.51 34.42 -4.67
CA LEU J 100 -4.30 35.12 -5.93
C LEU J 100 -2.90 34.74 -6.40
N ASN J 101 -2.32 35.55 -7.30
CA ASN J 101 -0.94 35.31 -7.75
C ASN J 101 -0.11 35.03 -6.52
N PRO J 102 0.96 34.25 -6.68
CA PRO J 102 1.69 33.83 -5.47
C PRO J 102 2.21 35.00 -4.66
N ASP J 103 2.60 36.09 -5.31
CA ASP J 103 3.05 37.27 -4.57
C ASP J 103 1.91 37.88 -3.76
N GLN J 104 0.72 37.97 -4.35
CA GLN J 104 -0.39 38.72 -3.77
C GLN J 104 -1.47 37.79 -3.25
N ASN J 105 -2.39 38.34 -2.45
CA ASN J 105 -3.50 37.57 -1.88
C ASN J 105 -4.45 38.55 -1.20
N TYR J 106 -5.75 38.28 -1.33
CA TYR J 106 -6.74 39.14 -0.71
C TYR J 106 -6.83 38.87 0.78
N TRP J 107 -7.15 39.92 1.53
CA TRP J 107 -7.31 39.77 2.97
C TRP J 107 -8.64 40.34 3.41
N GLY J 108 -9.21 39.76 4.46
CA GLY J 108 -10.43 40.25 5.05
C GLY J 108 -10.17 41.22 6.18
N GLN J 109 -11.25 41.70 6.81
CA GLN J 109 -11.10 42.64 7.90
C GLN J 109 -10.60 41.96 9.15
N GLY J 110 -10.78 40.64 9.24
CA GLY J 110 -10.37 39.93 10.44
C GLY J 110 -11.35 40.12 11.58
N THR J 111 -11.47 39.09 12.43
CA THR J 111 -12.38 39.14 13.57
C THR J 111 -11.67 38.62 14.81
N GLN J 112 -11.79 39.34 15.93
CA GLN J 112 -11.11 38.95 17.15
C GLN J 112 -11.83 37.79 17.81
N VAL J 113 -11.13 36.80 18.26
CA VAL J 113 -11.73 35.69 18.98
C VAL J 113 -10.88 35.52 20.23
N THR J 114 -11.37 35.88 21.36
CA THR J 114 -10.69 35.85 22.65
C THR J 114 -11.21 34.65 23.43
N VAL J 115 -10.38 33.64 23.60
CA VAL J 115 -10.76 32.45 24.38
C VAL J 115 -10.14 32.55 25.76
N SER J 116 -10.95 32.83 26.76
CA SER J 116 -10.51 32.95 28.14
C SER J 116 -10.39 31.56 28.76
N SER J 117 -10.22 31.51 30.08
CA SER J 117 -10.10 30.24 30.80
C SER J 117 -11.27 29.32 30.51
#